data_5M0A
#
_entry.id   5M0A
#
_entity_poly.entity_id   1
_entity_poly.type   'polypeptide(L)'
_entity_poly.pdbx_seq_one_letter_code
;NASTGQEALSQTTISWAPFQDTSEYIISCHPVGTDEEPLQFRVPGTSTSATLTGLTRGATYNIIVEALKDQQRHKVREEV
VTVGNS
;
_entity_poly.pdbx_strand_id   A
#
# COMPACT_ATOMS: atom_id res chain seq x y z
N ASN A 1 15.90 14.55 2.71
CA ASN A 1 14.55 15.02 2.36
C ASN A 1 13.80 13.90 1.64
N ALA A 2 12.49 14.01 1.66
CA ALA A 2 11.57 12.93 1.27
C ALA A 2 10.19 13.28 1.82
N SER A 3 10.15 13.51 3.12
CA SER A 3 9.01 14.14 3.77
C SER A 3 8.77 15.52 3.11
N THR A 4 7.56 15.84 2.58
CA THR A 4 7.35 17.17 1.96
C THR A 4 5.98 17.72 2.36
N GLY A 5 5.63 17.50 3.64
CA GLY A 5 4.31 17.89 4.11
C GLY A 5 3.79 16.88 5.11
N GLN A 6 4.19 15.63 4.91
CA GLN A 6 3.83 14.56 5.84
C GLN A 6 5.01 14.24 6.70
N GLU A 7 5.00 14.72 7.91
CA GLU A 7 5.95 14.25 8.91
C GLU A 7 5.38 13.33 9.97
N ALA A 8 4.17 12.88 9.77
CA ALA A 8 3.56 11.95 10.69
C ALA A 8 3.56 10.59 10.06
N LEU A 9 4.67 10.33 9.42
CA LEU A 9 4.85 9.24 8.51
C LEU A 9 4.94 7.92 9.23
N SER A 10 3.93 7.09 9.03
CA SER A 10 3.97 5.74 9.54
C SER A 10 4.29 4.78 8.41
N GLN A 11 4.89 3.66 8.74
CA GLN A 11 5.26 2.68 7.74
C GLN A 11 4.53 1.37 7.99
N THR A 12 3.95 0.83 6.93
CA THR A 12 3.29 -0.44 6.98
C THR A 12 3.95 -1.41 6.04
N THR A 13 4.71 -2.30 6.63
CA THR A 13 5.33 -3.37 5.89
C THR A 13 4.30 -4.47 5.63
N ILE A 14 3.64 -4.35 4.50
CA ILE A 14 2.62 -5.31 4.13
C ILE A 14 3.20 -6.31 3.16
N SER A 15 2.93 -7.55 3.44
CA SER A 15 3.46 -8.64 2.66
C SER A 15 2.33 -9.50 2.11
N TRP A 16 2.60 -10.13 0.99
CA TRP A 16 1.61 -10.94 0.29
C TRP A 16 2.27 -12.12 -0.33
N ALA A 17 1.45 -13.03 -0.78
CA ALA A 17 1.93 -14.25 -1.32
C ALA A 17 2.16 -14.11 -2.79
N PRO A 18 3.28 -14.65 -3.23
CA PRO A 18 3.73 -14.58 -4.60
C PRO A 18 2.65 -14.99 -5.58
N PHE A 19 2.33 -14.08 -6.47
CA PHE A 19 1.32 -14.34 -7.46
C PHE A 19 1.94 -14.90 -8.74
N GLN A 20 3.19 -14.52 -8.98
CA GLN A 20 4.04 -15.09 -10.06
C GLN A 20 4.09 -14.22 -11.27
N ASP A 21 5.32 -13.87 -11.52
CA ASP A 21 5.77 -13.10 -12.65
C ASP A 21 4.95 -11.86 -12.91
N THR A 22 4.55 -11.18 -11.87
CA THR A 22 3.80 -9.95 -12.00
C THR A 22 4.70 -8.86 -12.56
N SER A 23 4.15 -8.03 -13.43
CA SER A 23 4.89 -6.91 -13.98
C SER A 23 4.94 -5.77 -12.96
N GLU A 24 3.87 -5.64 -12.17
CA GLU A 24 3.78 -4.60 -11.14
C GLU A 24 2.76 -4.97 -10.07
N TYR A 25 3.10 -4.82 -8.81
CA TYR A 25 2.09 -4.94 -7.76
C TYR A 25 1.73 -3.54 -7.29
N ILE A 26 0.61 -3.02 -7.79
CA ILE A 26 0.15 -1.73 -7.35
C ILE A 26 -0.68 -1.91 -6.10
N ILE A 27 -0.22 -1.32 -5.03
CA ILE A 27 -0.92 -1.38 -3.76
C ILE A 27 -1.76 -0.12 -3.63
N SER A 28 -3.01 -0.30 -3.30
CA SER A 28 -3.92 0.80 -3.22
C SER A 28 -4.36 1.03 -1.78
N CYS A 29 -3.78 2.02 -1.16
CA CYS A 29 -4.19 2.42 0.17
C CYS A 29 -5.31 3.46 0.09
N HIS A 30 -6.54 3.00 0.25
CA HIS A 30 -7.70 3.90 0.22
C HIS A 30 -8.04 4.39 1.61
N PRO A 31 -7.84 5.69 1.85
CA PRO A 31 -8.15 6.32 3.12
C PRO A 31 -9.63 6.42 3.37
N VAL A 32 -9.98 5.99 4.55
CA VAL A 32 -11.33 6.00 5.04
C VAL A 32 -11.46 7.07 6.11
N GLY A 33 -12.51 7.86 6.06
CA GLY A 33 -12.72 8.89 7.06
C GLY A 33 -12.27 10.26 6.60
N THR A 34 -11.13 10.28 5.93
CA THR A 34 -10.59 11.51 5.37
C THR A 34 -10.99 11.68 3.92
N ASP A 35 -10.57 12.80 3.36
CA ASP A 35 -10.71 13.03 1.94
C ASP A 35 -9.40 12.75 1.21
N GLU A 36 -8.51 12.02 1.87
CA GLU A 36 -7.23 11.67 1.27
C GLU A 36 -7.43 10.78 0.08
N GLU A 37 -6.58 10.95 -0.90
CA GLU A 37 -6.63 10.16 -2.07
C GLU A 37 -5.83 8.88 -1.85
N PRO A 38 -6.20 7.83 -2.57
CA PRO A 38 -5.57 6.53 -2.43
C PRO A 38 -4.10 6.57 -2.76
N LEU A 39 -3.29 6.26 -1.78
CA LEU A 39 -1.88 6.12 -1.99
C LEU A 39 -1.62 4.85 -2.75
N GLN A 40 -1.09 5.01 -3.92
CA GLN A 40 -0.80 3.88 -4.76
C GLN A 40 0.68 3.65 -4.86
N PHE A 41 1.06 2.50 -4.40
CA PHE A 41 2.47 2.11 -4.36
C PHE A 41 2.73 1.03 -5.40
N ARG A 42 3.68 1.30 -6.25
CA ARG A 42 4.08 0.35 -7.28
C ARG A 42 5.39 -0.29 -6.90
N VAL A 43 5.34 -1.55 -6.53
CA VAL A 43 6.53 -2.30 -6.20
C VAL A 43 6.80 -3.31 -7.30
N PRO A 44 8.06 -3.70 -7.41
CA PRO A 44 8.54 -4.62 -8.43
C PRO A 44 7.70 -5.90 -8.48
N GLY A 45 7.45 -6.40 -9.69
CA GLY A 45 6.52 -7.49 -9.89
C GLY A 45 6.98 -8.82 -9.33
N THR A 46 8.20 -8.91 -8.86
CA THR A 46 8.66 -10.13 -8.23
C THR A 46 8.65 -10.00 -6.69
N SER A 47 8.62 -8.76 -6.19
CA SER A 47 8.54 -8.49 -4.76
C SER A 47 7.25 -9.03 -4.16
N THR A 48 7.33 -9.51 -2.93
CA THR A 48 6.16 -10.04 -2.26
C THR A 48 5.92 -9.35 -0.92
N SER A 49 6.63 -8.24 -0.69
CA SER A 49 6.49 -7.50 0.55
C SER A 49 6.97 -6.07 0.36
N ALA A 50 6.30 -5.12 0.99
CA ALA A 50 6.65 -3.71 0.85
C ALA A 50 6.37 -2.92 2.10
N THR A 51 7.40 -2.21 2.50
CA THR A 51 7.27 -1.22 3.52
C THR A 51 6.66 0.04 2.96
N LEU A 52 5.47 0.31 3.42
CA LEU A 52 4.71 1.45 2.94
C LEU A 52 4.84 2.66 3.86
N THR A 53 5.64 3.61 3.43
CA THR A 53 5.83 4.86 4.14
C THR A 53 4.82 5.90 3.69
N GLY A 54 4.39 6.73 4.63
CA GLY A 54 3.57 7.88 4.31
C GLY A 54 2.11 7.70 4.65
N LEU A 55 1.78 6.61 5.30
CA LEU A 55 0.43 6.42 5.78
C LEU A 55 0.23 7.24 7.04
N THR A 56 -0.71 8.17 6.98
CA THR A 56 -0.96 9.08 8.07
C THR A 56 -1.67 8.39 9.20
N ARG A 57 -0.92 8.19 10.25
CA ARG A 57 -1.42 7.60 11.47
C ARG A 57 -2.62 8.32 12.01
N GLY A 58 -3.61 7.52 12.34
CA GLY A 58 -4.88 8.01 12.79
C GLY A 58 -5.93 7.90 11.71
N ALA A 59 -5.46 7.63 10.50
CA ALA A 59 -6.35 7.46 9.35
C ALA A 59 -6.41 6.00 8.97
N THR A 60 -7.61 5.62 8.64
CA THR A 60 -7.90 4.29 8.19
C THR A 60 -7.55 4.14 6.72
N TYR A 61 -6.77 3.13 6.39
CA TYR A 61 -6.42 2.86 5.01
C TYR A 61 -6.83 1.45 4.62
N ASN A 62 -7.73 1.36 3.64
CA ASN A 62 -8.07 0.07 3.06
C ASN A 62 -7.02 -0.27 2.04
N ILE A 63 -6.14 -1.16 2.43
CA ILE A 63 -4.96 -1.48 1.66
C ILE A 63 -5.22 -2.67 0.75
N ILE A 64 -5.15 -2.42 -0.53
CA ILE A 64 -5.40 -3.45 -1.53
C ILE A 64 -4.14 -3.67 -2.35
N VAL A 65 -3.93 -4.88 -2.82
CA VAL A 65 -2.77 -5.19 -3.64
C VAL A 65 -3.23 -5.85 -4.91
N GLU A 66 -2.99 -5.21 -6.03
CA GLU A 66 -3.43 -5.73 -7.31
C GLU A 66 -2.23 -5.96 -8.23
N ALA A 67 -2.23 -7.11 -8.88
CA ALA A 67 -1.10 -7.52 -9.71
C ALA A 67 -1.30 -7.11 -11.14
N LEU A 68 -0.41 -6.25 -11.60
CA LEU A 68 -0.38 -5.84 -12.98
C LEU A 68 0.24 -6.97 -13.79
N LYS A 69 -0.60 -7.72 -14.46
CA LYS A 69 -0.17 -8.88 -15.21
C LYS A 69 -1.06 -9.01 -16.44
N ASP A 70 -0.45 -9.22 -17.60
CA ASP A 70 -1.20 -9.05 -18.88
C ASP A 70 -2.15 -7.85 -18.86
N GLN A 71 -1.57 -6.66 -18.85
CA GLN A 71 -2.28 -5.37 -18.83
C GLN A 71 -3.22 -5.16 -17.64
N GLN A 72 -3.68 -6.21 -16.98
CA GLN A 72 -4.71 -6.07 -15.95
C GLN A 72 -4.15 -6.16 -14.55
N ARG A 73 -4.98 -5.78 -13.60
CA ARG A 73 -4.59 -5.76 -12.20
C ARG A 73 -5.48 -6.72 -11.40
N HIS A 74 -4.89 -7.82 -10.97
CA HIS A 74 -5.63 -8.88 -10.29
C HIS A 74 -5.59 -8.68 -8.76
N LYS A 75 -6.74 -8.84 -8.08
CA LYS A 75 -6.76 -8.81 -6.58
C LYS A 75 -5.83 -9.87 -6.03
N VAL A 76 -4.86 -9.45 -5.26
CA VAL A 76 -3.96 -10.35 -4.56
C VAL A 76 -4.24 -10.31 -3.07
N ARG A 77 -4.37 -9.10 -2.58
CA ARG A 77 -4.52 -8.84 -1.17
C ARG A 77 -5.41 -7.65 -0.93
N GLU A 78 -6.17 -7.71 0.14
CA GLU A 78 -7.00 -6.59 0.55
C GLU A 78 -7.24 -6.62 2.05
N GLU A 79 -7.00 -5.51 2.71
CA GLU A 79 -7.17 -5.45 4.14
C GLU A 79 -7.29 -4.03 4.64
N VAL A 80 -8.23 -3.82 5.54
CA VAL A 80 -8.42 -2.51 6.09
C VAL A 80 -7.59 -2.33 7.34
N VAL A 81 -6.77 -1.30 7.35
CA VAL A 81 -5.90 -1.04 8.48
C VAL A 81 -5.87 0.43 8.83
N THR A 82 -6.34 0.69 10.01
CA THR A 82 -6.15 1.94 10.67
C THR A 82 -4.74 2.01 11.20
N VAL A 83 -4.10 3.13 10.99
CA VAL A 83 -2.70 3.29 11.32
C VAL A 83 -2.51 4.04 12.62
N GLY A 84 -1.54 3.63 13.41
CA GLY A 84 -1.22 4.33 14.65
C GLY A 84 -1.16 3.42 15.86
N ASN A 85 -2.31 3.04 16.43
CA ASN A 85 -2.29 2.26 17.68
C ASN A 85 -3.71 1.90 18.06
N SER A 86 -4.53 1.63 17.07
CA SER A 86 -5.96 1.59 17.31
C SER A 86 -6.68 0.72 16.28
N ASN A 1 11.81 8.61 9.18
CA ASN A 1 11.31 9.91 8.68
C ASN A 1 12.39 10.97 8.74
N ALA A 2 13.10 11.17 7.63
CA ALA A 2 14.09 12.25 7.55
C ALA A 2 13.81 13.12 6.31
N SER A 3 12.52 13.34 6.05
CA SER A 3 12.09 14.01 4.84
C SER A 3 11.95 15.53 5.10
N THR A 4 11.93 16.38 4.06
CA THR A 4 11.72 17.83 4.32
C THR A 4 10.36 18.25 3.76
N GLY A 5 9.42 17.31 3.78
CA GLY A 5 8.08 17.57 3.30
C GLY A 5 7.09 16.60 3.90
N GLN A 6 7.49 15.35 3.97
CA GLN A 6 6.67 14.32 4.61
C GLN A 6 7.21 14.04 6.01
N GLU A 7 6.45 14.44 7.00
CA GLU A 7 6.87 14.30 8.39
C GLU A 7 6.21 13.21 9.22
N ALA A 8 4.91 13.31 9.37
CA ALA A 8 4.15 12.54 10.36
C ALA A 8 3.86 11.14 9.86
N LEU A 9 4.87 10.59 9.27
CA LEU A 9 4.77 9.43 8.43
C LEU A 9 4.82 8.14 9.22
N SER A 10 4.00 7.19 8.78
CA SER A 10 4.05 5.85 9.28
C SER A 10 4.42 4.91 8.15
N GLN A 11 4.98 3.76 8.49
CA GLN A 11 5.41 2.81 7.48
C GLN A 11 4.71 1.47 7.68
N THR A 12 3.81 1.15 6.77
CA THR A 12 3.12 -0.12 6.81
C THR A 12 3.81 -1.13 5.94
N THR A 13 4.58 -1.97 6.56
CA THR A 13 5.16 -3.10 5.89
C THR A 13 4.09 -4.15 5.69
N ILE A 14 3.73 -4.35 4.45
CA ILE A 14 2.66 -5.28 4.10
C ILE A 14 3.19 -6.33 3.15
N SER A 15 2.87 -7.56 3.47
CA SER A 15 3.35 -8.67 2.69
C SER A 15 2.19 -9.44 2.08
N TRP A 16 2.46 -10.02 0.94
CA TRP A 16 1.47 -10.81 0.22
C TRP A 16 2.13 -12.03 -0.33
N ALA A 17 1.30 -12.97 -0.70
CA ALA A 17 1.78 -14.20 -1.18
C ALA A 17 2.03 -14.11 -2.66
N PRO A 18 3.16 -14.67 -3.06
CA PRO A 18 3.64 -14.65 -4.42
C PRO A 18 2.59 -15.10 -5.41
N PHE A 19 2.27 -14.23 -6.33
CA PHE A 19 1.29 -14.54 -7.33
C PHE A 19 1.94 -15.30 -8.48
N GLN A 20 2.60 -14.58 -9.39
CA GLN A 20 3.42 -15.24 -10.48
C GLN A 20 3.70 -14.29 -11.60
N ASP A 21 4.97 -14.16 -11.77
CA ASP A 21 5.62 -13.34 -12.76
C ASP A 21 4.92 -12.02 -13.01
N THR A 22 4.56 -11.34 -11.95
CA THR A 22 3.85 -10.10 -12.07
C THR A 22 4.79 -9.03 -12.62
N SER A 23 4.26 -8.20 -13.50
CA SER A 23 5.03 -7.11 -14.07
C SER A 23 5.21 -6.01 -13.03
N GLU A 24 4.18 -5.84 -12.21
CA GLU A 24 4.20 -4.83 -11.17
C GLU A 24 3.09 -5.07 -10.15
N TYR A 25 3.37 -4.81 -8.90
CA TYR A 25 2.33 -4.89 -7.87
C TYR A 25 2.01 -3.49 -7.41
N ILE A 26 0.76 -3.14 -7.52
CA ILE A 26 0.31 -1.83 -7.11
C ILE A 26 -0.56 -1.94 -5.89
N ILE A 27 -0.21 -1.17 -4.89
CA ILE A 27 -0.94 -1.21 -3.65
C ILE A 27 -1.73 0.06 -3.51
N SER A 28 -3.00 -0.10 -3.25
CA SER A 28 -3.90 1.02 -3.20
C SER A 28 -4.47 1.20 -1.81
N CYS A 29 -3.85 2.10 -1.06
CA CYS A 29 -4.31 2.45 0.26
C CYS A 29 -5.46 3.46 0.18
N HIS A 30 -6.68 2.97 0.31
CA HIS A 30 -7.87 3.83 0.29
C HIS A 30 -8.22 4.30 1.70
N PRO A 31 -8.06 5.58 1.96
CA PRO A 31 -8.31 6.16 3.28
C PRO A 31 -9.78 6.28 3.60
N VAL A 32 -10.07 5.87 4.80
CA VAL A 32 -11.39 5.93 5.37
C VAL A 32 -11.43 7.03 6.42
N GLY A 33 -12.49 7.80 6.43
CA GLY A 33 -12.63 8.87 7.43
C GLY A 33 -12.19 10.22 6.90
N THR A 34 -11.10 10.23 6.15
CA THR A 34 -10.58 11.46 5.57
C THR A 34 -10.99 11.62 4.13
N ASP A 35 -10.65 12.78 3.58
CA ASP A 35 -10.86 13.03 2.17
C ASP A 35 -9.59 12.73 1.38
N GLU A 36 -8.69 11.97 1.97
CA GLU A 36 -7.45 11.61 1.33
C GLU A 36 -7.68 10.70 0.15
N GLU A 37 -6.74 10.76 -0.76
CA GLU A 37 -6.78 9.99 -1.95
C GLU A 37 -6.04 8.67 -1.71
N PRO A 38 -6.37 7.65 -2.48
CA PRO A 38 -5.74 6.36 -2.37
C PRO A 38 -4.27 6.44 -2.72
N LEU A 39 -3.44 6.17 -1.73
CA LEU A 39 -2.02 6.12 -1.92
C LEU A 39 -1.67 4.88 -2.68
N GLN A 40 -1.14 5.06 -3.85
CA GLN A 40 -0.78 3.95 -4.69
C GLN A 40 0.72 3.77 -4.73
N PHE A 41 1.10 2.61 -4.27
CA PHE A 41 2.51 2.22 -4.20
C PHE A 41 2.81 1.17 -5.24
N ARG A 42 3.94 1.35 -5.91
CA ARG A 42 4.36 0.45 -6.97
C ARG A 42 5.66 -0.24 -6.59
N VAL A 43 5.64 -1.57 -6.60
CA VAL A 43 6.81 -2.35 -6.27
C VAL A 43 7.08 -3.37 -7.35
N PRO A 44 8.34 -3.80 -7.42
CA PRO A 44 8.85 -4.75 -8.41
C PRO A 44 7.96 -5.99 -8.53
N GLY A 45 7.82 -6.50 -9.75
CA GLY A 45 6.86 -7.53 -10.05
C GLY A 45 7.15 -8.89 -9.42
N THR A 46 8.33 -9.06 -8.86
CA THR A 46 8.66 -10.30 -8.20
C THR A 46 8.56 -10.15 -6.66
N SER A 47 8.61 -8.90 -6.18
CA SER A 47 8.51 -8.60 -4.76
C SER A 47 7.20 -9.07 -4.15
N THR A 48 7.26 -9.52 -2.90
CA THR A 48 6.06 -10.01 -2.24
C THR A 48 5.80 -9.29 -0.92
N SER A 49 6.52 -8.19 -0.70
CA SER A 49 6.37 -7.39 0.52
C SER A 49 6.83 -5.97 0.26
N ALA A 50 6.22 -5.01 0.95
CA ALA A 50 6.59 -3.61 0.79
C ALA A 50 6.32 -2.83 2.04
N THR A 51 7.30 -2.06 2.41
CA THR A 51 7.19 -1.10 3.45
C THR A 51 6.61 0.19 2.91
N LEU A 52 5.41 0.46 3.33
CA LEU A 52 4.67 1.60 2.84
C LEU A 52 4.90 2.84 3.69
N THR A 53 5.86 3.65 3.26
CA THR A 53 6.14 4.92 3.89
C THR A 53 5.22 6.01 3.37
N GLY A 54 4.52 6.68 4.28
CA GLY A 54 3.74 7.84 3.88
C GLY A 54 2.33 7.85 4.43
N LEU A 55 1.83 6.69 4.87
CA LEU A 55 0.49 6.60 5.44
C LEU A 55 0.36 7.49 6.67
N THR A 56 -0.74 8.23 6.73
CA THR A 56 -1.00 9.13 7.83
C THR A 56 -1.54 8.38 9.03
N ARG A 57 -0.69 8.34 10.03
CA ARG A 57 -1.01 7.74 11.30
C ARG A 57 -2.30 8.27 11.89
N GLY A 58 -3.11 7.33 12.33
CA GLY A 58 -4.38 7.63 12.90
C GLY A 58 -5.52 7.51 11.91
N ALA A 59 -5.15 7.38 10.65
CA ALA A 59 -6.13 7.22 9.58
C ALA A 59 -6.25 5.77 9.18
N THR A 60 -7.44 5.46 8.74
CA THR A 60 -7.78 4.14 8.30
C THR A 60 -7.56 4.00 6.81
N TYR A 61 -6.85 2.96 6.42
CA TYR A 61 -6.58 2.72 5.01
C TYR A 61 -7.02 1.32 4.61
N ASN A 62 -7.94 1.25 3.66
CA ASN A 62 -8.31 -0.02 3.06
C ASN A 62 -7.29 -0.35 2.00
N ILE A 63 -6.37 -1.21 2.37
CA ILE A 63 -5.21 -1.51 1.57
C ILE A 63 -5.49 -2.67 0.63
N ILE A 64 -5.44 -2.38 -0.66
CA ILE A 64 -5.70 -3.37 -1.69
C ILE A 64 -4.49 -3.50 -2.61
N VAL A 65 -4.01 -4.72 -2.80
CA VAL A 65 -2.85 -4.96 -3.62
C VAL A 65 -3.27 -5.61 -4.93
N GLU A 66 -2.86 -5.03 -6.04
CA GLU A 66 -3.21 -5.58 -7.35
C GLU A 66 -1.96 -6.00 -8.10
N ALA A 67 -2.10 -7.08 -8.85
CA ALA A 67 -1.03 -7.60 -9.67
C ALA A 67 -1.19 -7.15 -11.10
N LEU A 68 -0.25 -6.32 -11.54
CA LEU A 68 -0.22 -5.89 -12.91
C LEU A 68 0.41 -6.99 -13.75
N LYS A 69 -0.43 -7.75 -14.43
CA LYS A 69 0.00 -8.88 -15.21
C LYS A 69 -0.77 -8.88 -16.52
N ASP A 70 -0.05 -8.94 -17.65
CA ASP A 70 -0.70 -8.75 -18.98
C ASP A 70 -1.76 -7.64 -18.98
N GLN A 71 -1.29 -6.41 -18.91
CA GLN A 71 -2.13 -5.20 -18.86
C GLN A 71 -3.12 -5.12 -17.68
N GLN A 72 -3.45 -6.24 -17.04
CA GLN A 72 -4.51 -6.25 -16.05
C GLN A 72 -3.99 -6.11 -14.63
N ARG A 73 -4.92 -5.83 -13.73
CA ARG A 73 -4.63 -5.63 -12.34
C ARG A 73 -5.61 -6.44 -11.49
N HIS A 74 -5.17 -7.61 -11.07
CA HIS A 74 -6.00 -8.51 -10.26
C HIS A 74 -5.64 -8.33 -8.78
N LYS A 75 -6.61 -8.37 -7.85
CA LYS A 75 -6.24 -8.06 -6.45
C LYS A 75 -5.70 -9.31 -5.79
N VAL A 76 -4.59 -9.12 -5.10
CA VAL A 76 -3.85 -10.20 -4.50
C VAL A 76 -4.14 -10.26 -3.02
N ARG A 77 -4.56 -9.13 -2.48
CA ARG A 77 -4.77 -9.00 -1.06
C ARG A 77 -5.51 -7.71 -0.77
N GLU A 78 -6.43 -7.78 0.17
CA GLU A 78 -7.21 -6.62 0.58
C GLU A 78 -7.43 -6.66 2.09
N GLU A 79 -7.17 -5.56 2.75
CA GLU A 79 -7.36 -5.48 4.19
C GLU A 79 -7.44 -4.06 4.67
N VAL A 80 -8.38 -3.82 5.57
CA VAL A 80 -8.53 -2.51 6.13
C VAL A 80 -7.66 -2.37 7.37
N VAL A 81 -6.79 -1.40 7.35
CA VAL A 81 -5.88 -1.18 8.46
C VAL A 81 -5.94 0.25 8.94
N THR A 82 -5.96 0.36 10.23
CA THR A 82 -5.82 1.62 10.88
C THR A 82 -4.37 1.79 11.30
N VAL A 83 -3.80 2.88 10.87
CA VAL A 83 -2.41 3.17 11.11
C VAL A 83 -2.24 3.83 12.48
N GLY A 84 -1.23 3.40 13.21
CA GLY A 84 -1.04 3.89 14.56
C GLY A 84 0.25 4.66 14.71
N ASN A 85 0.58 5.14 15.91
CA ASN A 85 1.81 5.92 16.11
C ASN A 85 2.29 5.86 17.54
N SER A 86 1.42 5.44 18.46
CA SER A 86 1.71 5.58 19.87
C SER A 86 0.65 4.86 20.70
N ASN A 1 15.81 15.32 4.30
CA ASN A 1 14.72 15.43 3.30
C ASN A 1 14.24 14.05 2.88
N ALA A 2 12.93 13.97 2.66
CA ALA A 2 12.20 12.71 2.42
C ALA A 2 10.74 13.03 2.66
N SER A 3 10.54 13.92 3.62
CA SER A 3 9.24 14.48 3.92
C SER A 3 9.02 15.74 3.04
N THR A 4 8.08 15.74 2.08
CA THR A 4 7.78 17.00 1.33
C THR A 4 6.26 17.15 1.19
N GLY A 5 5.54 17.01 2.31
CA GLY A 5 4.09 17.05 2.27
C GLY A 5 3.50 16.18 3.36
N GLN A 6 4.08 14.99 3.51
CA GLN A 6 3.64 14.07 4.56
C GLN A 6 4.64 14.09 5.68
N GLU A 7 4.33 14.85 6.69
CA GLU A 7 5.06 14.73 7.95
C GLU A 7 4.30 14.06 9.08
N ALA A 8 3.17 13.49 8.77
CA ALA A 8 2.44 12.72 9.75
C ALA A 8 2.47 11.27 9.34
N LEU A 9 3.60 10.97 8.76
CA LEU A 9 3.84 9.73 8.06
C LEU A 9 4.22 8.56 8.96
N SER A 10 3.69 7.41 8.60
CA SER A 10 4.01 6.15 9.21
C SER A 10 4.53 5.19 8.14
N GLN A 11 5.09 4.06 8.55
CA GLN A 11 5.55 3.06 7.59
C GLN A 11 4.84 1.73 7.85
N THR A 12 4.01 1.32 6.91
CA THR A 12 3.33 0.04 7.02
C THR A 12 3.96 -0.98 6.11
N THR A 13 4.79 -1.80 6.69
CA THR A 13 5.36 -2.92 5.99
C THR A 13 4.31 -4.02 5.88
N ILE A 14 3.98 -4.36 4.65
CA ILE A 14 2.92 -5.32 4.38
C ILE A 14 3.40 -6.37 3.40
N SER A 15 3.08 -7.61 3.72
CA SER A 15 3.49 -8.72 2.90
C SER A 15 2.28 -9.39 2.27
N TRP A 16 2.52 -10.00 1.13
CA TRP A 16 1.50 -10.75 0.42
C TRP A 16 2.10 -11.97 -0.16
N ALA A 17 1.24 -12.83 -0.63
CA ALA A 17 1.68 -14.07 -1.13
C ALA A 17 1.93 -13.99 -2.62
N PRO A 18 3.03 -14.59 -3.02
CA PRO A 18 3.50 -14.56 -4.39
C PRO A 18 2.42 -14.95 -5.37
N PHE A 19 2.22 -14.10 -6.35
CA PHE A 19 1.25 -14.35 -7.39
C PHE A 19 1.89 -15.14 -8.53
N GLN A 20 2.58 -14.44 -9.43
CA GLN A 20 3.27 -15.08 -10.61
C GLN A 20 3.61 -14.07 -11.66
N ASP A 21 4.90 -13.98 -11.80
CA ASP A 21 5.57 -13.15 -12.76
C ASP A 21 4.89 -11.82 -12.98
N THR A 22 4.56 -11.16 -11.90
CA THR A 22 3.86 -9.91 -11.97
C THR A 22 4.80 -8.82 -12.50
N SER A 23 4.27 -7.94 -13.33
CA SER A 23 5.05 -6.82 -13.84
C SER A 23 5.11 -5.71 -12.78
N GLU A 24 4.02 -5.57 -12.02
CA GLU A 24 3.93 -4.56 -10.97
C GLU A 24 2.88 -4.94 -9.93
N TYR A 25 3.22 -4.84 -8.65
CA TYR A 25 2.20 -4.94 -7.63
C TYR A 25 1.84 -3.55 -7.19
N ILE A 26 0.64 -3.13 -7.55
CA ILE A 26 0.18 -1.82 -7.18
C ILE A 26 -0.69 -1.92 -5.96
N ILE A 27 -0.21 -1.35 -4.90
CA ILE A 27 -0.92 -1.39 -3.64
C ILE A 27 -1.68 -0.09 -3.49
N SER A 28 -2.96 -0.23 -3.29
CA SER A 28 -3.84 0.90 -3.27
C SER A 28 -4.44 1.10 -1.90
N CYS A 29 -3.81 1.95 -1.13
CA CYS A 29 -4.29 2.32 0.18
C CYS A 29 -5.43 3.33 0.08
N HIS A 30 -6.66 2.87 0.26
CA HIS A 30 -7.82 3.75 0.22
C HIS A 30 -8.18 4.21 1.63
N PRO A 31 -7.92 5.49 1.91
CA PRO A 31 -8.16 6.08 3.22
C PRO A 31 -9.63 6.12 3.59
N VAL A 32 -9.87 5.67 4.79
CA VAL A 32 -11.19 5.63 5.38
C VAL A 32 -11.29 6.74 6.43
N GLY A 33 -12.41 7.44 6.43
CA GLY A 33 -12.63 8.50 7.42
C GLY A 33 -12.20 9.86 6.91
N THR A 34 -11.06 9.90 6.25
CA THR A 34 -10.55 11.12 5.66
C THR A 34 -11.00 11.28 4.22
N ASP A 35 -10.69 12.44 3.67
CA ASP A 35 -10.93 12.68 2.26
C ASP A 35 -9.66 12.44 1.46
N GLU A 36 -8.69 11.78 2.06
CA GLU A 36 -7.43 11.51 1.41
C GLU A 36 -7.60 10.60 0.23
N GLU A 37 -6.71 10.76 -0.72
CA GLU A 37 -6.76 10.00 -1.92
C GLU A 37 -6.02 8.69 -1.73
N PRO A 38 -6.42 7.67 -2.48
CA PRO A 38 -5.83 6.35 -2.41
C PRO A 38 -4.38 6.38 -2.85
N LEU A 39 -3.54 5.85 -1.99
CA LEU A 39 -2.12 5.91 -2.15
C LEU A 39 -1.66 4.66 -2.85
N GLN A 40 -0.98 4.85 -3.93
CA GLN A 40 -0.61 3.75 -4.77
C GLN A 40 0.87 3.55 -4.80
N PHE A 41 1.24 2.38 -4.37
CA PHE A 41 2.63 1.99 -4.30
C PHE A 41 2.94 0.96 -5.35
N ARG A 42 3.96 1.23 -6.13
CA ARG A 42 4.38 0.34 -7.20
C ARG A 42 5.69 -0.34 -6.85
N VAL A 43 5.63 -1.63 -6.58
CA VAL A 43 6.80 -2.42 -6.29
C VAL A 43 7.02 -3.43 -7.38
N PRO A 44 8.25 -3.89 -7.49
CA PRO A 44 8.67 -4.88 -8.48
C PRO A 44 7.77 -6.11 -8.45
N GLY A 45 7.45 -6.64 -9.62
CA GLY A 45 6.49 -7.70 -9.75
C GLY A 45 6.92 -9.02 -9.15
N THR A 46 8.16 -9.13 -8.73
CA THR A 46 8.62 -10.33 -8.10
C THR A 46 8.59 -10.20 -6.56
N SER A 47 8.58 -8.96 -6.08
CA SER A 47 8.53 -8.65 -4.65
C SER A 47 7.22 -9.13 -4.01
N THR A 48 7.29 -9.56 -2.76
CA THR A 48 6.11 -10.03 -2.08
C THR A 48 5.90 -9.31 -0.75
N SER A 49 6.61 -8.19 -0.55
CA SER A 49 6.46 -7.38 0.64
C SER A 49 6.94 -5.95 0.37
N ALA A 50 6.30 -5.00 1.02
CA ALA A 50 6.61 -3.58 0.81
C ALA A 50 6.35 -2.77 2.04
N THR A 51 7.28 -1.90 2.31
CA THR A 51 7.12 -0.89 3.31
C THR A 51 6.38 0.28 2.75
N LEU A 52 5.18 0.44 3.22
CA LEU A 52 4.33 1.50 2.76
C LEU A 52 4.52 2.73 3.61
N THR A 53 5.35 3.61 3.10
CA THR A 53 5.74 4.80 3.83
C THR A 53 4.97 6.00 3.32
N GLY A 54 4.52 6.80 4.26
CA GLY A 54 3.80 8.01 3.93
C GLY A 54 2.39 8.01 4.49
N LEU A 55 1.89 6.83 4.84
CA LEU A 55 0.55 6.68 5.40
C LEU A 55 0.39 7.50 6.67
N THR A 56 -0.73 8.21 6.76
CA THR A 56 -0.98 9.07 7.90
C THR A 56 -1.41 8.28 9.12
N ARG A 57 -0.55 8.35 10.10
CA ARG A 57 -0.79 7.77 11.40
C ARG A 57 -2.11 8.24 11.98
N GLY A 58 -2.89 7.26 12.36
CA GLY A 58 -4.15 7.51 12.99
C GLY A 58 -5.31 7.45 12.01
N ALA A 59 -4.96 7.33 10.74
CA ALA A 59 -5.95 7.20 9.68
C ALA A 59 -6.02 5.78 9.20
N THR A 60 -7.18 5.45 8.74
CA THR A 60 -7.50 4.13 8.30
C THR A 60 -7.32 4.03 6.79
N TYR A 61 -6.73 2.94 6.33
CA TYR A 61 -6.53 2.73 4.90
C TYR A 61 -6.95 1.32 4.51
N ASN A 62 -7.86 1.21 3.56
CA ASN A 62 -8.20 -0.08 2.97
C ASN A 62 -7.15 -0.41 1.93
N ILE A 63 -6.26 -1.28 2.31
CA ILE A 63 -5.11 -1.61 1.51
C ILE A 63 -5.45 -2.75 0.54
N ILE A 64 -5.43 -2.42 -0.72
CA ILE A 64 -5.73 -3.38 -1.77
C ILE A 64 -4.50 -3.57 -2.65
N VAL A 65 -4.12 -4.81 -2.88
CA VAL A 65 -2.95 -5.11 -3.66
C VAL A 65 -3.35 -5.74 -4.97
N GLU A 66 -3.06 -5.06 -6.06
CA GLU A 66 -3.42 -5.56 -7.37
C GLU A 66 -2.16 -5.84 -8.20
N ALA A 67 -2.15 -6.98 -8.85
CA ALA A 67 -1.03 -7.40 -9.67
C ALA A 67 -1.19 -6.96 -11.09
N LEU A 68 -0.28 -6.12 -11.53
CA LEU A 68 -0.21 -5.70 -12.90
C LEU A 68 0.42 -6.82 -13.69
N LYS A 69 -0.41 -7.56 -14.40
CA LYS A 69 0.02 -8.72 -15.11
C LYS A 69 -0.71 -8.76 -16.44
N ASP A 70 0.05 -8.90 -17.53
CA ASP A 70 -0.54 -8.72 -18.88
C ASP A 70 -1.52 -7.53 -18.97
N GLN A 71 -0.95 -6.34 -18.96
CA GLN A 71 -1.67 -5.07 -19.02
C GLN A 71 -2.69 -4.79 -17.90
N GLN A 72 -3.18 -5.82 -17.22
CA GLN A 72 -4.28 -5.64 -16.27
C GLN A 72 -3.88 -5.92 -14.85
N ARG A 73 -4.75 -5.52 -13.94
CA ARG A 73 -4.48 -5.62 -12.52
C ARG A 73 -5.42 -6.62 -11.86
N HIS A 74 -4.83 -7.53 -11.10
CA HIS A 74 -5.59 -8.60 -10.45
C HIS A 74 -5.54 -8.47 -8.91
N LYS A 75 -6.70 -8.46 -8.24
CA LYS A 75 -6.75 -8.52 -6.75
C LYS A 75 -5.86 -9.65 -6.22
N VAL A 76 -4.92 -9.28 -5.36
CA VAL A 76 -4.09 -10.25 -4.68
C VAL A 76 -4.46 -10.30 -3.21
N ARG A 77 -4.62 -9.13 -2.62
CA ARG A 77 -4.88 -9.03 -1.20
C ARG A 77 -5.62 -7.74 -0.89
N GLU A 78 -6.53 -7.79 0.07
CA GLU A 78 -7.27 -6.60 0.49
C GLU A 78 -7.52 -6.65 1.98
N GLU A 79 -7.22 -5.55 2.66
CA GLU A 79 -7.40 -5.48 4.09
C GLU A 79 -7.43 -4.06 4.58
N VAL A 80 -8.29 -3.81 5.55
CA VAL A 80 -8.41 -2.49 6.10
C VAL A 80 -7.51 -2.35 7.31
N VAL A 81 -6.67 -1.35 7.30
CA VAL A 81 -5.75 -1.12 8.39
C VAL A 81 -5.80 0.29 8.88
N THR A 82 -5.98 0.40 10.15
CA THR A 82 -5.78 1.62 10.86
C THR A 82 -4.30 1.77 11.14
N VAL A 83 -3.74 2.86 10.68
CA VAL A 83 -2.32 3.09 10.76
C VAL A 83 -1.93 3.71 12.10
N GLY A 84 -0.88 3.18 12.70
CA GLY A 84 -0.42 3.69 13.98
C GLY A 84 1.06 4.06 13.91
N ASN A 85 1.58 4.70 14.97
CA ASN A 85 3.00 5.07 15.00
C ASN A 85 3.34 5.50 16.40
N SER A 86 2.64 4.95 17.38
CA SER A 86 2.67 5.54 18.70
C SER A 86 2.30 4.51 19.76
N ASN A 1 12.26 14.07 18.88
CA ASN A 1 12.75 13.43 17.63
C ASN A 1 13.12 11.98 17.89
N ALA A 2 13.40 11.27 16.80
CA ALA A 2 13.57 9.80 16.79
C ALA A 2 13.47 9.37 15.33
N SER A 3 12.35 9.74 14.74
CA SER A 3 12.23 9.81 13.30
C SER A 3 13.30 10.81 12.77
N THR A 4 14.00 10.55 11.64
CA THR A 4 14.99 11.54 11.16
C THR A 4 14.99 11.60 9.64
N GLY A 5 13.83 11.38 9.04
CA GLY A 5 13.74 11.37 7.59
C GLY A 5 12.30 11.33 7.14
N GLN A 6 11.52 10.45 7.74
CA GLN A 6 10.10 10.35 7.43
C GLN A 6 9.30 11.00 8.55
N GLU A 7 8.96 12.28 8.36
CA GLU A 7 8.55 13.13 9.49
C GLU A 7 7.36 12.62 10.30
N ALA A 8 6.20 12.61 9.73
CA ALA A 8 5.03 12.15 10.46
C ALA A 8 4.43 10.93 9.81
N LEU A 9 5.29 10.28 9.09
CA LEU A 9 4.93 9.29 8.13
C LEU A 9 5.05 7.90 8.70
N SER A 10 4.00 7.13 8.57
CA SER A 10 3.96 5.81 9.15
C SER A 10 4.13 4.76 8.07
N GLN A 11 5.09 3.87 8.27
CA GLN A 11 5.43 2.90 7.25
C GLN A 11 4.82 1.56 7.56
N THR A 12 3.93 1.12 6.69
CA THR A 12 3.30 -0.17 6.82
C THR A 12 3.97 -1.18 5.93
N THR A 13 4.81 -1.98 6.54
CA THR A 13 5.41 -3.09 5.87
C THR A 13 4.40 -4.22 5.76
N ILE A 14 3.98 -4.50 4.55
CA ILE A 14 2.91 -5.45 4.31
C ILE A 14 3.35 -6.50 3.32
N SER A 15 3.05 -7.73 3.65
CA SER A 15 3.48 -8.86 2.84
C SER A 15 2.29 -9.54 2.21
N TRP A 16 2.56 -10.22 1.11
CA TRP A 16 1.54 -10.96 0.41
C TRP A 16 2.14 -12.14 -0.28
N ALA A 17 1.29 -13.02 -0.72
CA ALA A 17 1.72 -14.22 -1.32
C ALA A 17 1.95 -14.04 -2.79
N PRO A 18 3.05 -14.62 -3.26
CA PRO A 18 3.48 -14.53 -4.64
C PRO A 18 2.38 -14.88 -5.62
N PHE A 19 2.19 -14.01 -6.58
CA PHE A 19 1.16 -14.20 -7.57
C PHE A 19 1.76 -14.68 -8.90
N GLN A 20 3.09 -14.62 -8.99
CA GLN A 20 3.85 -15.17 -10.14
C GLN A 20 3.97 -14.18 -11.26
N ASP A 21 5.22 -13.85 -11.46
CA ASP A 21 5.73 -13.07 -12.55
C ASP A 21 4.94 -11.80 -12.83
N THR A 22 4.58 -11.11 -11.79
CA THR A 22 3.87 -9.87 -11.92
C THR A 22 4.80 -8.80 -12.47
N SER A 23 4.24 -7.95 -13.32
CA SER A 23 4.98 -6.83 -13.89
C SER A 23 5.12 -5.73 -12.83
N GLU A 24 4.07 -5.52 -12.05
CA GLU A 24 4.07 -4.56 -10.99
C GLU A 24 3.03 -4.94 -9.94
N TYR A 25 3.31 -4.75 -8.67
CA TYR A 25 2.26 -4.87 -7.67
C TYR A 25 1.88 -3.49 -7.23
N ILE A 26 0.65 -3.13 -7.50
CA ILE A 26 0.19 -1.80 -7.20
C ILE A 26 -0.73 -1.85 -6.01
N ILE A 27 -0.29 -1.24 -4.95
CA ILE A 27 -1.02 -1.28 -3.70
C ILE A 27 -1.81 -0.01 -3.54
N SER A 28 -3.09 -0.17 -3.40
CA SER A 28 -3.99 0.95 -3.28
C SER A 28 -4.47 1.09 -1.85
N CYS A 29 -3.88 2.02 -1.14
CA CYS A 29 -4.32 2.36 0.20
C CYS A 29 -5.45 3.38 0.13
N HIS A 30 -6.67 2.90 0.27
CA HIS A 30 -7.86 3.77 0.22
C HIS A 30 -8.19 4.26 1.62
N PRO A 31 -8.12 5.57 1.83
CA PRO A 31 -8.36 6.17 3.14
C PRO A 31 -9.82 6.25 3.50
N VAL A 32 -10.06 5.85 4.72
CA VAL A 32 -11.35 5.92 5.34
C VAL A 32 -11.32 6.99 6.42
N GLY A 33 -12.28 7.89 6.42
CA GLY A 33 -12.33 8.95 7.42
C GLY A 33 -11.89 10.29 6.87
N THR A 34 -10.86 10.27 6.03
CA THR A 34 -10.36 11.48 5.40
C THR A 34 -10.86 11.61 3.98
N ASP A 35 -10.58 12.75 3.39
CA ASP A 35 -10.82 12.95 1.98
C ASP A 35 -9.52 12.81 1.20
N GLU A 36 -8.68 11.87 1.64
CA GLU A 36 -7.43 11.61 0.97
C GLU A 36 -7.64 10.72 -0.22
N GLU A 37 -6.65 10.71 -1.07
CA GLU A 37 -6.69 9.92 -2.23
C GLU A 37 -5.99 8.60 -1.95
N PRO A 38 -6.35 7.57 -2.69
CA PRO A 38 -5.74 6.27 -2.55
C PRO A 38 -4.26 6.33 -2.88
N LEU A 39 -3.45 6.06 -1.87
CA LEU A 39 -2.03 5.99 -2.06
C LEU A 39 -1.71 4.73 -2.82
N GLN A 40 -1.19 4.92 -4.00
CA GLN A 40 -0.90 3.83 -4.88
C GLN A 40 0.58 3.61 -4.98
N PHE A 41 1.00 2.47 -4.44
CA PHE A 41 2.41 2.13 -4.37
C PHE A 41 2.76 1.06 -5.38
N ARG A 42 3.81 1.31 -6.12
CA ARG A 42 4.29 0.40 -7.14
C ARG A 42 5.55 -0.30 -6.68
N VAL A 43 5.49 -1.60 -6.51
CA VAL A 43 6.67 -2.38 -6.18
C VAL A 43 6.92 -3.42 -7.25
N PRO A 44 8.18 -3.80 -7.39
CA PRO A 44 8.64 -4.74 -8.39
C PRO A 44 7.79 -6.02 -8.41
N GLY A 45 7.54 -6.54 -9.60
CA GLY A 45 6.59 -7.61 -9.78
C GLY A 45 7.01 -8.94 -9.18
N THR A 46 8.23 -9.03 -8.70
CA THR A 46 8.66 -10.25 -8.04
C THR A 46 8.61 -10.10 -6.51
N SER A 47 8.59 -8.84 -6.04
CA SER A 47 8.49 -8.54 -4.61
C SER A 47 7.18 -9.07 -4.03
N THR A 48 7.24 -9.56 -2.81
CA THR A 48 6.05 -10.08 -2.14
C THR A 48 5.83 -9.39 -0.79
N SER A 49 6.52 -8.27 -0.59
CA SER A 49 6.39 -7.47 0.62
C SER A 49 6.85 -6.05 0.35
N ALA A 50 6.21 -5.09 0.98
CA ALA A 50 6.54 -3.68 0.77
C ALA A 50 6.34 -2.86 2.00
N THR A 51 7.31 -2.04 2.27
CA THR A 51 7.22 -1.04 3.28
C THR A 51 6.59 0.21 2.73
N LEU A 52 5.39 0.45 3.21
CA LEU A 52 4.59 1.56 2.70
C LEU A 52 4.83 2.85 3.45
N THR A 53 5.66 3.70 2.87
CA THR A 53 6.00 5.00 3.43
C THR A 53 5.02 6.08 2.95
N GLY A 54 4.33 6.69 3.89
CA GLY A 54 3.50 7.83 3.55
C GLY A 54 2.21 7.88 4.34
N LEU A 55 1.68 6.72 4.69
CA LEU A 55 0.43 6.60 5.43
C LEU A 55 0.38 7.52 6.64
N THR A 56 -0.71 8.28 6.71
CA THR A 56 -0.95 9.17 7.82
C THR A 56 -1.50 8.40 8.99
N ARG A 57 -0.63 8.22 9.94
CA ARG A 57 -0.95 7.58 11.18
C ARG A 57 -2.18 8.19 11.83
N GLY A 58 -3.08 7.30 12.19
CA GLY A 58 -4.33 7.68 12.78
C GLY A 58 -5.48 7.52 11.80
N ALA A 59 -5.13 7.42 10.52
CA ALA A 59 -6.10 7.26 9.46
C ALA A 59 -6.20 5.83 9.06
N THR A 60 -7.42 5.47 8.73
CA THR A 60 -7.76 4.15 8.29
C THR A 60 -7.51 4.01 6.80
N TYR A 61 -6.76 2.99 6.41
CA TYR A 61 -6.49 2.75 5.01
C TYR A 61 -6.88 1.34 4.62
N ASN A 62 -7.81 1.23 3.68
CA ASN A 62 -8.18 -0.05 3.11
C ASN A 62 -7.17 -0.39 2.04
N ILE A 63 -6.29 -1.30 2.40
CA ILE A 63 -5.15 -1.63 1.58
C ILE A 63 -5.49 -2.76 0.61
N ILE A 64 -5.51 -2.43 -0.66
CA ILE A 64 -5.84 -3.39 -1.70
C ILE A 64 -4.67 -3.52 -2.66
N VAL A 65 -4.24 -4.75 -2.89
CA VAL A 65 -3.08 -4.98 -3.73
C VAL A 65 -3.52 -5.60 -5.03
N GLU A 66 -3.21 -4.94 -6.13
CA GLU A 66 -3.59 -5.41 -7.45
C GLU A 66 -2.34 -5.73 -8.26
N ALA A 67 -2.30 -6.92 -8.80
CA ALA A 67 -1.15 -7.37 -9.58
C ALA A 67 -1.26 -6.95 -11.02
N LEU A 68 -0.32 -6.14 -11.45
CA LEU A 68 -0.24 -5.70 -12.82
C LEU A 68 0.51 -6.75 -13.62
N LYS A 69 -0.24 -7.54 -14.37
CA LYS A 69 0.32 -8.65 -15.14
C LYS A 69 -0.22 -8.58 -16.56
N ASP A 70 0.55 -7.95 -17.46
CA ASP A 70 0.20 -7.97 -18.89
C ASP A 70 -1.02 -7.11 -19.18
N GLN A 71 -0.81 -5.81 -19.07
CA GLN A 71 -1.84 -4.79 -19.19
C GLN A 71 -3.07 -5.02 -18.29
N GLN A 72 -3.02 -6.01 -17.40
CA GLN A 72 -4.16 -6.28 -16.53
C GLN A 72 -3.78 -6.21 -15.07
N ARG A 73 -4.80 -6.16 -14.24
CA ARG A 73 -4.62 -6.05 -12.79
C ARG A 73 -5.50 -7.07 -12.08
N HIS A 74 -4.92 -7.75 -11.11
CA HIS A 74 -5.64 -8.79 -10.36
C HIS A 74 -5.54 -8.58 -8.84
N LYS A 75 -6.69 -8.45 -8.15
CA LYS A 75 -6.72 -8.53 -6.67
C LYS A 75 -5.80 -9.62 -6.15
N VAL A 76 -4.88 -9.25 -5.28
CA VAL A 76 -4.03 -10.20 -4.60
C VAL A 76 -4.39 -10.29 -3.13
N ARG A 77 -4.47 -9.12 -2.50
CA ARG A 77 -4.79 -9.05 -1.10
C ARG A 77 -5.56 -7.76 -0.80
N GLU A 78 -6.40 -7.81 0.21
CA GLU A 78 -7.16 -6.65 0.65
C GLU A 78 -7.37 -6.70 2.15
N GLU A 79 -7.13 -5.59 2.82
CA GLU A 79 -7.31 -5.52 4.27
C GLU A 79 -7.42 -4.09 4.74
N VAL A 80 -8.31 -3.88 5.70
CA VAL A 80 -8.49 -2.56 6.24
C VAL A 80 -7.62 -2.38 7.46
N VAL A 81 -6.77 -1.39 7.43
CA VAL A 81 -5.85 -1.14 8.53
C VAL A 81 -5.87 0.29 8.97
N THR A 82 -6.06 0.44 10.24
CA THR A 82 -5.85 1.67 10.91
C THR A 82 -4.39 1.79 11.27
N VAL A 83 -3.78 2.85 10.80
CA VAL A 83 -2.37 3.05 10.98
C VAL A 83 -2.09 3.77 12.29
N GLY A 84 -1.15 3.27 13.06
CA GLY A 84 -0.84 3.89 14.33
C GLY A 84 0.62 3.65 14.68
N ASN A 85 1.23 4.57 15.43
CA ASN A 85 2.65 4.45 15.79
C ASN A 85 3.02 5.60 16.69
N SER A 86 2.03 6.18 17.36
CA SER A 86 2.22 7.43 18.06
C SER A 86 1.06 7.68 19.02
N ASN A 1 12.68 8.77 10.61
CA ASN A 1 13.45 9.70 9.75
C ASN A 1 13.31 9.29 8.29
N ALA A 2 12.24 9.73 7.66
CA ALA A 2 11.97 9.40 6.26
C ALA A 2 11.17 10.56 5.66
N SER A 3 11.67 11.79 5.85
CA SER A 3 10.85 12.96 5.65
C SER A 3 10.84 13.34 4.14
N THR A 4 9.69 13.34 3.45
CA THR A 4 9.70 13.71 2.01
C THR A 4 8.62 14.76 1.75
N GLY A 5 8.44 15.64 2.73
CA GLY A 5 7.34 16.60 2.69
C GLY A 5 6.41 16.34 3.83
N GLN A 6 6.12 15.06 4.02
CA GLN A 6 5.42 14.59 5.19
C GLN A 6 6.44 13.98 6.13
N GLU A 7 6.55 14.51 7.33
CA GLU A 7 7.22 13.77 8.39
C GLU A 7 6.31 13.25 9.48
N ALA A 8 5.02 13.31 9.26
CA ALA A 8 4.06 12.87 10.26
C ALA A 8 3.66 11.45 10.00
N LEU A 9 4.65 10.72 9.57
CA LEU A 9 4.45 9.51 8.85
C LEU A 9 4.44 8.24 9.67
N SER A 10 3.77 7.26 9.11
CA SER A 10 3.79 5.91 9.60
C SER A 10 4.14 4.99 8.45
N GLN A 11 4.71 3.84 8.73
CA GLN A 11 5.10 2.90 7.70
C GLN A 11 4.38 1.58 7.88
N THR A 12 3.78 1.09 6.81
CA THR A 12 3.19 -0.23 6.83
C THR A 12 3.95 -1.15 5.90
N THR A 13 4.80 -1.93 6.50
CA THR A 13 5.44 -3.01 5.81
C THR A 13 4.43 -4.13 5.65
N ILE A 14 4.06 -4.41 4.41
CA ILE A 14 3.01 -5.37 4.13
C ILE A 14 3.49 -6.38 3.12
N SER A 15 3.20 -7.63 3.42
CA SER A 15 3.57 -8.73 2.56
C SER A 15 2.33 -9.41 2.01
N TRP A 16 2.50 -10.06 0.89
CA TRP A 16 1.43 -10.78 0.24
C TRP A 16 1.97 -12.04 -0.34
N ALA A 17 1.08 -12.92 -0.71
CA ALA A 17 1.49 -14.18 -1.19
C ALA A 17 1.80 -14.12 -2.66
N PRO A 18 2.97 -14.65 -2.99
CA PRO A 18 3.56 -14.60 -4.31
C PRO A 18 2.59 -14.96 -5.42
N PHE A 19 2.36 -14.02 -6.28
CA PHE A 19 1.58 -14.24 -7.47
C PHE A 19 2.52 -14.56 -8.64
N GLN A 20 1.98 -14.88 -9.80
CA GLN A 20 2.84 -15.31 -10.93
C GLN A 20 3.20 -14.22 -11.85
N ASP A 21 4.50 -14.11 -11.92
CA ASP A 21 5.22 -13.29 -12.86
C ASP A 21 4.60 -11.94 -13.10
N THR A 22 4.27 -11.28 -12.03
CA THR A 22 3.67 -9.98 -12.10
C THR A 22 4.69 -8.96 -12.61
N SER A 23 4.23 -8.02 -13.42
CA SER A 23 5.09 -6.94 -13.87
C SER A 23 5.24 -5.91 -12.77
N GLU A 24 4.14 -5.65 -12.07
CA GLU A 24 4.10 -4.66 -10.99
C GLU A 24 3.03 -4.99 -9.97
N TYR A 25 3.36 -4.83 -8.70
CA TYR A 25 2.34 -4.96 -7.67
C TYR A 25 1.98 -3.57 -7.20
N ILE A 26 0.76 -3.17 -7.48
CA ILE A 26 0.30 -1.86 -7.12
C ILE A 26 -0.49 -1.93 -5.84
N ILE A 27 -0.02 -1.21 -4.85
CA ILE A 27 -0.64 -1.23 -3.56
C ILE A 27 -1.43 0.04 -3.38
N SER A 28 -2.73 -0.12 -3.42
CA SER A 28 -3.67 0.98 -3.38
C SER A 28 -4.27 1.10 -1.99
N CYS A 29 -3.82 2.07 -1.27
CA CYS A 29 -4.25 2.31 0.09
C CYS A 29 -5.41 3.31 0.10
N HIS A 30 -6.61 2.79 0.25
CA HIS A 30 -7.82 3.63 0.23
C HIS A 30 -8.16 4.09 1.64
N PRO A 31 -7.97 5.38 1.90
CA PRO A 31 -8.29 5.99 3.19
C PRO A 31 -9.77 6.15 3.41
N VAL A 32 -10.17 5.77 4.59
CA VAL A 32 -11.54 5.85 5.03
C VAL A 32 -11.68 6.97 6.04
N GLY A 33 -12.76 7.73 5.96
CA GLY A 33 -12.99 8.80 6.91
C GLY A 33 -12.56 10.14 6.35
N THR A 34 -11.44 10.14 5.64
CA THR A 34 -10.93 11.33 5.00
C THR A 34 -11.30 11.37 3.54
N ASP A 35 -10.97 12.48 2.91
CA ASP A 35 -11.09 12.61 1.47
C ASP A 35 -9.74 12.32 0.81
N GLU A 36 -8.87 11.67 1.55
CA GLU A 36 -7.55 11.33 1.04
C GLU A 36 -7.65 10.35 -0.10
N GLU A 37 -6.70 10.46 -1.00
CA GLU A 37 -6.67 9.63 -2.16
C GLU A 37 -5.93 8.35 -1.82
N PRO A 38 -6.20 7.30 -2.58
CA PRO A 38 -5.51 6.03 -2.44
C PRO A 38 -4.07 6.15 -2.83
N LEU A 39 -3.20 5.88 -1.86
CA LEU A 39 -1.78 5.91 -2.10
C LEU A 39 -1.46 4.70 -2.95
N GLN A 40 -0.79 4.92 -4.04
CA GLN A 40 -0.53 3.86 -4.97
C GLN A 40 0.94 3.64 -5.15
N PHE A 41 1.37 2.54 -4.60
CA PHE A 41 2.78 2.16 -4.60
C PHE A 41 3.04 1.04 -5.59
N ARG A 42 4.06 1.23 -6.40
CA ARG A 42 4.45 0.24 -7.41
C ARG A 42 5.72 -0.47 -6.99
N VAL A 43 5.63 -1.76 -6.73
CA VAL A 43 6.82 -2.54 -6.43
C VAL A 43 7.01 -3.61 -7.48
N PRO A 44 8.26 -4.04 -7.63
CA PRO A 44 8.68 -5.04 -8.62
C PRO A 44 7.77 -6.27 -8.61
N GLY A 45 7.49 -6.80 -9.80
CA GLY A 45 6.49 -7.84 -9.95
C GLY A 45 6.89 -9.17 -9.37
N THR A 46 8.11 -9.32 -8.93
CA THR A 46 8.52 -10.55 -8.28
C THR A 46 8.54 -10.39 -6.75
N SER A 47 8.60 -9.14 -6.28
CA SER A 47 8.59 -8.82 -4.85
C SER A 47 7.29 -9.24 -4.17
N THR A 48 7.38 -9.60 -2.89
CA THR A 48 6.21 -10.04 -2.15
C THR A 48 6.03 -9.25 -0.85
N SER A 49 6.74 -8.12 -0.73
CA SER A 49 6.61 -7.28 0.45
C SER A 49 7.07 -5.86 0.16
N ALA A 50 6.48 -4.90 0.86
CA ALA A 50 6.82 -3.48 0.70
C ALA A 50 6.51 -2.70 1.95
N THR A 51 7.42 -1.81 2.23
CA THR A 51 7.26 -0.88 3.30
C THR A 51 6.61 0.39 2.79
N LEU A 52 5.40 0.58 3.25
CA LEU A 52 4.60 1.70 2.82
C LEU A 52 4.77 2.91 3.73
N THR A 53 5.60 3.84 3.27
CA THR A 53 5.86 5.08 3.99
C THR A 53 4.91 6.19 3.53
N GLY A 54 4.18 6.76 4.48
CA GLY A 54 3.37 7.93 4.19
C GLY A 54 1.93 7.86 4.70
N LEU A 55 1.50 6.69 5.16
CA LEU A 55 0.17 6.55 5.72
C LEU A 55 -0.01 7.43 6.95
N THR A 56 -1.06 8.22 6.93
CA THR A 56 -1.39 9.12 8.02
C THR A 56 -1.95 8.35 9.20
N ARG A 57 -1.15 8.33 10.23
CA ARG A 57 -1.49 7.72 11.49
C ARG A 57 -2.76 8.31 12.06
N GLY A 58 -3.65 7.40 12.42
CA GLY A 58 -4.93 7.75 12.95
C GLY A 58 -6.03 7.65 11.91
N ALA A 59 -5.63 7.31 10.70
CA ALA A 59 -6.57 7.13 9.61
C ALA A 59 -6.69 5.69 9.22
N THR A 60 -7.91 5.34 8.89
CA THR A 60 -8.27 4.04 8.42
C THR A 60 -7.87 3.87 6.95
N TYR A 61 -7.02 2.92 6.65
CA TYR A 61 -6.56 2.71 5.29
C TYR A 61 -6.86 1.30 4.80
N ASN A 62 -7.70 1.18 3.78
CA ASN A 62 -7.99 -0.11 3.17
C ASN A 62 -6.96 -0.40 2.10
N ILE A 63 -6.00 -1.23 2.48
CA ILE A 63 -4.87 -1.53 1.64
C ILE A 63 -5.21 -2.63 0.64
N ILE A 64 -5.17 -2.27 -0.62
CA ILE A 64 -5.54 -3.17 -1.70
C ILE A 64 -4.38 -3.35 -2.66
N VAL A 65 -3.90 -4.58 -2.78
CA VAL A 65 -2.74 -4.88 -3.60
C VAL A 65 -3.19 -5.54 -4.89
N GLU A 66 -2.91 -4.92 -6.02
CA GLU A 66 -3.28 -5.50 -7.31
C GLU A 66 -2.04 -5.88 -8.11
N ALA A 67 -2.15 -6.97 -8.82
CA ALA A 67 -1.06 -7.46 -9.65
C ALA A 67 -1.21 -6.97 -11.08
N LEU A 68 -0.27 -6.15 -11.51
CA LEU A 68 -0.23 -5.70 -12.89
C LEU A 68 0.40 -6.79 -13.74
N LYS A 69 -0.44 -7.57 -14.41
CA LYS A 69 0.03 -8.70 -15.18
C LYS A 69 -0.50 -8.55 -16.57
N ASP A 70 0.34 -8.01 -17.46
CA ASP A 70 0.01 -8.10 -18.89
C ASP A 70 -1.15 -7.21 -19.23
N GLN A 71 -1.00 -5.99 -18.74
CA GLN A 71 -1.91 -4.89 -18.98
C GLN A 71 -3.22 -5.04 -18.21
N GLN A 72 -3.21 -5.82 -17.14
CA GLN A 72 -4.41 -6.02 -16.34
C GLN A 72 -4.11 -6.03 -14.86
N ARG A 73 -5.14 -5.79 -14.06
CA ARG A 73 -5.00 -5.69 -12.62
C ARG A 73 -5.96 -6.63 -11.92
N HIS A 74 -5.42 -7.40 -10.99
CA HIS A 74 -6.21 -8.29 -10.14
C HIS A 74 -5.77 -8.11 -8.70
N LYS A 75 -6.68 -8.17 -7.72
CA LYS A 75 -6.25 -7.90 -6.34
C LYS A 75 -5.73 -9.17 -5.71
N VAL A 76 -4.63 -9.03 -5.02
CA VAL A 76 -3.90 -10.12 -4.42
C VAL A 76 -4.19 -10.17 -2.93
N ARG A 77 -4.58 -9.03 -2.43
CA ARG A 77 -4.79 -8.84 -1.01
C ARG A 77 -5.54 -7.54 -0.77
N GLU A 78 -6.48 -7.59 0.13
CA GLU A 78 -7.21 -6.41 0.56
C GLU A 78 -7.38 -6.45 2.05
N GLU A 79 -6.96 -5.39 2.71
CA GLU A 79 -7.03 -5.34 4.15
C GLU A 79 -6.92 -3.93 4.66
N VAL A 80 -7.91 -3.52 5.41
CA VAL A 80 -7.91 -2.21 5.95
C VAL A 80 -7.34 -2.16 7.35
N VAL A 81 -6.38 -1.28 7.52
CA VAL A 81 -5.68 -1.09 8.76
C VAL A 81 -5.83 0.32 9.22
N THR A 82 -6.07 0.42 10.49
CA THR A 82 -6.03 1.67 11.17
C THR A 82 -4.60 1.91 11.64
N VAL A 83 -4.05 3.01 11.22
CA VAL A 83 -2.64 3.27 11.41
C VAL A 83 -2.38 4.00 12.72
N GLY A 84 -1.36 3.56 13.44
CA GLY A 84 -0.98 4.20 14.68
C GLY A 84 -1.52 3.47 15.90
N ASN A 85 -2.82 3.63 16.20
CA ASN A 85 -3.45 2.93 17.33
C ASN A 85 -4.91 3.32 17.47
N SER A 86 -5.29 4.51 17.01
CA SER A 86 -6.58 5.06 17.36
C SER A 86 -6.82 6.38 16.63
N ASN A 1 11.90 7.27 5.76
CA ASN A 1 11.23 8.58 5.97
C ASN A 1 12.16 9.72 5.58
N ALA A 2 12.13 10.11 4.31
CA ALA A 2 12.92 11.26 3.84
C ALA A 2 12.11 12.06 2.81
N SER A 3 10.81 12.22 3.07
CA SER A 3 9.92 12.78 2.06
C SER A 3 9.77 14.30 2.29
N THR A 4 9.34 15.09 1.28
CA THR A 4 9.07 16.52 1.53
C THR A 4 7.63 16.84 1.13
N GLY A 5 6.79 15.82 1.23
CA GLY A 5 5.38 15.94 0.88
C GLY A 5 4.56 15.12 1.82
N GLN A 6 5.08 13.95 2.17
CA GLN A 6 4.54 13.17 3.27
C GLN A 6 5.43 13.36 4.45
N GLU A 7 5.08 14.28 5.32
CA GLU A 7 5.78 14.37 6.59
C GLU A 7 4.99 13.94 7.81
N ALA A 8 3.84 13.36 7.59
CA ALA A 8 3.11 12.76 8.67
C ALA A 8 3.08 11.27 8.45
N LEU A 9 4.18 10.86 7.89
CA LEU A 9 4.35 9.53 7.36
C LEU A 9 4.59 8.46 8.42
N SER A 10 3.75 7.45 8.34
CA SER A 10 3.90 6.24 9.11
C SER A 10 4.05 5.05 8.16
N GLN A 11 5.01 4.17 8.42
CA GLN A 11 5.31 3.09 7.50
C GLN A 11 4.60 1.80 7.89
N THR A 12 4.00 1.15 6.91
CA THR A 12 3.43 -0.17 7.08
C THR A 12 4.08 -1.15 6.14
N THR A 13 4.96 -1.94 6.68
CA THR A 13 5.52 -3.06 5.97
C THR A 13 4.47 -4.15 5.84
N ILE A 14 4.19 -4.54 4.61
CA ILE A 14 3.12 -5.49 4.33
C ILE A 14 3.57 -6.50 3.31
N SER A 15 3.25 -7.74 3.57
CA SER A 15 3.61 -8.84 2.70
C SER A 15 2.36 -9.55 2.19
N TRP A 16 2.49 -10.16 1.02
CA TRP A 16 1.39 -10.85 0.39
C TRP A 16 1.90 -12.12 -0.23
N ALA A 17 0.97 -12.95 -0.62
CA ALA A 17 1.32 -14.23 -1.11
C ALA A 17 1.66 -14.17 -2.57
N PRO A 18 2.84 -14.67 -2.88
CA PRO A 18 3.44 -14.60 -4.18
C PRO A 18 2.50 -14.97 -5.31
N PHE A 19 2.33 -14.01 -6.19
CA PHE A 19 1.69 -14.27 -7.46
C PHE A 19 2.80 -14.68 -8.44
N GLN A 20 2.58 -14.59 -9.74
CA GLN A 20 3.61 -15.07 -10.68
C GLN A 20 3.84 -14.14 -11.81
N ASP A 21 5.12 -13.91 -11.95
CA ASP A 21 5.72 -13.03 -12.93
C ASP A 21 4.94 -11.74 -13.14
N THR A 22 4.58 -11.11 -12.05
CA THR A 22 3.88 -9.87 -12.10
C THR A 22 4.81 -8.77 -12.60
N SER A 23 4.29 -7.86 -13.41
CA SER A 23 5.08 -6.72 -13.85
C SER A 23 5.13 -5.68 -12.73
N GLU A 24 4.02 -5.54 -12.02
CA GLU A 24 3.90 -4.56 -10.94
C GLU A 24 2.86 -4.96 -9.91
N TYR A 25 3.19 -4.88 -8.63
CA TYR A 25 2.17 -4.99 -7.61
C TYR A 25 1.82 -3.60 -7.14
N ILE A 26 0.68 -3.13 -7.58
CA ILE A 26 0.24 -1.80 -7.20
C ILE A 26 -0.64 -1.88 -5.99
N ILE A 27 -0.20 -1.26 -4.93
CA ILE A 27 -0.93 -1.29 -3.68
C ILE A 27 -1.70 -0.02 -3.54
N SER A 28 -2.98 -0.16 -3.35
CA SER A 28 -3.88 0.96 -3.29
C SER A 28 -4.42 1.12 -1.87
N CYS A 29 -3.81 2.02 -1.13
CA CYS A 29 -4.27 2.36 0.20
C CYS A 29 -5.39 3.39 0.15
N HIS A 30 -6.62 2.93 0.26
CA HIS A 30 -7.78 3.82 0.24
C HIS A 30 -8.12 4.28 1.65
N PRO A 31 -8.01 5.58 1.91
CA PRO A 31 -8.26 6.15 3.22
C PRO A 31 -9.73 6.28 3.53
N VAL A 32 -10.06 5.76 4.68
CA VAL A 32 -11.39 5.80 5.23
C VAL A 32 -11.44 6.87 6.31
N GLY A 33 -12.52 7.63 6.35
CA GLY A 33 -12.67 8.66 7.37
C GLY A 33 -12.21 10.02 6.90
N THR A 34 -11.23 10.03 6.00
CA THR A 34 -10.72 11.27 5.43
C THR A 34 -11.15 11.45 4.00
N ASP A 35 -10.75 12.56 3.43
CA ASP A 35 -10.89 12.79 2.01
C ASP A 35 -9.57 12.65 1.28
N GLU A 36 -8.72 11.77 1.77
CA GLU A 36 -7.44 11.56 1.12
C GLU A 36 -7.59 10.64 -0.04
N GLU A 37 -6.60 10.72 -0.90
CA GLU A 37 -6.56 9.93 -2.08
C GLU A 37 -5.84 8.64 -1.79
N PRO A 38 -6.15 7.60 -2.55
CA PRO A 38 -5.53 6.30 -2.40
C PRO A 38 -4.05 6.37 -2.69
N LEU A 39 -3.26 6.10 -1.68
CA LEU A 39 -1.83 6.02 -1.83
C LEU A 39 -1.48 4.77 -2.60
N GLN A 40 -1.01 4.98 -3.79
CA GLN A 40 -0.68 3.89 -4.66
C GLN A 40 0.80 3.66 -4.69
N PHE A 41 1.16 2.48 -4.27
CA PHE A 41 2.55 2.08 -4.21
C PHE A 41 2.86 1.04 -5.28
N ARG A 42 3.89 1.33 -6.05
CA ARG A 42 4.32 0.43 -7.12
C ARG A 42 5.59 -0.29 -6.73
N VAL A 43 5.52 -1.60 -6.64
CA VAL A 43 6.70 -2.41 -6.37
C VAL A 43 6.88 -3.45 -7.45
N PRO A 44 8.12 -3.89 -7.60
CA PRO A 44 8.51 -4.87 -8.61
C PRO A 44 7.65 -6.13 -8.54
N GLY A 45 7.32 -6.67 -9.71
CA GLY A 45 6.37 -7.75 -9.81
C GLY A 45 6.84 -9.07 -9.22
N THR A 46 8.10 -9.14 -8.81
CA THR A 46 8.57 -10.36 -8.17
C THR A 46 8.58 -10.20 -6.64
N SER A 47 8.57 -8.96 -6.18
CA SER A 47 8.52 -8.63 -4.75
C SER A 47 7.23 -9.11 -4.08
N THR A 48 7.33 -9.56 -2.84
CA THR A 48 6.18 -10.01 -2.10
C THR A 48 6.02 -9.28 -0.77
N SER A 49 6.75 -8.17 -0.63
CA SER A 49 6.67 -7.35 0.58
C SER A 49 7.08 -5.92 0.28
N ALA A 50 6.36 -4.98 0.89
CA ALA A 50 6.64 -3.57 0.69
C ALA A 50 6.42 -2.80 1.95
N THR A 51 7.38 -1.97 2.24
CA THR A 51 7.27 -1.01 3.30
C THR A 51 6.58 0.23 2.80
N LEU A 52 5.39 0.41 3.29
CA LEU A 52 4.53 1.49 2.83
C LEU A 52 4.75 2.75 3.64
N THR A 53 5.62 3.59 3.11
CA THR A 53 5.93 4.88 3.72
C THR A 53 4.97 5.97 3.24
N GLY A 54 4.31 6.60 4.17
CA GLY A 54 3.52 7.77 3.85
C GLY A 54 2.16 7.80 4.51
N LEU A 55 1.66 6.63 4.90
CA LEU A 55 0.36 6.52 5.55
C LEU A 55 0.24 7.44 6.75
N THR A 56 -0.88 8.13 6.85
CA THR A 56 -1.15 9.02 7.97
C THR A 56 -1.73 8.26 9.12
N ARG A 57 -0.91 8.13 10.12
CA ARG A 57 -1.30 7.58 11.39
C ARG A 57 -2.50 8.31 11.97
N GLY A 58 -3.48 7.52 12.35
CA GLY A 58 -4.72 8.04 12.83
C GLY A 58 -5.82 7.91 11.80
N ALA A 59 -5.42 7.49 10.61
CA ALA A 59 -6.35 7.30 9.51
C ALA A 59 -6.38 5.86 9.10
N THR A 60 -7.55 5.47 8.68
CA THR A 60 -7.82 4.14 8.24
C THR A 60 -7.53 3.99 6.76
N TYR A 61 -6.79 2.96 6.39
CA TYR A 61 -6.48 2.71 5.00
C TYR A 61 -6.88 1.31 4.61
N ASN A 62 -7.76 1.20 3.62
CA ASN A 62 -8.10 -0.07 3.03
C ASN A 62 -7.06 -0.40 1.99
N ILE A 63 -6.18 -1.29 2.38
CA ILE A 63 -5.00 -1.60 1.60
C ILE A 63 -5.30 -2.74 0.62
N ILE A 64 -5.41 -2.38 -0.64
CA ILE A 64 -5.72 -3.35 -1.68
C ILE A 64 -4.51 -3.52 -2.59
N VAL A 65 -4.13 -4.75 -2.88
CA VAL A 65 -2.96 -5.02 -3.67
C VAL A 65 -3.38 -5.67 -4.98
N GLU A 66 -3.04 -5.06 -6.09
CA GLU A 66 -3.38 -5.60 -7.39
C GLU A 66 -2.12 -5.94 -8.19
N ALA A 67 -2.19 -7.05 -8.90
CA ALA A 67 -1.07 -7.50 -9.71
C ALA A 67 -1.22 -7.03 -11.13
N LEU A 68 -0.30 -6.18 -11.54
CA LEU A 68 -0.23 -5.73 -12.90
C LEU A 68 0.41 -6.82 -13.73
N LYS A 69 -0.42 -7.57 -14.43
CA LYS A 69 0.03 -8.70 -15.21
C LYS A 69 -0.74 -8.72 -16.52
N ASP A 70 -0.02 -8.81 -17.64
CA ASP A 70 -0.66 -8.65 -18.98
C ASP A 70 -1.70 -7.52 -19.02
N GLN A 71 -1.22 -6.30 -18.98
CA GLN A 71 -2.01 -5.07 -18.98
C GLN A 71 -3.14 -4.98 -17.93
N GLN A 72 -3.37 -6.03 -17.16
CA GLN A 72 -4.47 -6.01 -16.20
C GLN A 72 -3.98 -6.06 -14.77
N ARG A 73 -4.87 -5.74 -13.86
CA ARG A 73 -4.59 -5.71 -12.45
C ARG A 73 -5.52 -6.65 -11.71
N HIS A 74 -4.94 -7.66 -11.08
CA HIS A 74 -5.74 -8.69 -10.41
C HIS A 74 -5.66 -8.53 -8.88
N LYS A 75 -6.81 -8.59 -8.19
CA LYS A 75 -6.82 -8.57 -6.69
C LYS A 75 -5.94 -9.67 -6.12
N VAL A 76 -4.96 -9.27 -5.35
CA VAL A 76 -4.10 -10.21 -4.65
C VAL A 76 -4.40 -10.16 -3.17
N ARG A 77 -4.55 -8.95 -2.67
CA ARG A 77 -4.69 -8.71 -1.26
C ARG A 77 -5.59 -7.53 -0.99
N GLU A 78 -6.29 -7.61 0.12
CA GLU A 78 -7.12 -6.51 0.60
C GLU A 78 -7.21 -6.58 2.11
N GLU A 79 -7.02 -5.45 2.76
CA GLU A 79 -7.08 -5.42 4.21
C GLU A 79 -7.29 -4.02 4.71
N VAL A 80 -8.24 -3.88 5.62
CA VAL A 80 -8.51 -2.59 6.20
C VAL A 80 -7.66 -2.41 7.44
N VAL A 81 -6.82 -1.39 7.43
CA VAL A 81 -5.93 -1.14 8.55
C VAL A 81 -5.86 0.32 8.89
N THR A 82 -6.08 0.55 10.16
CA THR A 82 -5.91 1.83 10.76
C THR A 82 -4.48 1.97 11.25
N VAL A 83 -3.86 3.07 10.92
CA VAL A 83 -2.45 3.26 11.15
C VAL A 83 -2.21 4.03 12.43
N GLY A 84 -1.28 3.55 13.25
CA GLY A 84 -0.88 4.27 14.45
C GLY A 84 -1.02 3.44 15.72
N ASN A 85 -2.22 3.37 16.30
CA ASN A 85 -2.42 2.71 17.60
C ASN A 85 -3.82 3.02 18.10
N SER A 86 -4.73 3.19 17.18
CA SER A 86 -5.97 3.87 17.53
C SER A 86 -7.14 3.32 16.71
N ASN A 1 13.74 10.06 8.67
CA ASN A 1 12.82 11.03 8.04
C ASN A 1 13.61 12.13 7.35
N ALA A 2 13.53 12.18 6.02
CA ALA A 2 14.16 13.27 5.26
C ALA A 2 13.12 13.88 4.34
N SER A 3 11.89 13.96 4.83
CA SER A 3 10.76 14.32 3.99
C SER A 3 10.54 15.85 4.06
N THR A 4 9.82 16.45 3.10
CA THR A 4 9.49 17.89 3.23
C THR A 4 7.99 18.07 3.10
N GLY A 5 7.26 17.06 3.54
CA GLY A 5 5.81 17.11 3.48
C GLY A 5 5.17 16.26 4.55
N GLN A 6 5.60 15.00 4.64
CA GLN A 6 5.09 14.10 5.68
C GLN A 6 6.09 13.94 6.78
N GLU A 7 5.88 14.67 7.84
CA GLU A 7 6.53 14.32 9.10
C GLU A 7 5.58 13.69 10.10
N ALA A 8 4.37 13.40 9.67
CA ALA A 8 3.41 12.73 10.52
C ALA A 8 3.16 11.37 9.95
N LEU A 9 4.24 10.85 9.44
CA LEU A 9 4.26 9.66 8.65
C LEU A 9 4.40 8.39 9.46
N SER A 10 3.82 7.33 8.92
CA SER A 10 3.99 5.99 9.45
C SER A 10 4.32 5.05 8.30
N GLN A 11 4.82 3.86 8.62
CA GLN A 11 5.13 2.88 7.59
C GLN A 11 4.43 1.56 7.86
N THR A 12 3.84 1.00 6.83
CA THR A 12 3.21 -0.28 6.90
C THR A 12 3.93 -1.25 5.98
N THR A 13 4.78 -2.03 6.58
CA THR A 13 5.42 -3.10 5.90
C THR A 13 4.43 -4.24 5.75
N ILE A 14 4.02 -4.49 4.52
CA ILE A 14 2.96 -5.44 4.26
C ILE A 14 3.44 -6.48 3.26
N SER A 15 3.15 -7.73 3.58
CA SER A 15 3.55 -8.82 2.75
C SER A 15 2.33 -9.51 2.17
N TRP A 16 2.54 -10.20 1.08
CA TRP A 16 1.50 -10.93 0.41
C TRP A 16 2.11 -12.13 -0.24
N ALA A 17 1.25 -13.03 -0.62
CA ALA A 17 1.72 -14.25 -1.18
C ALA A 17 1.93 -14.10 -2.66
N PRO A 18 3.06 -14.63 -3.10
CA PRO A 18 3.51 -14.54 -4.47
C PRO A 18 2.42 -14.96 -5.43
N PHE A 19 2.08 -14.08 -6.34
CA PHE A 19 1.05 -14.36 -7.29
C PHE A 19 1.60 -15.12 -8.48
N GLN A 20 2.25 -14.42 -9.42
CA GLN A 20 2.91 -15.09 -10.58
C GLN A 20 3.30 -14.10 -11.64
N ASP A 21 4.60 -14.00 -11.73
CA ASP A 21 5.31 -13.20 -12.69
C ASP A 21 4.68 -11.86 -12.97
N THR A 22 4.32 -11.18 -11.93
CA THR A 22 3.67 -9.91 -12.04
C THR A 22 4.65 -8.88 -12.57
N SER A 23 4.17 -7.99 -13.42
CA SER A 23 4.98 -6.91 -13.93
C SER A 23 5.17 -5.84 -12.86
N GLU A 24 4.15 -5.67 -12.03
CA GLU A 24 4.22 -4.73 -10.92
C GLU A 24 3.07 -4.95 -9.95
N TYR A 25 3.37 -4.86 -8.67
CA TYR A 25 2.33 -4.94 -7.65
C TYR A 25 1.97 -3.55 -7.19
N ILE A 26 0.81 -3.08 -7.60
CA ILE A 26 0.35 -1.78 -7.18
C ILE A 26 -0.54 -1.92 -5.96
N ILE A 27 -0.15 -1.26 -4.90
CA ILE A 27 -0.87 -1.35 -3.65
C ILE A 27 -1.66 -0.07 -3.46
N SER A 28 -2.96 -0.22 -3.39
CA SER A 28 -3.85 0.92 -3.34
C SER A 28 -4.40 1.10 -1.94
N CYS A 29 -3.82 2.03 -1.24
CA CYS A 29 -4.25 2.38 0.10
C CYS A 29 -5.42 3.37 0.04
N HIS A 30 -6.63 2.87 0.19
CA HIS A 30 -7.82 3.71 0.11
C HIS A 30 -8.23 4.15 1.52
N PRO A 31 -8.08 5.43 1.79
CA PRO A 31 -8.38 6.02 3.11
C PRO A 31 -9.85 5.93 3.47
N VAL A 32 -10.04 5.52 4.69
CA VAL A 32 -11.35 5.43 5.29
C VAL A 32 -11.50 6.55 6.33
N GLY A 33 -12.63 7.23 6.31
CA GLY A 33 -12.86 8.30 7.28
C GLY A 33 -12.56 9.65 6.68
N THR A 34 -11.48 9.72 5.93
CA THR A 34 -11.12 10.91 5.19
C THR A 34 -11.54 10.78 3.75
N ASP A 35 -11.36 11.85 3.01
CA ASP A 35 -11.52 11.80 1.57
C ASP A 35 -10.18 11.93 0.89
N GLU A 36 -9.16 11.38 1.52
CA GLU A 36 -7.83 11.38 0.92
C GLU A 36 -7.79 10.44 -0.25
N GLU A 37 -6.88 10.69 -1.14
CA GLU A 37 -6.75 9.89 -2.32
C GLU A 37 -6.08 8.58 -1.94
N PRO A 38 -6.33 7.55 -2.73
CA PRO A 38 -5.69 6.27 -2.56
C PRO A 38 -4.20 6.37 -2.85
N LEU A 39 -3.41 6.14 -1.83
CA LEU A 39 -1.98 6.11 -2.00
C LEU A 39 -1.59 4.86 -2.72
N GLN A 40 -1.07 5.04 -3.90
CA GLN A 40 -0.68 3.92 -4.72
C GLN A 40 0.81 3.72 -4.69
N PHE A 41 1.16 2.54 -4.25
CA PHE A 41 2.56 2.14 -4.15
C PHE A 41 2.87 1.10 -5.20
N ARG A 42 3.99 1.29 -5.89
CA ARG A 42 4.37 0.42 -6.99
C ARG A 42 5.68 -0.29 -6.70
N VAL A 43 5.62 -1.59 -6.53
CA VAL A 43 6.81 -2.39 -6.27
C VAL A 43 7.00 -3.43 -7.35
N PRO A 44 8.25 -3.87 -7.51
CA PRO A 44 8.67 -4.85 -8.51
C PRO A 44 7.77 -6.09 -8.53
N GLY A 45 7.51 -6.61 -9.73
CA GLY A 45 6.53 -7.64 -9.93
C GLY A 45 6.87 -8.99 -9.32
N THR A 46 8.08 -9.15 -8.81
CA THR A 46 8.44 -10.38 -8.16
C THR A 46 8.47 -10.24 -6.62
N SER A 47 8.55 -8.99 -6.14
CA SER A 47 8.51 -8.67 -4.72
C SER A 47 7.21 -9.14 -4.07
N THR A 48 7.29 -9.58 -2.81
CA THR A 48 6.11 -10.04 -2.11
C THR A 48 5.93 -9.31 -0.78
N SER A 49 6.65 -8.20 -0.62
CA SER A 49 6.53 -7.38 0.58
C SER A 49 6.98 -5.95 0.28
N ALA A 50 6.35 -4.99 0.94
CA ALA A 50 6.69 -3.59 0.76
C ALA A 50 6.39 -2.79 1.99
N THR A 51 7.35 -1.96 2.32
CA THR A 51 7.19 -0.99 3.35
C THR A 51 6.50 0.24 2.82
N LEU A 52 5.27 0.39 3.26
CA LEU A 52 4.45 1.48 2.80
C LEU A 52 4.61 2.68 3.72
N THR A 53 5.53 3.53 3.33
CA THR A 53 5.90 4.66 4.16
C THR A 53 5.23 5.93 3.66
N GLY A 54 4.77 6.72 4.60
CA GLY A 54 4.12 7.98 4.30
C GLY A 54 2.67 8.02 4.75
N LEU A 55 2.12 6.85 5.07
CA LEU A 55 0.76 6.75 5.56
C LEU A 55 0.52 7.62 6.79
N THR A 56 -0.59 8.34 6.76
CA THR A 56 -0.97 9.25 7.83
C THR A 56 -1.55 8.51 9.00
N ARG A 57 -0.76 8.51 10.04
CA ARG A 57 -1.10 7.92 11.31
C ARG A 57 -2.39 8.48 11.85
N GLY A 58 -3.24 7.57 12.26
CA GLY A 58 -4.53 7.91 12.77
C GLY A 58 -5.62 7.75 11.74
N ALA A 59 -5.21 7.64 10.49
CA ALA A 59 -6.13 7.44 9.39
C ALA A 59 -6.12 6.00 8.98
N THR A 60 -7.31 5.56 8.65
CA THR A 60 -7.55 4.22 8.23
C THR A 60 -7.36 4.09 6.73
N TYR A 61 -6.68 3.05 6.29
CA TYR A 61 -6.46 2.82 4.88
C TYR A 61 -6.82 1.38 4.51
N ASN A 62 -7.73 1.24 3.55
CA ASN A 62 -8.05 -0.08 3.01
C ASN A 62 -6.99 -0.43 1.99
N ILE A 63 -6.11 -1.30 2.39
CA ILE A 63 -4.95 -1.65 1.60
C ILE A 63 -5.27 -2.80 0.67
N ILE A 64 -5.23 -2.51 -0.61
CA ILE A 64 -5.52 -3.48 -1.64
C ILE A 64 -4.32 -3.63 -2.55
N VAL A 65 -3.88 -4.85 -2.74
CA VAL A 65 -2.71 -5.10 -3.56
C VAL A 65 -3.14 -5.70 -4.88
N GLU A 66 -2.95 -4.97 -5.96
CA GLU A 66 -3.36 -5.43 -7.26
C GLU A 66 -2.17 -5.67 -8.16
N ALA A 67 -2.16 -6.84 -8.77
CA ALA A 67 -1.07 -7.29 -9.59
C ALA A 67 -1.22 -6.80 -11.01
N LEU A 68 -0.26 -6.00 -11.43
CA LEU A 68 -0.19 -5.56 -12.80
C LEU A 68 0.43 -6.69 -13.62
N LYS A 69 -0.41 -7.45 -14.28
CA LYS A 69 0.01 -8.58 -15.07
C LYS A 69 -0.63 -8.42 -16.41
N ASP A 70 0.15 -7.92 -17.37
CA ASP A 70 -0.33 -8.01 -18.75
C ASP A 70 -1.48 -7.04 -18.99
N GLN A 71 -1.11 -5.78 -18.99
CA GLN A 71 -2.02 -4.63 -19.14
C GLN A 71 -3.18 -4.59 -18.14
N GLN A 72 -3.22 -5.49 -17.15
CA GLN A 72 -4.33 -5.52 -16.22
C GLN A 72 -3.88 -5.62 -14.78
N ARG A 73 -4.84 -5.37 -13.90
CA ARG A 73 -4.61 -5.40 -12.46
C ARG A 73 -5.63 -6.33 -11.79
N HIS A 74 -5.12 -7.28 -11.03
CA HIS A 74 -5.98 -8.22 -10.30
C HIS A 74 -5.58 -8.20 -8.83
N LYS A 75 -6.53 -8.25 -7.89
CA LYS A 75 -6.14 -8.04 -6.48
C LYS A 75 -5.65 -9.35 -5.88
N VAL A 76 -4.57 -9.23 -5.13
CA VAL A 76 -3.90 -10.36 -4.52
C VAL A 76 -4.27 -10.44 -3.05
N ARG A 77 -4.59 -9.29 -2.50
CA ARG A 77 -4.84 -9.15 -1.09
C ARG A 77 -5.55 -7.84 -0.81
N GLU A 78 -6.43 -7.86 0.18
CA GLU A 78 -7.16 -6.66 0.58
C GLU A 78 -7.39 -6.67 2.08
N GLU A 79 -7.11 -5.54 2.74
CA GLU A 79 -7.28 -5.47 4.18
C GLU A 79 -7.35 -4.04 4.66
N VAL A 80 -8.22 -3.82 5.64
CA VAL A 80 -8.37 -2.49 6.18
C VAL A 80 -7.48 -2.33 7.41
N VAL A 81 -6.67 -1.30 7.40
CA VAL A 81 -5.75 -1.04 8.50
C VAL A 81 -5.77 0.40 8.91
N THR A 82 -5.92 0.57 10.20
CA THR A 82 -5.73 1.83 10.85
C THR A 82 -4.26 2.02 11.13
N VAL A 83 -3.74 3.12 10.65
CA VAL A 83 -2.33 3.38 10.73
C VAL A 83 -1.96 4.04 12.05
N GLY A 84 -0.92 3.54 12.68
CA GLY A 84 -0.47 4.06 13.95
C GLY A 84 -0.95 3.19 15.11
N ASN A 85 -2.01 3.59 15.83
CA ASN A 85 -2.50 2.78 16.96
C ASN A 85 -3.73 3.44 17.57
N SER A 86 -4.39 4.31 16.82
CA SER A 86 -5.35 5.19 17.45
C SER A 86 -6.39 5.68 16.44
N ASN A 1 9.46 14.80 15.91
CA ASN A 1 10.74 15.56 15.94
C ASN A 1 11.91 14.59 16.01
N ALA A 2 13.14 15.13 15.87
CA ALA A 2 14.40 14.35 15.96
C ALA A 2 14.64 13.62 14.65
N SER A 3 13.55 13.20 14.02
CA SER A 3 13.59 12.65 12.67
C SER A 3 14.05 13.79 11.71
N THR A 4 14.83 13.51 10.64
CA THR A 4 15.23 14.61 9.72
C THR A 4 14.88 14.23 8.29
N GLY A 5 13.63 13.82 8.07
CA GLY A 5 13.21 13.41 6.74
C GLY A 5 11.75 13.03 6.70
N GLN A 6 11.38 12.06 7.52
CA GLN A 6 9.98 11.67 7.62
C GLN A 6 9.36 12.24 8.89
N GLU A 7 8.47 13.18 8.74
CA GLU A 7 7.82 13.74 9.92
C GLU A 7 6.72 12.86 10.49
N ALA A 8 5.66 12.68 9.77
CA ALA A 8 4.51 11.96 10.31
C ALA A 8 4.14 10.72 9.53
N LEU A 9 5.09 10.24 8.80
CA LEU A 9 4.90 9.25 7.81
C LEU A 9 5.17 7.86 8.37
N SER A 10 4.12 7.09 8.53
CA SER A 10 4.24 5.76 9.11
C SER A 10 4.58 4.77 8.01
N GLN A 11 5.36 3.74 8.33
CA GLN A 11 5.74 2.75 7.34
C GLN A 11 5.06 1.43 7.63
N THR A 12 4.11 1.07 6.80
CA THR A 12 3.43 -0.20 6.91
C THR A 12 4.07 -1.21 5.99
N THR A 13 4.89 -2.05 6.56
CA THR A 13 5.46 -3.14 5.85
C THR A 13 4.42 -4.24 5.68
N ILE A 14 4.03 -4.47 4.45
CA ILE A 14 2.94 -5.40 4.15
C ILE A 14 3.39 -6.43 3.15
N SER A 15 3.06 -7.67 3.45
CA SER A 15 3.44 -8.78 2.62
C SER A 15 2.23 -9.46 2.04
N TRP A 16 2.43 -10.09 0.90
CA TRP A 16 1.40 -10.83 0.21
C TRP A 16 2.02 -12.03 -0.41
N ALA A 17 1.20 -12.91 -0.88
CA ALA A 17 1.67 -14.13 -1.41
C ALA A 17 1.94 -14.00 -2.89
N PRO A 18 3.06 -14.57 -3.31
CA PRO A 18 3.55 -14.48 -4.66
C PRO A 18 2.48 -14.78 -5.68
N PHE A 19 2.24 -13.82 -6.52
CA PHE A 19 1.15 -13.91 -7.46
C PHE A 19 1.58 -14.50 -8.81
N GLN A 20 2.90 -14.61 -9.00
CA GLN A 20 3.49 -15.07 -10.31
C GLN A 20 3.85 -13.97 -11.17
N ASP A 21 5.13 -14.01 -11.41
CA ASP A 21 5.81 -13.29 -12.47
C ASP A 21 5.21 -11.92 -12.74
N THR A 22 4.80 -11.24 -11.71
CA THR A 22 4.09 -10.01 -11.85
C THR A 22 5.04 -8.93 -12.39
N SER A 23 4.53 -8.08 -13.25
CA SER A 23 5.30 -6.97 -13.77
C SER A 23 5.36 -5.85 -12.73
N GLU A 24 4.27 -5.70 -11.97
CA GLU A 24 4.19 -4.68 -10.95
C GLU A 24 3.04 -4.94 -9.99
N TYR A 25 3.28 -4.72 -8.73
CA TYR A 25 2.21 -4.79 -7.73
C TYR A 25 1.84 -3.38 -7.33
N ILE A 26 0.65 -2.96 -7.71
CA ILE A 26 0.17 -1.65 -7.33
C ILE A 26 -0.72 -1.77 -6.12
N ILE A 27 -0.27 -1.18 -5.04
CA ILE A 27 -1.02 -1.23 -3.80
C ILE A 27 -1.81 0.04 -3.65
N SER A 28 -3.08 -0.11 -3.39
CA SER A 28 -3.98 1.01 -3.29
C SER A 28 -4.53 1.17 -1.89
N CYS A 29 -3.92 2.06 -1.14
CA CYS A 29 -4.38 2.38 0.19
C CYS A 29 -5.54 3.37 0.14
N HIS A 30 -6.76 2.87 0.26
CA HIS A 30 -7.95 3.72 0.24
C HIS A 30 -8.30 4.19 1.65
N PRO A 31 -8.15 5.47 1.91
CA PRO A 31 -8.38 6.04 3.23
C PRO A 31 -9.84 6.09 3.62
N VAL A 32 -10.05 5.75 4.86
CA VAL A 32 -11.34 5.78 5.49
C VAL A 32 -11.35 6.92 6.52
N GLY A 33 -12.41 7.69 6.56
CA GLY A 33 -12.52 8.78 7.54
C GLY A 33 -12.13 10.11 6.96
N THR A 34 -11.08 10.11 6.15
CA THR A 34 -10.63 11.31 5.48
C THR A 34 -11.13 11.35 4.06
N ASP A 35 -10.80 12.42 3.36
CA ASP A 35 -11.04 12.50 1.94
C ASP A 35 -9.73 12.42 1.19
N GLU A 36 -8.78 11.66 1.74
CA GLU A 36 -7.51 11.47 1.09
C GLU A 36 -7.66 10.57 -0.10
N GLU A 37 -6.68 10.68 -0.97
CA GLU A 37 -6.65 9.89 -2.13
C GLU A 37 -5.96 8.57 -1.80
N PRO A 38 -6.28 7.54 -2.58
CA PRO A 38 -5.65 6.25 -2.41
C PRO A 38 -4.18 6.34 -2.71
N LEU A 39 -3.36 6.08 -1.69
CA LEU A 39 -1.95 6.03 -1.87
C LEU A 39 -1.60 4.79 -2.64
N GLN A 40 -1.13 5.01 -3.84
CA GLN A 40 -0.79 3.94 -4.72
C GLN A 40 0.70 3.73 -4.75
N PHE A 41 1.08 2.55 -4.34
CA PHE A 41 2.47 2.16 -4.29
C PHE A 41 2.77 1.11 -5.33
N ARG A 42 3.79 1.36 -6.11
CA ARG A 42 4.19 0.47 -7.18
C ARG A 42 5.52 -0.21 -6.84
N VAL A 43 5.46 -1.50 -6.57
CA VAL A 43 6.66 -2.27 -6.29
C VAL A 43 6.90 -3.29 -7.39
N PRO A 44 8.14 -3.72 -7.50
CA PRO A 44 8.57 -4.71 -8.49
C PRO A 44 7.69 -5.96 -8.42
N GLY A 45 7.37 -6.51 -9.59
CA GLY A 45 6.45 -7.63 -9.67
C GLY A 45 6.98 -8.93 -9.09
N THR A 46 8.24 -8.97 -8.73
CA THR A 46 8.80 -10.16 -8.13
C THR A 46 8.74 -10.07 -6.60
N SER A 47 8.60 -8.85 -6.10
CA SER A 47 8.50 -8.58 -4.66
C SER A 47 7.19 -9.09 -4.07
N THR A 48 7.24 -9.59 -2.85
CA THR A 48 6.04 -10.05 -2.17
C THR A 48 5.86 -9.33 -0.84
N SER A 49 6.60 -8.23 -0.66
CA SER A 49 6.52 -7.43 0.56
C SER A 49 6.96 -6.00 0.28
N ALA A 50 6.24 -5.05 0.83
CA ALA A 50 6.55 -3.64 0.64
C ALA A 50 6.35 -2.85 1.89
N THR A 51 7.35 -2.07 2.20
CA THR A 51 7.27 -1.10 3.23
C THR A 51 6.60 0.16 2.72
N LEU A 52 5.41 0.38 3.22
CA LEU A 52 4.60 1.50 2.77
C LEU A 52 4.80 2.74 3.63
N THR A 53 5.60 3.66 3.10
CA THR A 53 5.93 4.90 3.79
C THR A 53 4.90 5.99 3.54
N GLY A 54 4.37 6.54 4.61
CA GLY A 54 3.65 7.79 4.50
C GLY A 54 2.17 7.67 4.72
N LEU A 55 1.69 6.48 5.09
CA LEU A 55 0.34 6.33 5.57
C LEU A 55 0.16 7.18 6.83
N THR A 56 -0.81 8.07 6.79
CA THR A 56 -1.05 8.97 7.90
C THR A 56 -1.59 8.23 9.10
N ARG A 57 -0.74 8.16 10.07
CA ARG A 57 -1.06 7.60 11.36
C ARG A 57 -2.26 8.26 11.99
N GLY A 58 -3.14 7.42 12.47
CA GLY A 58 -4.39 7.86 13.03
C GLY A 58 -5.51 7.71 12.05
N ALA A 59 -5.16 7.59 10.78
CA ALA A 59 -6.13 7.40 9.72
C ALA A 59 -6.20 5.95 9.35
N THR A 60 -7.23 5.64 8.62
CA THR A 60 -7.56 4.30 8.26
C THR A 60 -7.41 4.10 6.76
N TYR A 61 -6.80 3.00 6.35
CA TYR A 61 -6.54 2.74 4.95
C TYR A 61 -6.95 1.33 4.56
N ASN A 62 -7.90 1.23 3.64
CA ASN A 62 -8.25 -0.05 3.05
C ASN A 62 -7.24 -0.38 1.98
N ILE A 63 -6.30 -1.21 2.37
CA ILE A 63 -5.14 -1.53 1.57
C ILE A 63 -5.46 -2.66 0.61
N ILE A 64 -5.52 -2.34 -0.67
CA ILE A 64 -5.83 -3.30 -1.70
C ILE A 64 -4.64 -3.45 -2.65
N VAL A 65 -4.25 -4.68 -2.91
CA VAL A 65 -3.08 -4.94 -3.73
C VAL A 65 -3.50 -5.57 -5.04
N GLU A 66 -3.16 -4.91 -6.13
CA GLU A 66 -3.52 -5.40 -7.45
C GLU A 66 -2.28 -5.70 -8.26
N ALA A 67 -2.27 -6.86 -8.89
CA ALA A 67 -1.12 -7.31 -9.64
C ALA A 67 -1.21 -6.95 -11.10
N LEU A 68 -0.18 -6.26 -11.58
CA LEU A 68 -0.07 -5.94 -12.99
C LEU A 68 0.60 -7.13 -13.69
N LYS A 69 -0.21 -7.97 -14.31
CA LYS A 69 0.27 -9.20 -14.90
C LYS A 69 -0.25 -9.27 -16.32
N ASP A 70 0.55 -8.72 -17.25
CA ASP A 70 0.17 -8.72 -18.68
C ASP A 70 -1.00 -7.79 -18.96
N GLN A 71 -0.72 -6.50 -18.86
CA GLN A 71 -1.68 -5.43 -19.13
C GLN A 71 -2.84 -5.39 -18.14
N GLN A 72 -3.03 -6.46 -17.37
CA GLN A 72 -4.18 -6.56 -16.51
C GLN A 72 -3.81 -6.51 -15.05
N ARG A 73 -4.82 -6.23 -14.25
CA ARG A 73 -4.65 -6.11 -12.81
C ARG A 73 -5.59 -7.06 -12.09
N HIS A 74 -5.05 -7.80 -11.14
CA HIS A 74 -5.83 -8.79 -10.40
C HIS A 74 -5.72 -8.54 -8.88
N LYS A 75 -6.87 -8.54 -8.15
CA LYS A 75 -6.86 -8.50 -6.66
C LYS A 75 -5.96 -9.60 -6.10
N VAL A 76 -4.97 -9.18 -5.34
CA VAL A 76 -4.08 -10.10 -4.65
C VAL A 76 -4.43 -10.14 -3.17
N ARG A 77 -4.48 -8.97 -2.58
CA ARG A 77 -4.73 -8.83 -1.16
C ARG A 77 -5.58 -7.61 -0.90
N GLU A 78 -6.35 -7.68 0.16
CA GLU A 78 -7.24 -6.60 0.54
C GLU A 78 -7.46 -6.59 2.05
N GLU A 79 -7.12 -5.49 2.70
CA GLU A 79 -7.39 -5.34 4.11
C GLU A 79 -7.28 -3.90 4.55
N VAL A 80 -8.26 -3.45 5.32
CA VAL A 80 -8.24 -2.12 5.82
C VAL A 80 -7.68 -2.03 7.24
N VAL A 81 -6.70 -1.15 7.37
CA VAL A 81 -5.94 -1.00 8.59
C VAL A 81 -5.93 0.44 9.04
N THR A 82 -6.03 0.58 10.33
CA THR A 82 -5.85 1.84 10.99
C THR A 82 -4.40 1.96 11.44
N VAL A 83 -3.79 3.07 11.11
CA VAL A 83 -2.35 3.22 11.23
C VAL A 83 -1.96 3.93 12.52
N GLY A 84 -0.88 3.45 13.13
CA GLY A 84 -0.31 4.12 14.28
C GLY A 84 -0.53 3.34 15.57
N ASN A 85 -1.71 3.47 16.18
CA ASN A 85 -1.99 2.88 17.49
C ASN A 85 -3.32 3.37 18.00
N SER A 86 -4.21 3.74 17.10
CA SER A 86 -5.36 4.53 17.52
C SER A 86 -6.48 4.46 16.49
N ASN A 1 14.84 13.76 10.55
CA ASN A 1 13.72 14.68 10.26
C ASN A 1 14.23 15.93 9.54
N ALA A 2 14.24 15.89 8.21
CA ALA A 2 14.67 17.04 7.41
C ALA A 2 13.78 17.12 6.17
N SER A 3 12.47 16.99 6.37
CA SER A 3 11.55 16.83 5.25
C SER A 3 11.04 18.23 4.83
N THR A 4 10.48 18.37 3.62
CA THR A 4 9.98 19.70 3.20
C THR A 4 8.50 19.59 2.83
N GLY A 5 7.83 18.59 3.41
CA GLY A 5 6.41 18.43 3.16
C GLY A 5 5.77 17.45 4.12
N GLN A 6 5.86 16.17 3.79
CA GLN A 6 5.23 15.13 4.57
C GLN A 6 6.24 14.43 5.46
N GLU A 7 6.27 14.85 6.71
CA GLU A 7 6.94 14.09 7.75
C GLU A 7 5.98 13.37 8.68
N ALA A 8 4.72 13.35 8.31
CA ALA A 8 3.69 12.74 9.12
C ALA A 8 3.52 11.30 8.71
N LEU A 9 4.66 10.73 8.39
CA LEU A 9 4.72 9.51 7.67
C LEU A 9 4.81 8.30 8.57
N SER A 10 3.88 7.39 8.42
CA SER A 10 3.97 6.11 9.06
C SER A 10 4.21 5.04 8.00
N GLN A 11 4.75 3.90 8.41
CA GLN A 11 5.13 2.86 7.47
C GLN A 11 4.44 1.56 7.77
N THR A 12 3.72 1.04 6.79
CA THR A 12 3.11 -0.27 6.90
C THR A 12 3.81 -1.24 5.99
N THR A 13 4.59 -2.09 6.60
CA THR A 13 5.18 -3.20 5.92
C THR A 13 4.12 -4.28 5.71
N ILE A 14 3.74 -4.47 4.46
CA ILE A 14 2.68 -5.40 4.14
C ILE A 14 3.21 -6.46 3.20
N SER A 15 2.88 -7.69 3.51
CA SER A 15 3.38 -8.82 2.78
C SER A 15 2.24 -9.58 2.12
N TRP A 16 2.55 -10.23 1.04
CA TRP A 16 1.57 -11.00 0.29
C TRP A 16 2.22 -12.20 -0.31
N ALA A 17 1.40 -13.08 -0.78
CA ALA A 17 1.87 -14.31 -1.30
C ALA A 17 2.11 -14.19 -2.77
N PRO A 18 3.25 -14.74 -3.18
CA PRO A 18 3.72 -14.66 -4.55
C PRO A 18 2.66 -15.07 -5.53
N PHE A 19 2.33 -14.17 -6.43
CA PHE A 19 1.38 -14.44 -7.45
C PHE A 19 2.05 -15.18 -8.60
N GLN A 20 2.70 -14.44 -9.50
CA GLN A 20 3.58 -15.05 -10.57
C GLN A 20 3.81 -14.12 -11.71
N ASP A 21 5.08 -14.01 -11.95
CA ASP A 21 5.69 -13.20 -12.96
C ASP A 21 5.03 -11.86 -13.16
N THR A 22 4.65 -11.23 -12.09
CA THR A 22 3.95 -9.99 -12.17
C THR A 22 4.89 -8.88 -12.63
N SER A 23 4.36 -7.99 -13.45
CA SER A 23 5.11 -6.83 -13.90
C SER A 23 5.23 -5.81 -12.77
N GLU A 24 4.15 -5.69 -12.00
CA GLU A 24 4.07 -4.75 -10.89
C GLU A 24 3.04 -5.20 -9.87
N TYR A 25 3.19 -4.74 -8.66
CA TYR A 25 2.15 -4.91 -7.66
C TYR A 25 1.79 -3.54 -7.14
N ILE A 26 0.56 -3.16 -7.38
CA ILE A 26 0.11 -1.84 -6.99
C ILE A 26 -0.73 -1.93 -5.75
N ILE A 27 -0.27 -1.28 -4.72
CA ILE A 27 -0.93 -1.34 -3.44
C ILE A 27 -1.71 -0.07 -3.24
N SER A 28 -3.01 -0.21 -3.25
CA SER A 28 -3.91 0.92 -3.22
C SER A 28 -4.47 1.09 -1.82
N CYS A 29 -3.87 2.00 -1.11
CA CYS A 29 -4.30 2.35 0.22
C CYS A 29 -5.43 3.36 0.17
N HIS A 30 -6.66 2.89 0.34
CA HIS A 30 -7.84 3.75 0.26
C HIS A 30 -8.24 4.24 1.65
N PRO A 31 -8.00 5.52 1.91
CA PRO A 31 -8.29 6.15 3.20
C PRO A 31 -9.76 6.19 3.54
N VAL A 32 -10.02 5.78 4.76
CA VAL A 32 -11.33 5.79 5.35
C VAL A 32 -11.42 6.89 6.41
N GLY A 33 -12.52 7.60 6.46
CA GLY A 33 -12.70 8.65 7.46
C GLY A 33 -12.28 10.01 6.93
N THR A 34 -11.18 10.03 6.21
CA THR A 34 -10.70 11.22 5.56
C THR A 34 -11.21 11.30 4.14
N ASP A 35 -10.90 12.40 3.49
CA ASP A 35 -11.20 12.55 2.09
C ASP A 35 -9.93 12.42 1.25
N GLU A 36 -8.92 11.79 1.82
CA GLU A 36 -7.66 11.60 1.12
C GLU A 36 -7.82 10.66 -0.04
N GLU A 37 -6.89 10.77 -0.95
CA GLU A 37 -6.87 9.94 -2.12
C GLU A 37 -6.15 8.64 -1.78
N PRO A 38 -6.46 7.60 -2.53
CA PRO A 38 -5.82 6.31 -2.34
C PRO A 38 -4.35 6.37 -2.71
N LEU A 39 -3.52 6.12 -1.72
CA LEU A 39 -2.09 6.07 -1.93
C LEU A 39 -1.75 4.81 -2.68
N GLN A 40 -1.13 4.98 -3.82
CA GLN A 40 -0.80 3.85 -4.65
C GLN A 40 0.68 3.66 -4.71
N PHE A 41 1.08 2.50 -4.23
CA PHE A 41 2.48 2.12 -4.17
C PHE A 41 2.78 1.05 -5.20
N ARG A 42 3.87 1.24 -5.94
CA ARG A 42 4.23 0.32 -7.01
C ARG A 42 5.53 -0.39 -6.67
N VAL A 43 5.48 -1.69 -6.49
CA VAL A 43 6.66 -2.47 -6.21
C VAL A 43 6.91 -3.49 -7.31
N PRO A 44 8.17 -3.91 -7.42
CA PRO A 44 8.64 -4.84 -8.45
C PRO A 44 7.76 -6.10 -8.52
N GLY A 45 7.54 -6.58 -9.73
CA GLY A 45 6.57 -7.63 -9.97
C GLY A 45 6.95 -8.99 -9.40
N THR A 46 8.15 -9.12 -8.89
CA THR A 46 8.53 -10.37 -8.26
C THR A 46 8.47 -10.26 -6.73
N SER A 47 8.49 -9.01 -6.22
CA SER A 47 8.45 -8.74 -4.79
C SER A 47 7.14 -9.22 -4.14
N THR A 48 7.23 -9.65 -2.89
CA THR A 48 6.06 -10.17 -2.19
C THR A 48 5.84 -9.45 -0.86
N SER A 49 6.53 -8.32 -0.67
CA SER A 49 6.39 -7.53 0.55
C SER A 49 6.89 -6.10 0.31
N ALA A 50 6.27 -5.14 0.99
CA ALA A 50 6.64 -3.74 0.83
C ALA A 50 6.35 -2.94 2.07
N THR A 51 7.34 -2.16 2.42
CA THR A 51 7.20 -1.18 3.47
C THR A 51 6.62 0.09 2.90
N LEU A 52 5.41 0.36 3.33
CA LEU A 52 4.65 1.48 2.81
C LEU A 52 4.84 2.74 3.64
N THR A 53 5.74 3.61 3.17
CA THR A 53 5.97 4.90 3.79
C THR A 53 5.01 5.95 3.26
N GLY A 54 4.30 6.60 4.14
CA GLY A 54 3.50 7.73 3.74
C GLY A 54 2.12 7.79 4.37
N LEU A 55 1.62 6.65 4.83
CA LEU A 55 0.31 6.58 5.45
C LEU A 55 0.21 7.52 6.63
N THR A 56 -0.75 8.42 6.57
CA THR A 56 -1.00 9.36 7.64
C THR A 56 -1.58 8.66 8.84
N ARG A 57 -0.75 8.58 9.84
CA ARG A 57 -1.12 8.04 11.12
C ARG A 57 -2.38 8.63 11.68
N GLY A 58 -3.27 7.74 12.05
CA GLY A 58 -4.55 8.12 12.58
C GLY A 58 -5.65 7.94 11.55
N ALA A 59 -5.24 7.84 10.29
CA ALA A 59 -6.17 7.61 9.20
C ALA A 59 -6.19 6.16 8.84
N THR A 60 -7.39 5.68 8.67
CA THR A 60 -7.64 4.33 8.27
C THR A 60 -7.41 4.17 6.78
N TYR A 61 -6.74 3.09 6.41
CA TYR A 61 -6.47 2.81 5.01
C TYR A 61 -6.90 1.40 4.65
N ASN A 62 -7.80 1.29 3.70
CA ASN A 62 -8.15 -0.02 3.13
C ASN A 62 -7.10 -0.37 2.11
N ILE A 63 -6.17 -1.20 2.54
CA ILE A 63 -5.01 -1.52 1.76
C ILE A 63 -5.30 -2.68 0.83
N ILE A 64 -5.17 -2.42 -0.45
CA ILE A 64 -5.48 -3.39 -1.48
C ILE A 64 -4.26 -3.59 -2.37
N VAL A 65 -3.98 -4.82 -2.73
CA VAL A 65 -2.84 -5.12 -3.55
C VAL A 65 -3.29 -5.77 -4.84
N GLU A 66 -3.07 -5.08 -5.95
CA GLU A 66 -3.42 -5.63 -7.25
C GLU A 66 -2.17 -5.92 -8.07
N ALA A 67 -2.19 -7.05 -8.75
CA ALA A 67 -1.05 -7.49 -9.54
C ALA A 67 -1.16 -6.99 -10.96
N LEU A 68 -0.19 -6.17 -11.33
CA LEU A 68 -0.12 -5.64 -12.67
C LEU A 68 0.55 -6.70 -13.54
N LYS A 69 -0.27 -7.43 -14.26
CA LYS A 69 0.17 -8.56 -15.06
C LYS A 69 -0.51 -8.47 -16.42
N ASP A 70 0.21 -7.95 -17.42
CA ASP A 70 -0.32 -7.92 -18.81
C ASP A 70 -1.41 -6.89 -18.95
N GLN A 71 -1.01 -5.65 -18.80
CA GLN A 71 -1.89 -4.48 -18.82
C GLN A 71 -3.07 -4.59 -17.85
N GLN A 72 -3.08 -5.63 -17.02
CA GLN A 72 -4.19 -5.84 -16.10
C GLN A 72 -3.75 -5.85 -14.66
N ARG A 73 -4.70 -5.57 -13.78
CA ARG A 73 -4.45 -5.53 -12.35
C ARG A 73 -5.40 -6.48 -11.65
N HIS A 74 -4.82 -7.48 -10.99
CA HIS A 74 -5.60 -8.54 -10.36
C HIS A 74 -5.56 -8.42 -8.82
N LYS A 75 -6.71 -8.20 -8.17
CA LYS A 75 -6.81 -8.33 -6.68
C LYS A 75 -6.01 -9.52 -6.17
N VAL A 76 -5.05 -9.23 -5.30
CA VAL A 76 -4.26 -10.27 -4.64
C VAL A 76 -4.60 -10.32 -3.17
N ARG A 77 -4.70 -9.14 -2.60
CA ARG A 77 -4.74 -8.99 -1.18
C ARG A 77 -5.51 -7.72 -0.83
N GLU A 78 -6.31 -7.78 0.22
CA GLU A 78 -7.09 -6.62 0.65
C GLU A 78 -7.32 -6.66 2.14
N GLU A 79 -7.06 -5.55 2.81
CA GLU A 79 -7.26 -5.48 4.24
C GLU A 79 -7.33 -4.06 4.74
N VAL A 80 -8.26 -3.82 5.65
CA VAL A 80 -8.41 -2.50 6.21
C VAL A 80 -7.54 -2.35 7.43
N VAL A 81 -6.73 -1.30 7.44
CA VAL A 81 -5.84 -1.04 8.56
C VAL A 81 -5.84 0.41 8.93
N THR A 82 -6.02 0.62 10.20
CA THR A 82 -5.90 1.90 10.82
C THR A 82 -4.47 2.09 11.29
N VAL A 83 -3.93 3.23 10.97
CA VAL A 83 -2.55 3.52 11.26
C VAL A 83 -2.42 4.29 12.56
N GLY A 84 -1.39 4.00 13.33
CA GLY A 84 -1.18 4.66 14.59
C GLY A 84 0.29 5.02 14.77
N ASN A 85 0.62 5.90 15.71
CA ASN A 85 2.02 6.31 15.91
C ASN A 85 2.07 7.30 17.07
N SER A 86 1.07 7.25 17.93
CA SER A 86 0.92 8.28 18.96
C SER A 86 0.08 7.75 20.12
N ASN A 1 13.37 8.71 1.98
CA ASN A 1 13.46 9.46 3.24
C ASN A 1 13.80 10.93 2.99
N ALA A 2 12.95 11.58 2.21
CA ALA A 2 13.11 13.00 1.91
C ALA A 2 11.80 13.69 2.26
N SER A 3 11.28 13.39 3.45
CA SER A 3 9.89 13.69 3.74
C SER A 3 9.73 15.19 4.14
N THR A 4 9.17 16.09 3.28
CA THR A 4 8.95 17.48 3.77
C THR A 4 7.53 17.97 3.45
N GLY A 5 6.81 17.25 2.61
CA GLY A 5 5.39 17.53 2.41
C GLY A 5 4.57 16.64 3.30
N GLN A 6 4.86 15.35 3.23
CA GLN A 6 4.34 14.40 4.18
C GLN A 6 5.45 14.04 5.14
N GLU A 7 5.47 14.67 6.29
CA GLU A 7 6.39 14.25 7.35
C GLU A 7 5.78 13.58 8.57
N ALA A 8 4.53 13.23 8.51
CA ALA A 8 3.86 12.61 9.63
C ALA A 8 3.69 11.13 9.37
N LEU A 9 4.73 10.58 8.83
CA LEU A 9 4.67 9.35 8.09
C LEU A 9 4.88 8.11 8.92
N SER A 10 4.06 7.12 8.61
CA SER A 10 4.21 5.79 9.17
C SER A 10 4.57 4.84 8.04
N GLN A 11 5.22 3.74 8.38
CA GLN A 11 5.59 2.76 7.37
C GLN A 11 4.95 1.43 7.65
N THR A 12 4.03 1.04 6.79
CA THR A 12 3.40 -0.26 6.90
C THR A 12 4.06 -1.24 5.97
N THR A 13 4.93 -2.02 6.55
CA THR A 13 5.50 -3.14 5.87
C THR A 13 4.45 -4.23 5.75
N ILE A 14 4.05 -4.51 4.53
CA ILE A 14 2.98 -5.45 4.26
C ILE A 14 3.44 -6.49 3.27
N SER A 15 3.15 -7.73 3.61
CA SER A 15 3.56 -8.85 2.81
C SER A 15 2.36 -9.54 2.22
N TRP A 16 2.58 -10.18 1.09
CA TRP A 16 1.54 -10.93 0.42
C TRP A 16 2.16 -12.11 -0.24
N ALA A 17 1.31 -13.02 -0.64
CA ALA A 17 1.75 -14.23 -1.21
C ALA A 17 1.99 -14.06 -2.67
N PRO A 18 3.09 -14.64 -3.12
CA PRO A 18 3.53 -14.57 -4.50
C PRO A 18 2.43 -14.94 -5.45
N PHE A 19 2.23 -14.09 -6.44
CA PHE A 19 1.20 -14.29 -7.41
C PHE A 19 1.75 -15.08 -8.61
N GLN A 20 2.43 -14.41 -9.55
CA GLN A 20 3.11 -15.11 -10.68
C GLN A 20 3.56 -14.15 -11.75
N ASP A 21 4.86 -14.07 -11.80
CA ASP A 21 5.62 -13.30 -12.76
C ASP A 21 5.03 -11.94 -13.03
N THR A 22 4.62 -11.28 -12.01
CA THR A 22 3.94 -10.03 -12.12
C THR A 22 4.90 -8.94 -12.56
N SER A 23 4.41 -8.02 -13.39
CA SER A 23 5.20 -6.87 -13.80
C SER A 23 5.28 -5.85 -12.66
N GLU A 24 4.19 -5.73 -11.92
CA GLU A 24 4.08 -4.79 -10.81
C GLU A 24 3.04 -5.23 -9.80
N TYR A 25 3.16 -4.75 -8.60
CA TYR A 25 2.12 -4.93 -7.59
C TYR A 25 1.72 -3.58 -7.08
N ILE A 26 0.54 -3.14 -7.48
CA ILE A 26 0.06 -1.84 -7.07
C ILE A 26 -0.75 -1.97 -5.81
N ILE A 27 -0.32 -1.26 -4.79
CA ILE A 27 -0.98 -1.30 -3.51
C ILE A 27 -1.79 -0.04 -3.35
N SER A 28 -3.09 -0.20 -3.43
CA SER A 28 -4.01 0.92 -3.41
C SER A 28 -4.56 1.10 -2.01
N CYS A 29 -3.92 1.98 -1.28
CA CYS A 29 -4.37 2.33 0.06
C CYS A 29 -5.45 3.39 0.02
N HIS A 30 -6.69 2.94 0.16
CA HIS A 30 -7.85 3.84 0.14
C HIS A 30 -8.18 4.29 1.57
N PRO A 31 -8.01 5.58 1.83
CA PRO A 31 -8.27 6.16 3.15
C PRO A 31 -9.74 6.17 3.51
N VAL A 32 -9.97 5.80 4.74
CA VAL A 32 -11.28 5.77 5.34
C VAL A 32 -11.38 6.91 6.35
N GLY A 33 -12.48 7.62 6.35
CA GLY A 33 -12.65 8.73 7.27
C GLY A 33 -12.41 10.06 6.60
N THR A 34 -11.39 10.10 5.75
CA THR A 34 -11.06 11.29 5.00
C THR A 34 -11.57 11.22 3.59
N ASP A 35 -11.39 12.32 2.86
CA ASP A 35 -11.65 12.35 1.45
C ASP A 35 -10.35 12.27 0.68
N GLU A 36 -9.34 11.72 1.32
CA GLU A 36 -8.03 11.62 0.71
C GLU A 36 -8.00 10.58 -0.37
N GLU A 37 -6.97 10.69 -1.17
CA GLU A 37 -6.83 9.88 -2.33
C GLU A 37 -6.14 8.58 -1.95
N PRO A 38 -6.41 7.53 -2.72
CA PRO A 38 -5.78 6.25 -2.53
C PRO A 38 -4.30 6.32 -2.83
N LEU A 39 -3.50 6.07 -1.81
CA LEU A 39 -2.07 6.03 -1.97
C LEU A 39 -1.70 4.78 -2.71
N GLN A 40 -1.22 4.97 -3.91
CA GLN A 40 -0.88 3.85 -4.75
C GLN A 40 0.61 3.66 -4.82
N PHE A 41 1.00 2.52 -4.33
CA PHE A 41 2.41 2.16 -4.29
C PHE A 41 2.70 1.08 -5.32
N ARG A 42 3.76 1.29 -6.08
CA ARG A 42 4.14 0.40 -7.16
C ARG A 42 5.44 -0.31 -6.82
N VAL A 43 5.37 -1.60 -6.58
CA VAL A 43 6.55 -2.38 -6.29
C VAL A 43 6.82 -3.39 -7.39
N PRO A 44 8.08 -3.80 -7.49
CA PRO A 44 8.55 -4.74 -8.50
C PRO A 44 7.71 -6.01 -8.53
N GLY A 45 7.48 -6.54 -9.73
CA GLY A 45 6.55 -7.61 -9.92
C GLY A 45 6.96 -8.94 -9.33
N THR A 46 8.17 -9.05 -8.84
CA THR A 46 8.59 -10.27 -8.18
C THR A 46 8.52 -10.13 -6.65
N SER A 47 8.50 -8.89 -6.17
CA SER A 47 8.41 -8.60 -4.74
C SER A 47 7.12 -9.12 -4.13
N THR A 48 7.20 -9.61 -2.90
CA THR A 48 6.03 -10.11 -2.21
C THR A 48 5.84 -9.41 -0.87
N SER A 49 6.55 -8.30 -0.68
CA SER A 49 6.44 -7.50 0.54
C SER A 49 6.91 -6.09 0.26
N ALA A 50 6.29 -5.12 0.91
CA ALA A 50 6.66 -3.72 0.73
C ALA A 50 6.44 -2.91 1.96
N THR A 51 7.40 -2.07 2.23
CA THR A 51 7.32 -1.12 3.28
C THR A 51 6.69 0.16 2.79
N LEU A 52 5.48 0.37 3.23
CA LEU A 52 4.68 1.47 2.77
C LEU A 52 4.91 2.74 3.56
N THR A 53 5.75 3.60 3.00
CA THR A 53 6.05 4.90 3.57
C THR A 53 5.08 5.95 3.04
N GLY A 54 4.36 6.58 3.95
CA GLY A 54 3.54 7.72 3.58
C GLY A 54 2.18 7.74 4.25
N LEU A 55 1.71 6.57 4.69
CA LEU A 55 0.44 6.46 5.38
C LEU A 55 0.37 7.39 6.58
N THR A 56 -0.67 8.23 6.58
CA THR A 56 -0.94 9.13 7.66
C THR A 56 -1.40 8.33 8.86
N ARG A 57 -1.00 8.80 10.01
CA ARG A 57 -1.08 8.02 11.21
C ARG A 57 -2.20 8.48 12.10
N GLY A 58 -2.96 7.50 12.53
CA GLY A 58 -4.19 7.76 13.22
C GLY A 58 -5.33 7.82 12.23
N ALA A 59 -5.11 7.21 11.07
CA ALA A 59 -6.07 7.20 9.99
C ALA A 59 -6.15 5.81 9.39
N THR A 60 -7.30 5.53 8.85
CA THR A 60 -7.62 4.23 8.36
C THR A 60 -7.40 4.13 6.86
N TYR A 61 -6.77 3.04 6.43
CA TYR A 61 -6.51 2.80 5.03
C TYR A 61 -6.95 1.39 4.65
N ASN A 62 -7.79 1.30 3.63
CA ASN A 62 -8.13 0.01 3.05
C ASN A 62 -7.06 -0.35 2.04
N ILE A 63 -6.20 -1.25 2.46
CA ILE A 63 -5.03 -1.61 1.70
C ILE A 63 -5.34 -2.74 0.75
N ILE A 64 -5.26 -2.42 -0.53
CA ILE A 64 -5.57 -3.38 -1.58
C ILE A 64 -4.35 -3.58 -2.46
N VAL A 65 -4.04 -4.82 -2.80
CA VAL A 65 -2.88 -5.09 -3.62
C VAL A 65 -3.32 -5.76 -4.91
N GLU A 66 -3.02 -5.11 -6.02
CA GLU A 66 -3.40 -5.62 -7.32
C GLU A 66 -2.17 -5.86 -8.17
N ALA A 67 -2.13 -7.04 -8.75
CA ALA A 67 -0.99 -7.49 -9.53
C ALA A 67 -1.08 -7.03 -10.96
N LEU A 68 -0.15 -6.17 -11.33
CA LEU A 68 -0.07 -5.67 -12.68
C LEU A 68 0.60 -6.72 -13.57
N LYS A 69 -0.20 -7.40 -14.36
CA LYS A 69 0.26 -8.48 -15.21
C LYS A 69 -0.36 -8.25 -16.56
N ASP A 70 0.44 -7.88 -17.55
CA ASP A 70 -0.06 -7.63 -18.92
C ASP A 70 -1.24 -6.63 -18.97
N GLN A 71 -0.89 -5.37 -18.86
CA GLN A 71 -1.84 -4.25 -18.73
C GLN A 71 -2.82 -4.35 -17.54
N GLN A 72 -3.05 -5.53 -17.00
CA GLN A 72 -4.16 -5.71 -16.07
C GLN A 72 -3.70 -5.90 -14.63
N ARG A 73 -4.60 -5.62 -13.69
CA ARG A 73 -4.29 -5.72 -12.28
C ARG A 73 -5.23 -6.72 -11.59
N HIS A 74 -4.64 -7.72 -10.94
CA HIS A 74 -5.43 -8.76 -10.26
C HIS A 74 -5.46 -8.51 -8.74
N LYS A 75 -6.65 -8.46 -8.12
CA LYS A 75 -6.74 -8.47 -6.63
C LYS A 75 -5.91 -9.62 -6.07
N VAL A 76 -4.94 -9.29 -5.23
CA VAL A 76 -4.13 -10.30 -4.55
C VAL A 76 -4.49 -10.33 -3.07
N ARG A 77 -4.52 -9.16 -2.47
CA ARG A 77 -4.82 -9.03 -1.07
C ARG A 77 -5.55 -7.73 -0.79
N GLU A 78 -6.41 -7.72 0.22
CA GLU A 78 -7.13 -6.53 0.61
C GLU A 78 -7.41 -6.57 2.11
N GLU A 79 -7.19 -5.44 2.78
CA GLU A 79 -7.41 -5.37 4.21
C GLU A 79 -7.54 -3.96 4.69
N VAL A 80 -8.48 -3.74 5.60
CA VAL A 80 -8.67 -2.43 6.15
C VAL A 80 -7.86 -2.30 7.43
N VAL A 81 -6.94 -1.37 7.43
CA VAL A 81 -6.05 -1.17 8.58
C VAL A 81 -6.04 0.27 9.01
N THR A 82 -6.08 0.43 10.29
CA THR A 82 -5.93 1.71 10.92
C THR A 82 -4.51 1.87 11.40
N VAL A 83 -3.89 2.91 10.91
CA VAL A 83 -2.52 3.22 11.24
C VAL A 83 -2.47 3.99 12.56
N GLY A 84 -1.59 3.55 13.46
CA GLY A 84 -1.52 4.16 14.78
C GLY A 84 -0.71 5.46 14.80
N ASN A 85 0.59 5.41 15.15
CA ASN A 85 1.41 6.63 15.15
C ASN A 85 2.85 6.23 14.95
N SER A 86 3.04 5.06 14.37
CA SER A 86 4.35 4.46 14.38
C SER A 86 4.40 3.32 13.39
N ASN A 1 7.38 16.56 7.98
CA ASN A 1 8.13 15.86 6.92
C ASN A 1 9.27 16.76 6.43
N ALA A 2 9.98 16.34 5.38
CA ALA A 2 11.10 17.12 4.79
C ALA A 2 12.35 17.04 5.66
N SER A 3 12.17 16.74 6.93
CA SER A 3 13.28 16.47 7.84
C SER A 3 13.97 15.17 7.41
N THR A 4 15.21 14.90 7.85
CA THR A 4 15.93 13.69 7.32
C THR A 4 15.56 12.46 8.16
N GLY A 5 14.27 12.35 8.48
CA GLY A 5 13.74 11.19 9.15
C GLY A 5 12.27 11.05 8.82
N GLN A 6 11.55 10.11 9.43
CA GLN A 6 10.14 9.96 9.11
C GLN A 6 9.34 10.59 10.22
N GLU A 7 8.93 11.84 9.98
CA GLU A 7 8.29 12.65 11.02
C GLU A 7 6.93 12.16 11.50
N ALA A 8 5.94 12.19 10.66
CA ALA A 8 4.60 11.77 11.05
C ALA A 8 4.15 10.59 10.23
N LEU A 9 5.12 9.99 9.64
CA LEU A 9 4.97 9.09 8.55
C LEU A 9 5.06 7.65 9.00
N SER A 10 3.97 6.94 8.94
CA SER A 10 3.94 5.58 9.40
C SER A 10 4.25 4.66 8.24
N GLN A 11 5.03 3.63 8.49
CA GLN A 11 5.43 2.72 7.45
C GLN A 11 4.75 1.38 7.63
N THR A 12 3.81 1.10 6.75
CA THR A 12 3.13 -0.17 6.77
C THR A 12 3.84 -1.16 5.87
N THR A 13 4.63 -1.98 6.50
CA THR A 13 5.22 -3.10 5.82
C THR A 13 4.13 -4.13 5.58
N ILE A 14 3.69 -4.21 4.35
CA ILE A 14 2.64 -5.15 4.00
C ILE A 14 3.18 -6.17 3.06
N SER A 15 2.93 -7.40 3.41
CA SER A 15 3.45 -8.51 2.66
C SER A 15 2.30 -9.38 2.16
N TRP A 16 2.49 -9.94 0.99
CA TRP A 16 1.47 -10.71 0.32
C TRP A 16 2.08 -11.95 -0.24
N ALA A 17 1.24 -12.87 -0.59
CA ALA A 17 1.68 -14.11 -1.08
C ALA A 17 1.94 -14.03 -2.56
N PRO A 18 3.07 -14.60 -2.95
CA PRO A 18 3.55 -14.58 -4.32
C PRO A 18 2.49 -15.00 -5.31
N PHE A 19 2.21 -14.13 -6.24
CA PHE A 19 1.24 -14.41 -7.25
C PHE A 19 1.88 -15.21 -8.38
N GLN A 20 2.45 -14.53 -9.38
CA GLN A 20 3.18 -15.22 -10.48
C GLN A 20 3.54 -14.28 -11.59
N ASP A 21 4.83 -14.12 -11.67
CA ASP A 21 5.51 -13.34 -12.68
C ASP A 21 4.84 -12.02 -12.97
N THR A 22 4.47 -11.34 -11.93
CA THR A 22 3.79 -10.08 -12.02
C THR A 22 4.74 -9.01 -12.55
N SER A 23 4.22 -8.07 -13.33
CA SER A 23 5.03 -6.99 -13.84
C SER A 23 5.22 -5.97 -12.74
N GLU A 24 4.13 -5.72 -12.01
CA GLU A 24 4.10 -4.74 -10.94
C GLU A 24 3.02 -5.05 -9.94
N TYR A 25 3.31 -4.82 -8.68
CA TYR A 25 2.28 -4.95 -7.65
C TYR A 25 1.91 -3.57 -7.17
N ILE A 26 0.78 -3.07 -7.66
CA ILE A 26 0.33 -1.76 -7.27
C ILE A 26 -0.53 -1.87 -6.03
N ILE A 27 -0.06 -1.23 -4.99
CA ILE A 27 -0.76 -1.26 -3.72
C ILE A 27 -1.53 0.02 -3.56
N SER A 28 -2.83 -0.11 -3.43
CA SER A 28 -3.67 1.02 -3.19
C SER A 28 -3.98 1.13 -1.72
N CYS A 29 -4.17 2.35 -1.28
CA CYS A 29 -4.47 2.64 0.10
C CYS A 29 -5.57 3.69 0.19
N HIS A 30 -6.79 3.24 0.41
CA HIS A 30 -7.93 4.15 0.46
C HIS A 30 -8.25 4.56 1.89
N PRO A 31 -8.04 5.82 2.18
CA PRO A 31 -8.29 6.38 3.51
C PRO A 31 -9.76 6.42 3.87
N VAL A 32 -10.01 5.80 4.99
CA VAL A 32 -11.33 5.71 5.57
C VAL A 32 -11.43 6.76 6.68
N GLY A 33 -12.55 7.45 6.76
CA GLY A 33 -12.71 8.47 7.79
C GLY A 33 -12.46 9.85 7.24
N THR A 34 -11.46 9.95 6.38
CA THR A 34 -11.14 11.20 5.71
C THR A 34 -11.68 11.20 4.30
N ASP A 35 -11.59 12.36 3.66
CA ASP A 35 -11.92 12.48 2.26
C ASP A 35 -10.65 12.47 1.43
N GLU A 36 -9.59 11.92 2.01
CA GLU A 36 -8.31 11.85 1.35
C GLU A 36 -8.30 10.84 0.24
N GLU A 37 -7.27 10.93 -0.56
CA GLU A 37 -7.16 10.17 -1.75
C GLU A 37 -6.30 8.95 -1.50
N PRO A 38 -6.54 7.91 -2.28
CA PRO A 38 -5.83 6.63 -2.18
C PRO A 38 -4.42 6.73 -2.72
N LEU A 39 -3.51 6.13 -1.98
CA LEU A 39 -2.11 6.14 -2.30
C LEU A 39 -1.82 4.93 -3.14
N GLN A 40 -0.92 5.06 -4.08
CA GLN A 40 -0.56 3.93 -4.89
C GLN A 40 0.92 3.74 -4.94
N PHE A 41 1.30 2.56 -4.56
CA PHE A 41 2.70 2.18 -4.51
C PHE A 41 3.00 1.12 -5.55
N ARG A 42 4.09 1.32 -6.27
CA ARG A 42 4.51 0.40 -7.32
C ARG A 42 5.77 -0.35 -6.89
N VAL A 43 5.66 -1.64 -6.69
CA VAL A 43 6.82 -2.46 -6.40
C VAL A 43 7.00 -3.51 -7.46
N PRO A 44 8.24 -3.96 -7.61
CA PRO A 44 8.65 -4.94 -8.61
C PRO A 44 7.76 -6.19 -8.60
N GLY A 45 7.48 -6.72 -9.78
CA GLY A 45 6.53 -7.80 -9.91
C GLY A 45 6.97 -9.12 -9.32
N THR A 46 8.21 -9.21 -8.87
CA THR A 46 8.66 -10.43 -8.23
C THR A 46 8.64 -10.29 -6.70
N SER A 47 8.63 -9.04 -6.21
CA SER A 47 8.56 -8.73 -4.78
C SER A 47 7.24 -9.19 -4.16
N THR A 48 7.27 -9.59 -2.90
CA THR A 48 6.07 -10.03 -2.23
C THR A 48 5.84 -9.27 -0.92
N SER A 49 6.57 -8.19 -0.73
CA SER A 49 6.44 -7.39 0.49
C SER A 49 6.95 -5.98 0.26
N ALA A 50 6.31 -5.00 0.88
CA ALA A 50 6.71 -3.60 0.74
C ALA A 50 6.42 -2.80 1.99
N THR A 51 7.39 -2.01 2.34
CA THR A 51 7.27 -1.08 3.41
C THR A 51 6.72 0.24 2.92
N LEU A 52 5.49 0.48 3.29
CA LEU A 52 4.76 1.64 2.81
C LEU A 52 4.94 2.86 3.71
N THR A 53 5.90 3.71 3.34
CA THR A 53 6.12 4.99 3.99
C THR A 53 5.13 6.03 3.51
N GLY A 54 4.50 6.73 4.43
CA GLY A 54 3.71 7.88 4.06
C GLY A 54 2.30 7.86 4.62
N LEU A 55 1.85 6.68 5.03
CA LEU A 55 0.52 6.55 5.61
C LEU A 55 0.39 7.38 6.88
N THR A 56 -0.59 8.28 6.85
CA THR A 56 -0.95 9.09 7.99
C THR A 56 -1.46 8.22 9.11
N ARG A 57 -1.17 8.63 10.32
CA ARG A 57 -1.39 7.80 11.47
C ARG A 57 -2.57 8.25 12.28
N GLY A 58 -3.34 7.27 12.66
CA GLY A 58 -4.61 7.50 13.29
C GLY A 58 -5.73 7.41 12.28
N ALA A 59 -5.33 7.27 11.03
CA ALA A 59 -6.24 7.15 9.92
C ALA A 59 -6.29 5.74 9.42
N THR A 60 -7.46 5.37 9.01
CA THR A 60 -7.74 4.06 8.51
C THR A 60 -7.52 4.02 7.01
N TYR A 61 -6.91 2.96 6.52
CA TYR A 61 -6.66 2.82 5.10
C TYR A 61 -7.02 1.42 4.61
N ASN A 62 -7.86 1.35 3.59
CA ASN A 62 -8.17 0.09 2.95
C ASN A 62 -7.10 -0.19 1.90
N ILE A 63 -6.23 -1.09 2.26
CA ILE A 63 -5.08 -1.40 1.45
C ILE A 63 -5.40 -2.55 0.50
N ILE A 64 -5.22 -2.30 -0.78
CA ILE A 64 -5.54 -3.26 -1.81
C ILE A 64 -4.33 -3.46 -2.72
N VAL A 65 -3.91 -4.71 -2.84
CA VAL A 65 -2.73 -5.02 -3.63
C VAL A 65 -3.15 -5.71 -4.92
N GLU A 66 -2.77 -5.13 -6.04
CA GLU A 66 -3.14 -5.68 -7.33
C GLU A 66 -1.92 -6.03 -8.16
N ALA A 67 -2.02 -7.14 -8.87
CA ALA A 67 -0.96 -7.62 -9.72
C ALA A 67 -1.14 -7.17 -11.14
N LEU A 68 -0.23 -6.32 -11.56
CA LEU A 68 -0.16 -5.89 -12.94
C LEU A 68 0.51 -6.98 -13.73
N LYS A 69 -0.30 -7.74 -14.42
CA LYS A 69 0.15 -8.93 -15.11
C LYS A 69 -0.51 -8.99 -16.48
N ASP A 70 0.21 -8.49 -17.49
CA ASP A 70 -0.33 -8.47 -18.87
C ASP A 70 -1.49 -7.48 -19.00
N GLN A 71 -1.15 -6.21 -18.96
CA GLN A 71 -2.08 -5.08 -18.98
C GLN A 71 -3.25 -5.17 -17.97
N GLN A 72 -3.33 -6.24 -17.21
CA GLN A 72 -4.43 -6.42 -16.27
C GLN A 72 -3.96 -6.38 -14.84
N ARG A 73 -4.90 -6.10 -13.95
CA ARG A 73 -4.63 -6.01 -12.53
C ARG A 73 -5.56 -6.92 -11.75
N HIS A 74 -4.97 -7.88 -11.06
CA HIS A 74 -5.76 -8.83 -10.25
C HIS A 74 -5.48 -8.58 -8.76
N LYS A 75 -6.52 -8.44 -7.91
CA LYS A 75 -6.24 -8.28 -6.47
C LYS A 75 -5.64 -9.53 -5.89
N VAL A 76 -4.62 -9.27 -5.14
CA VAL A 76 -3.85 -10.28 -4.46
C VAL A 76 -4.19 -10.29 -2.99
N ARG A 77 -4.56 -9.11 -2.51
CA ARG A 77 -4.81 -8.92 -1.12
C ARG A 77 -5.58 -7.63 -0.89
N GLU A 78 -6.57 -7.70 -0.02
CA GLU A 78 -7.34 -6.53 0.37
C GLU A 78 -7.48 -6.52 1.87
N GLU A 79 -7.18 -5.40 2.50
CA GLU A 79 -7.24 -5.33 3.95
C GLU A 79 -7.33 -3.92 4.45
N VAL A 80 -8.24 -3.71 5.38
CA VAL A 80 -8.42 -2.40 5.94
C VAL A 80 -7.61 -2.27 7.21
N VAL A 81 -6.65 -1.38 7.20
CA VAL A 81 -5.77 -1.19 8.34
C VAL A 81 -5.80 0.21 8.84
N THR A 82 -5.96 0.30 10.13
CA THR A 82 -5.78 1.53 10.86
C THR A 82 -4.31 1.72 11.17
N VAL A 83 -3.80 2.84 10.72
CA VAL A 83 -2.38 3.13 10.79
C VAL A 83 -1.99 3.72 12.14
N GLY A 84 -0.98 3.13 12.75
CA GLY A 84 -0.45 3.65 13.99
C GLY A 84 -0.81 2.79 15.19
N ASN A 85 -1.92 3.09 15.87
CA ASN A 85 -2.30 2.36 17.10
C ASN A 85 -3.50 3.04 17.71
N SER A 86 -4.30 3.69 16.88
CA SER A 86 -5.28 4.63 17.41
C SER A 86 -6.44 4.79 16.44
N ASN A 1 9.51 19.63 5.90
CA ASN A 1 10.25 18.88 6.93
C ASN A 1 11.69 19.37 7.04
N ALA A 2 11.90 20.41 7.85
CA ALA A 2 13.27 20.82 8.20
C ALA A 2 14.02 19.66 8.83
N SER A 3 13.34 18.92 9.70
CA SER A 3 13.87 17.66 10.23
C SER A 3 14.04 16.66 9.05
N THR A 4 15.13 15.86 8.97
CA THR A 4 15.34 15.05 7.73
C THR A 4 14.79 13.64 7.91
N GLY A 5 13.62 13.54 8.54
CA GLY A 5 12.96 12.26 8.67
C GLY A 5 11.60 12.31 8.01
N GLN A 6 10.70 11.37 8.33
CA GLN A 6 9.36 11.43 7.80
C GLN A 6 8.43 12.00 8.85
N GLU A 7 8.03 13.24 8.63
CA GLU A 7 7.46 14.08 9.67
C GLU A 7 6.24 13.51 10.37
N ALA A 8 5.17 13.35 9.66
CA ALA A 8 3.95 12.92 10.29
C ALA A 8 3.50 11.58 9.79
N LEU A 9 4.47 10.90 9.25
CA LEU A 9 4.24 9.77 8.41
C LEU A 9 4.38 8.46 9.14
N SER A 10 3.65 7.46 8.68
CA SER A 10 3.74 6.13 9.22
C SER A 10 3.97 5.14 8.09
N GLN A 11 4.86 4.19 8.33
CA GLN A 11 5.22 3.22 7.32
C GLN A 11 4.59 1.87 7.63
N THR A 12 3.88 1.33 6.65
CA THR A 12 3.31 0.01 6.78
C THR A 12 4.01 -0.95 5.86
N THR A 13 4.92 -1.70 6.44
CA THR A 13 5.52 -2.81 5.77
C THR A 13 4.50 -3.94 5.66
N ILE A 14 4.04 -4.18 4.45
CA ILE A 14 2.99 -5.15 4.23
C ILE A 14 3.43 -6.20 3.24
N SER A 15 3.14 -7.43 3.58
CA SER A 15 3.50 -8.54 2.73
C SER A 15 2.25 -9.21 2.18
N TRP A 16 2.40 -9.78 1.01
CA TRP A 16 1.34 -10.50 0.34
C TRP A 16 1.90 -11.77 -0.18
N ALA A 17 1.02 -12.65 -0.55
CA ALA A 17 1.44 -13.92 -0.99
C ALA A 17 1.68 -13.89 -2.46
N PRO A 18 2.81 -14.48 -2.84
CA PRO A 18 3.30 -14.48 -4.20
C PRO A 18 2.23 -14.89 -5.18
N PHE A 19 1.93 -13.99 -6.09
CA PHE A 19 0.95 -14.28 -7.11
C PHE A 19 1.60 -15.08 -8.22
N GLN A 20 2.35 -14.40 -9.10
CA GLN A 20 3.24 -15.08 -10.10
C GLN A 20 3.53 -14.18 -11.26
N ASP A 21 4.82 -14.13 -11.45
CA ASP A 21 5.48 -13.42 -12.51
C ASP A 21 4.84 -12.09 -12.85
N THR A 22 4.49 -11.34 -11.82
CA THR A 22 3.86 -10.07 -11.97
C THR A 22 4.86 -9.05 -12.54
N SER A 23 4.38 -8.20 -13.42
CA SER A 23 5.19 -7.11 -13.94
C SER A 23 5.34 -6.00 -12.90
N GLU A 24 4.27 -5.78 -12.12
CA GLU A 24 4.28 -4.80 -11.07
C GLU A 24 3.13 -5.01 -10.10
N TYR A 25 3.39 -4.82 -8.83
CA TYR A 25 2.33 -4.89 -7.83
C TYR A 25 1.95 -3.48 -7.42
N ILE A 26 0.80 -3.04 -7.87
CA ILE A 26 0.31 -1.74 -7.47
C ILE A 26 -0.56 -1.87 -6.24
N ILE A 27 -0.15 -1.22 -5.19
CA ILE A 27 -0.90 -1.25 -3.96
C ILE A 27 -1.70 0.03 -3.87
N SER A 28 -2.96 -0.13 -3.54
CA SER A 28 -3.87 0.98 -3.50
C SER A 28 -4.45 1.14 -2.10
N CYS A 29 -3.87 2.05 -1.35
CA CYS A 29 -4.28 2.30 0.02
C CYS A 29 -5.41 3.33 0.08
N HIS A 30 -6.62 2.85 0.26
CA HIS A 30 -7.79 3.73 0.30
C HIS A 30 -8.10 4.17 1.72
N PRO A 31 -7.94 5.46 2.00
CA PRO A 31 -8.18 6.02 3.33
C PRO A 31 -9.65 6.13 3.66
N VAL A 32 -9.94 5.68 4.86
CA VAL A 32 -11.26 5.76 5.43
C VAL A 32 -11.27 6.83 6.52
N GLY A 33 -12.28 7.67 6.54
CA GLY A 33 -12.36 8.73 7.54
C GLY A 33 -11.92 10.07 6.97
N THR A 34 -10.86 10.04 6.19
CA THR A 34 -10.40 11.22 5.49
C THR A 34 -10.89 11.23 4.06
N ASP A 35 -10.68 12.35 3.40
CA ASP A 35 -10.94 12.45 1.99
C ASP A 35 -9.64 12.30 1.21
N GLU A 36 -8.64 11.71 1.87
CA GLU A 36 -7.35 11.47 1.23
C GLU A 36 -7.50 10.52 0.09
N GLU A 37 -6.50 10.54 -0.75
CA GLU A 37 -6.51 9.77 -1.94
C GLU A 37 -5.82 8.45 -1.67
N PRO A 38 -6.16 7.44 -2.47
CA PRO A 38 -5.52 6.14 -2.39
C PRO A 38 -4.07 6.24 -2.79
N LEU A 39 -3.21 5.93 -1.84
CA LEU A 39 -1.80 5.91 -2.10
C LEU A 39 -1.48 4.71 -2.93
N GLN A 40 -0.99 4.96 -4.11
CA GLN A 40 -0.68 3.88 -5.01
C GLN A 40 0.80 3.66 -5.09
N PHE A 41 1.19 2.52 -4.60
CA PHE A 41 2.59 2.12 -4.53
C PHE A 41 2.87 1.04 -5.56
N ARG A 42 3.97 1.21 -6.27
CA ARG A 42 4.35 0.30 -7.32
C ARG A 42 5.68 -0.39 -6.99
N VAL A 43 5.61 -1.68 -6.71
CA VAL A 43 6.81 -2.45 -6.41
C VAL A 43 7.00 -3.54 -7.46
N PRO A 44 8.25 -3.95 -7.61
CA PRO A 44 8.68 -4.96 -8.58
C PRO A 44 7.79 -6.20 -8.55
N GLY A 45 7.53 -6.77 -9.73
CA GLY A 45 6.55 -7.83 -9.86
C GLY A 45 6.95 -9.15 -9.22
N THR A 46 8.18 -9.25 -8.75
CA THR A 46 8.58 -10.45 -8.05
C THR A 46 8.55 -10.25 -6.53
N SER A 47 8.57 -8.97 -6.10
CA SER A 47 8.50 -8.61 -4.69
C SER A 47 7.18 -9.04 -4.06
N THR A 48 7.24 -9.46 -2.81
CA THR A 48 6.06 -9.89 -2.09
C THR A 48 5.88 -9.12 -0.77
N SER A 49 6.62 -8.02 -0.64
CA SER A 49 6.54 -7.18 0.55
C SER A 49 6.98 -5.76 0.23
N ALA A 50 6.31 -4.78 0.84
CA ALA A 50 6.62 -3.38 0.61
C ALA A 50 6.38 -2.55 1.84
N THR A 51 7.35 -1.72 2.11
CA THR A 51 7.23 -0.73 3.15
C THR A 51 6.53 0.49 2.62
N LEU A 52 5.33 0.68 3.10
CA LEU A 52 4.49 1.75 2.63
C LEU A 52 4.65 3.02 3.47
N THR A 53 5.51 3.90 2.98
CA THR A 53 5.74 5.20 3.61
C THR A 53 4.70 6.21 3.16
N GLY A 54 4.01 6.82 4.11
CA GLY A 54 3.14 7.91 3.77
C GLY A 54 1.79 7.87 4.45
N LEU A 55 1.37 6.70 4.93
CA LEU A 55 0.09 6.56 5.60
C LEU A 55 -0.02 7.46 6.82
N THR A 56 -1.15 8.16 6.92
CA THR A 56 -1.42 9.01 8.05
C THR A 56 -1.84 8.19 9.25
N ARG A 57 -0.92 8.12 10.18
CA ARG A 57 -1.13 7.48 11.44
C ARG A 57 -2.34 8.02 12.17
N GLY A 58 -3.12 7.07 12.64
CA GLY A 58 -4.34 7.36 13.34
C GLY A 58 -5.52 7.42 12.40
N ALA A 59 -5.30 6.99 11.18
CA ALA A 59 -6.33 6.90 10.16
C ALA A 59 -6.41 5.50 9.64
N THR A 60 -7.52 5.23 9.02
CA THR A 60 -7.86 3.93 8.54
C THR A 60 -7.58 3.84 7.06
N TYR A 61 -6.92 2.76 6.65
CA TYR A 61 -6.58 2.58 5.24
C TYR A 61 -6.96 1.18 4.77
N ASN A 62 -7.78 1.13 3.73
CA ASN A 62 -8.12 -0.13 3.09
C ASN A 62 -7.09 -0.42 2.04
N ILE A 63 -6.17 -1.29 2.39
CA ILE A 63 -5.03 -1.59 1.56
C ILE A 63 -5.37 -2.70 0.57
N ILE A 64 -5.40 -2.33 -0.70
CA ILE A 64 -5.71 -3.27 -1.75
C ILE A 64 -4.51 -3.43 -2.67
N VAL A 65 -4.14 -4.66 -2.95
CA VAL A 65 -2.96 -4.93 -3.76
C VAL A 65 -3.38 -5.60 -5.05
N GLU A 66 -3.03 -4.99 -6.17
CA GLU A 66 -3.38 -5.53 -7.46
C GLU A 66 -2.13 -5.85 -8.26
N ALA A 67 -2.16 -6.98 -8.93
CA ALA A 67 -1.02 -7.43 -9.72
C ALA A 67 -1.13 -7.00 -11.16
N LEU A 68 -0.19 -6.18 -11.58
CA LEU A 68 -0.10 -5.79 -12.97
C LEU A 68 0.53 -6.94 -13.73
N LYS A 69 -0.31 -7.69 -14.41
CA LYS A 69 0.11 -8.89 -15.08
C LYS A 69 -0.65 -8.97 -16.39
N ASP A 70 0.07 -9.23 -17.49
CA ASP A 70 -0.55 -9.10 -18.83
C ASP A 70 -1.47 -7.88 -18.96
N GLN A 71 -0.86 -6.69 -18.96
CA GLN A 71 -1.55 -5.40 -19.06
C GLN A 71 -2.58 -5.10 -17.96
N GLN A 72 -3.10 -6.09 -17.26
CA GLN A 72 -4.20 -5.86 -16.34
C GLN A 72 -3.80 -6.07 -14.90
N ARG A 73 -4.64 -5.59 -14.00
CA ARG A 73 -4.37 -5.63 -12.58
C ARG A 73 -5.36 -6.54 -11.86
N HIS A 74 -4.83 -7.53 -11.16
CA HIS A 74 -5.65 -8.53 -10.50
C HIS A 74 -5.59 -8.40 -8.96
N LYS A 75 -6.75 -8.36 -8.28
CA LYS A 75 -6.80 -8.40 -6.79
C LYS A 75 -5.90 -9.51 -6.24
N VAL A 76 -4.97 -9.12 -5.39
CA VAL A 76 -4.10 -10.07 -4.70
C VAL A 76 -4.45 -10.11 -3.23
N ARG A 77 -4.57 -8.93 -2.64
CA ARG A 77 -4.84 -8.80 -1.23
C ARG A 77 -5.65 -7.54 -0.98
N GLU A 78 -6.61 -7.65 -0.08
CA GLU A 78 -7.36 -6.50 0.38
C GLU A 78 -7.55 -6.60 1.88
N GLU A 79 -7.22 -5.55 2.59
CA GLU A 79 -7.37 -5.54 4.04
C GLU A 79 -7.37 -4.14 4.59
N VAL A 80 -8.28 -3.91 5.52
CA VAL A 80 -8.38 -2.61 6.11
C VAL A 80 -7.51 -2.54 7.35
N VAL A 81 -6.62 -1.59 7.38
CA VAL A 81 -5.75 -1.40 8.52
C VAL A 81 -5.81 0.01 9.04
N THR A 82 -5.89 0.08 10.33
CA THR A 82 -5.69 1.31 11.05
C THR A 82 -4.22 1.45 11.35
N VAL A 83 -3.68 2.57 10.96
CA VAL A 83 -2.26 2.80 11.04
C VAL A 83 -1.93 3.52 12.33
N GLY A 84 -1.43 2.80 13.31
CA GLY A 84 -1.18 3.38 14.59
C GLY A 84 -0.10 2.65 15.36
N ASN A 85 0.19 3.11 16.59
CA ASN A 85 1.27 2.54 17.38
C ASN A 85 1.19 3.03 18.82
N SER A 86 0.55 4.18 19.04
CA SER A 86 0.67 4.89 20.30
C SER A 86 -0.23 6.12 20.29
N ASN A 1 0.83 17.60 5.60
CA ASN A 1 1.02 18.37 4.36
C ASN A 1 1.78 19.67 4.66
N ALA A 2 1.93 20.56 3.65
CA ALA A 2 2.67 21.83 3.79
C ALA A 2 4.18 21.59 3.78
N SER A 3 4.55 20.39 4.18
CA SER A 3 5.94 19.93 4.07
C SER A 3 6.10 19.26 2.69
N THR A 4 7.34 19.05 2.21
CA THR A 4 7.50 18.47 0.84
C THR A 4 7.59 16.95 0.92
N GLY A 5 6.94 16.40 1.95
CA GLY A 5 6.86 14.97 2.15
C GLY A 5 6.09 14.70 3.43
N GLN A 6 5.72 13.45 3.68
CA GLN A 6 5.04 13.13 4.93
C GLN A 6 6.00 13.14 6.07
N GLU A 7 5.80 14.04 7.00
CA GLU A 7 6.37 13.88 8.31
C GLU A 7 5.37 13.44 9.36
N ALA A 8 4.18 13.09 8.90
CA ALA A 8 3.17 12.56 9.77
C ALA A 8 2.96 11.11 9.41
N LEU A 9 4.08 10.56 9.04
CA LEU A 9 4.17 9.28 8.41
C LEU A 9 4.23 8.10 9.37
N SER A 10 3.70 7.00 8.89
CA SER A 10 3.90 5.70 9.47
C SER A 10 4.30 4.73 8.36
N GLN A 11 4.98 3.65 8.72
CA GLN A 11 5.36 2.66 7.72
C GLN A 11 4.61 1.36 7.94
N THR A 12 3.95 0.90 6.90
CA THR A 12 3.27 -0.37 6.93
C THR A 12 3.95 -1.35 6.01
N THR A 13 4.76 -2.18 6.60
CA THR A 13 5.35 -3.28 5.90
C THR A 13 4.30 -4.36 5.71
N ILE A 14 3.84 -4.49 4.48
CA ILE A 14 2.77 -5.42 4.17
C ILE A 14 3.27 -6.46 3.20
N SER A 15 2.95 -7.70 3.52
CA SER A 15 3.40 -8.82 2.72
C SER A 15 2.22 -9.53 2.09
N TRP A 16 2.51 -10.17 0.98
CA TRP A 16 1.54 -10.98 0.27
C TRP A 16 2.22 -12.15 -0.34
N ALA A 17 1.41 -13.08 -0.75
CA ALA A 17 1.90 -14.26 -1.32
C ALA A 17 2.09 -14.09 -2.80
N PRO A 18 3.20 -14.63 -3.29
CA PRO A 18 3.60 -14.52 -4.67
C PRO A 18 2.48 -14.90 -5.61
N PHE A 19 2.16 -14.01 -6.50
CA PHE A 19 1.07 -14.23 -7.43
C PHE A 19 1.59 -14.80 -8.75
N GLN A 20 2.91 -14.71 -8.94
CA GLN A 20 3.59 -15.36 -10.10
C GLN A 20 3.69 -14.46 -11.28
N ASP A 21 4.93 -14.15 -11.51
CA ASP A 21 5.43 -13.38 -12.61
C ASP A 21 4.67 -12.10 -12.86
N THR A 22 4.36 -11.39 -11.81
CA THR A 22 3.70 -10.12 -11.93
C THR A 22 4.66 -9.09 -12.50
N SER A 23 4.14 -8.24 -13.37
CA SER A 23 4.93 -7.16 -13.97
C SER A 23 5.14 -6.05 -12.94
N GLU A 24 4.11 -5.80 -12.14
CA GLU A 24 4.16 -4.78 -11.13
C GLU A 24 3.12 -5.04 -10.06
N TYR A 25 3.42 -4.75 -8.81
CA TYR A 25 2.40 -4.82 -7.77
C TYR A 25 2.09 -3.41 -7.31
N ILE A 26 0.94 -2.91 -7.71
CA ILE A 26 0.49 -1.62 -7.27
C ILE A 26 -0.40 -1.79 -6.06
N ILE A 27 -0.01 -1.16 -4.98
CA ILE A 27 -0.77 -1.24 -3.75
C ILE A 27 -1.61 0.00 -3.62
N SER A 28 -2.85 -0.18 -3.27
CA SER A 28 -3.80 0.90 -3.27
C SER A 28 -4.41 1.09 -1.88
N CYS A 29 -3.81 1.99 -1.14
CA CYS A 29 -4.29 2.32 0.19
C CYS A 29 -5.46 3.30 0.11
N HIS A 30 -6.68 2.79 0.22
CA HIS A 30 -7.88 3.63 0.15
C HIS A 30 -8.27 4.12 1.54
N PRO A 31 -8.07 5.40 1.78
CA PRO A 31 -8.33 6.04 3.07
C PRO A 31 -9.80 6.02 3.45
N VAL A 32 -10.00 5.61 4.67
CA VAL A 32 -11.31 5.58 5.30
C VAL A 32 -11.38 6.72 6.31
N GLY A 33 -12.51 7.41 6.36
CA GLY A 33 -12.68 8.50 7.32
C GLY A 33 -12.34 9.85 6.71
N THR A 34 -11.28 9.88 5.92
CA THR A 34 -10.87 11.07 5.22
C THR A 34 -11.34 11.04 3.78
N ASP A 35 -11.13 12.15 3.09
CA ASP A 35 -11.35 12.19 1.67
C ASP A 35 -10.03 12.16 0.93
N GLU A 36 -9.05 11.49 1.51
CA GLU A 36 -7.76 11.36 0.87
C GLU A 36 -7.85 10.39 -0.27
N GLU A 37 -6.99 10.60 -1.25
CA GLU A 37 -6.94 9.75 -2.38
C GLU A 37 -6.15 8.50 -2.02
N PRO A 38 -6.42 7.41 -2.72
CA PRO A 38 -5.75 6.15 -2.49
C PRO A 38 -4.27 6.27 -2.77
N LEU A 39 -3.47 6.07 -1.74
CA LEU A 39 -2.04 6.07 -1.88
C LEU A 39 -1.62 4.84 -2.62
N GLN A 40 -1.08 5.04 -3.78
CA GLN A 40 -0.69 3.95 -4.61
C GLN A 40 0.81 3.78 -4.62
N PHE A 41 1.20 2.59 -4.22
CA PHE A 41 2.61 2.24 -4.11
C PHE A 41 2.97 1.18 -5.15
N ARG A 42 4.04 1.43 -5.88
CA ARG A 42 4.48 0.53 -6.93
C ARG A 42 5.78 -0.18 -6.53
N VAL A 43 5.74 -1.50 -6.56
CA VAL A 43 6.91 -2.31 -6.29
C VAL A 43 7.12 -3.32 -7.40
N PRO A 44 8.37 -3.76 -7.53
CA PRO A 44 8.81 -4.71 -8.55
C PRO A 44 7.91 -5.96 -8.61
N GLY A 45 7.69 -6.47 -9.81
CA GLY A 45 6.71 -7.52 -10.02
C GLY A 45 7.07 -8.86 -9.39
N THR A 46 8.27 -8.99 -8.87
CA THR A 46 8.66 -10.22 -8.22
C THR A 46 8.58 -10.11 -6.69
N SER A 47 8.61 -8.87 -6.18
CA SER A 47 8.50 -8.59 -4.75
C SER A 47 7.19 -9.09 -4.16
N THR A 48 7.22 -9.55 -2.92
CA THR A 48 6.01 -10.04 -2.28
C THR A 48 5.76 -9.33 -0.95
N SER A 49 6.49 -8.24 -0.72
CA SER A 49 6.35 -7.46 0.50
C SER A 49 6.85 -6.04 0.25
N ALA A 50 6.22 -5.07 0.89
CA ALA A 50 6.61 -3.68 0.74
C ALA A 50 6.36 -2.90 1.99
N THR A 51 7.37 -2.17 2.38
CA THR A 51 7.27 -1.21 3.42
C THR A 51 6.66 0.06 2.91
N LEU A 52 5.45 0.31 3.35
CA LEU A 52 4.69 1.44 2.89
C LEU A 52 4.92 2.64 3.79
N THR A 53 5.86 3.48 3.37
CA THR A 53 6.19 4.69 4.12
C THR A 53 5.34 5.86 3.65
N GLY A 54 4.70 6.51 4.59
CA GLY A 54 4.04 7.77 4.32
C GLY A 54 2.60 7.81 4.79
N LEU A 55 2.02 6.64 5.03
CA LEU A 55 0.66 6.53 5.53
C LEU A 55 0.41 7.43 6.74
N THR A 56 -0.66 8.21 6.66
CA THR A 56 -1.01 9.16 7.71
C THR A 56 -1.60 8.45 8.90
N ARG A 57 -0.77 8.43 9.92
CA ARG A 57 -1.13 7.88 11.20
C ARG A 57 -2.36 8.56 11.78
N GLY A 58 -3.27 7.71 12.19
CA GLY A 58 -4.54 8.14 12.70
C GLY A 58 -5.64 7.92 11.69
N ALA A 59 -5.25 7.75 10.45
CA ALA A 59 -6.19 7.49 9.37
C ALA A 59 -6.18 6.04 8.99
N THR A 60 -7.35 5.59 8.66
CA THR A 60 -7.58 4.24 8.25
C THR A 60 -7.41 4.12 6.75
N TYR A 61 -6.78 3.05 6.31
CA TYR A 61 -6.60 2.80 4.89
C TYR A 61 -6.97 1.37 4.56
N ASN A 62 -7.87 1.20 3.59
CA ASN A 62 -8.17 -0.11 3.05
C ASN A 62 -7.12 -0.44 2.03
N ILE A 63 -6.20 -1.28 2.42
CA ILE A 63 -5.04 -1.57 1.65
C ILE A 63 -5.30 -2.74 0.71
N ILE A 64 -5.35 -2.43 -0.57
CA ILE A 64 -5.64 -3.41 -1.59
C ILE A 64 -4.44 -3.51 -2.52
N VAL A 65 -3.93 -4.71 -2.71
CA VAL A 65 -2.78 -4.91 -3.56
C VAL A 65 -3.22 -5.46 -4.90
N GLU A 66 -2.85 -4.78 -5.96
CA GLU A 66 -3.27 -5.16 -7.31
C GLU A 66 -2.07 -5.54 -8.16
N ALA A 67 -2.11 -6.73 -8.71
CA ALA A 67 -1.03 -7.24 -9.53
C ALA A 67 -1.21 -6.83 -10.98
N LEU A 68 -0.23 -6.08 -11.48
CA LEU A 68 -0.20 -5.68 -12.86
C LEU A 68 0.40 -6.82 -13.67
N LYS A 69 -0.46 -7.58 -14.33
CA LYS A 69 -0.06 -8.78 -15.01
C LYS A 69 -0.81 -8.84 -16.33
N ASP A 70 -0.09 -9.09 -17.43
CA ASP A 70 -0.69 -8.93 -18.78
C ASP A 70 -1.58 -7.69 -18.90
N GLN A 71 -0.95 -6.53 -18.93
CA GLN A 71 -1.59 -5.22 -19.06
C GLN A 71 -2.62 -4.88 -17.95
N GLN A 72 -3.15 -5.85 -17.22
CA GLN A 72 -4.25 -5.57 -16.30
C GLN A 72 -3.89 -5.91 -14.86
N ARG A 73 -4.74 -5.45 -13.96
CA ARG A 73 -4.49 -5.55 -12.54
C ARG A 73 -5.51 -6.47 -11.88
N HIS A 74 -5.02 -7.27 -10.94
CA HIS A 74 -5.85 -8.21 -10.19
C HIS A 74 -5.57 -8.01 -8.70
N LYS A 75 -6.57 -8.03 -7.81
CA LYS A 75 -6.23 -7.80 -6.40
C LYS A 75 -5.73 -9.11 -5.81
N VAL A 76 -4.63 -9.00 -5.09
CA VAL A 76 -3.97 -10.15 -4.51
C VAL A 76 -4.32 -10.25 -3.05
N ARG A 77 -4.68 -9.12 -2.48
CA ARG A 77 -4.94 -9.02 -1.07
C ARG A 77 -5.66 -7.73 -0.76
N GLU A 78 -6.46 -7.76 0.29
CA GLU A 78 -7.19 -6.59 0.74
C GLU A 78 -7.34 -6.62 2.26
N GLU A 79 -7.08 -5.49 2.90
CA GLU A 79 -7.21 -5.40 4.35
C GLU A 79 -7.34 -3.98 4.82
N VAL A 80 -8.20 -3.79 5.80
CA VAL A 80 -8.45 -2.49 6.33
C VAL A 80 -7.58 -2.26 7.56
N VAL A 81 -6.79 -1.21 7.52
CA VAL A 81 -5.87 -0.93 8.61
C VAL A 81 -5.89 0.53 9.00
N THR A 82 -6.16 0.72 10.26
CA THR A 82 -5.92 1.97 10.91
C THR A 82 -4.43 2.11 11.19
N VAL A 83 -3.87 3.17 10.68
CA VAL A 83 -2.45 3.40 10.75
C VAL A 83 -2.08 4.07 12.06
N GLY A 84 -1.17 3.45 12.80
CA GLY A 84 -0.75 3.99 14.08
C GLY A 84 -1.30 3.18 15.25
N ASN A 85 -2.59 3.37 15.59
CA ASN A 85 -3.20 2.65 16.71
C ASN A 85 -4.65 3.07 16.90
N SER A 86 -5.04 4.21 16.36
CA SER A 86 -6.28 4.83 16.76
C SER A 86 -6.81 5.74 15.65
N ASN A 1 15.66 16.86 16.61
CA ASN A 1 15.74 16.27 15.26
C ASN A 1 15.82 14.75 15.37
N ALA A 2 15.59 14.10 14.23
CA ALA A 2 15.39 12.64 14.13
C ALA A 2 14.60 12.39 12.86
N SER A 3 13.46 13.05 12.80
CA SER A 3 12.71 13.23 11.56
C SER A 3 13.62 13.91 10.50
N THR A 4 14.14 13.21 9.46
CA THR A 4 15.00 13.91 8.45
C THR A 4 14.59 13.51 7.04
N GLY A 5 13.30 13.52 6.76
CA GLY A 5 12.80 13.08 5.47
C GLY A 5 11.49 12.36 5.65
N GLN A 6 11.45 11.53 6.67
CA GLN A 6 10.21 10.91 7.09
C GLN A 6 9.72 11.63 8.32
N GLU A 7 8.81 12.57 8.12
CA GLU A 7 8.45 13.51 9.19
C GLU A 7 7.44 12.99 10.21
N ALA A 8 6.21 12.81 9.81
CA ALA A 8 5.17 12.38 10.72
C ALA A 8 4.56 11.09 10.26
N LEU A 9 5.36 10.37 9.57
CA LEU A 9 4.93 9.35 8.67
C LEU A 9 4.97 7.97 9.27
N SER A 10 4.00 7.15 8.91
CA SER A 10 3.88 5.83 9.46
C SER A 10 4.03 4.78 8.37
N GLN A 11 5.03 3.93 8.52
CA GLN A 11 5.36 2.93 7.53
C GLN A 11 4.65 1.63 7.82
N THR A 12 4.00 1.09 6.80
CA THR A 12 3.38 -0.21 6.91
C THR A 12 4.06 -1.19 5.99
N THR A 13 4.91 -1.98 6.57
CA THR A 13 5.48 -3.09 5.88
C THR A 13 4.43 -4.19 5.74
N ILE A 14 4.03 -4.44 4.52
CA ILE A 14 2.94 -5.37 4.24
C ILE A 14 3.40 -6.42 3.28
N SER A 15 3.05 -7.65 3.60
CA SER A 15 3.45 -8.77 2.79
C SER A 15 2.25 -9.47 2.18
N TRP A 16 2.46 -10.00 1.00
CA TRP A 16 1.43 -10.73 0.28
C TRP A 16 2.03 -11.95 -0.32
N ALA A 17 1.16 -12.86 -0.67
CA ALA A 17 1.60 -14.09 -1.19
C ALA A 17 1.88 -13.97 -2.66
N PRO A 18 3.00 -14.56 -3.06
CA PRO A 18 3.49 -14.51 -4.41
C PRO A 18 2.43 -14.92 -5.41
N PHE A 19 2.21 -14.06 -6.37
CA PHE A 19 1.25 -14.34 -7.39
C PHE A 19 1.91 -15.11 -8.53
N GLN A 20 2.47 -14.42 -9.53
CA GLN A 20 3.25 -15.10 -10.62
C GLN A 20 3.62 -14.14 -11.70
N ASP A 21 4.93 -13.99 -11.79
CA ASP A 21 5.63 -13.21 -12.78
C ASP A 21 4.92 -11.91 -13.10
N THR A 22 4.55 -11.22 -12.07
CA THR A 22 3.82 -10.00 -12.19
C THR A 22 4.72 -8.88 -12.73
N SER A 23 4.16 -8.03 -13.59
CA SER A 23 4.90 -6.91 -14.13
C SER A 23 5.04 -5.81 -13.08
N GLU A 24 4.03 -5.72 -12.22
CA GLU A 24 4.00 -4.76 -11.12
C GLU A 24 3.01 -5.16 -10.05
N TYR A 25 3.27 -4.72 -8.85
CA TYR A 25 2.27 -4.83 -7.79
C TYR A 25 1.98 -3.45 -7.30
N ILE A 26 0.75 -3.05 -7.48
CA ILE A 26 0.34 -1.72 -7.11
C ILE A 26 -0.54 -1.80 -5.90
N ILE A 27 -0.08 -1.20 -4.84
CA ILE A 27 -0.79 -1.26 -3.60
C ILE A 27 -1.60 0.00 -3.44
N SER A 28 -2.86 -0.19 -3.24
CA SER A 28 -3.81 0.89 -3.22
C SER A 28 -4.38 1.09 -1.83
N CYS A 29 -3.74 1.97 -1.08
CA CYS A 29 -4.22 2.31 0.25
C CYS A 29 -5.37 3.31 0.15
N HIS A 30 -6.59 2.82 0.24
CA HIS A 30 -7.77 3.67 0.16
C HIS A 30 -8.13 4.21 1.53
N PRO A 31 -8.11 5.53 1.69
CA PRO A 31 -8.38 6.16 2.97
C PRO A 31 -9.85 6.20 3.32
N VAL A 32 -10.10 5.82 4.54
CA VAL A 32 -11.43 5.79 5.11
C VAL A 32 -11.56 6.94 6.10
N GLY A 33 -12.71 7.59 6.12
CA GLY A 33 -12.93 8.69 7.06
C GLY A 33 -12.63 10.03 6.46
N THR A 34 -11.56 10.10 5.69
CA THR A 34 -11.14 11.32 5.04
C THR A 34 -11.59 11.37 3.60
N ASP A 35 -11.26 12.46 2.94
CA ASP A 35 -11.46 12.58 1.51
C ASP A 35 -10.15 12.39 0.78
N GLU A 36 -9.21 11.74 1.45
CA GLU A 36 -7.90 11.49 0.87
C GLU A 36 -7.98 10.54 -0.28
N GLU A 37 -6.89 10.49 -0.98
CA GLU A 37 -6.77 9.70 -2.14
C GLU A 37 -6.03 8.43 -1.82
N PRO A 38 -6.30 7.38 -2.58
CA PRO A 38 -5.65 6.11 -2.38
C PRO A 38 -4.17 6.23 -2.68
N LEU A 39 -3.36 6.01 -1.66
CA LEU A 39 -1.94 6.02 -1.83
C LEU A 39 -1.52 4.79 -2.59
N GLN A 40 -1.02 5.01 -3.77
CA GLN A 40 -0.64 3.93 -4.62
C GLN A 40 0.85 3.72 -4.63
N PHE A 41 1.23 2.56 -4.18
CA PHE A 41 2.61 2.17 -4.11
C PHE A 41 2.90 1.10 -5.14
N ARG A 42 3.95 1.31 -5.91
CA ARG A 42 4.29 0.40 -6.99
C ARG A 42 5.60 -0.30 -6.69
N VAL A 43 5.56 -1.62 -6.56
CA VAL A 43 6.74 -2.40 -6.29
C VAL A 43 6.96 -3.42 -7.38
N PRO A 44 8.22 -3.85 -7.52
CA PRO A 44 8.67 -4.80 -8.52
C PRO A 44 7.79 -6.05 -8.57
N GLY A 45 7.58 -6.57 -9.78
CA GLY A 45 6.61 -7.62 -10.01
C GLY A 45 6.97 -8.96 -9.41
N THR A 46 8.16 -9.09 -8.86
CA THR A 46 8.52 -10.34 -8.20
C THR A 46 8.48 -10.20 -6.67
N SER A 47 8.55 -8.95 -6.18
CA SER A 47 8.49 -8.66 -4.75
C SER A 47 7.16 -9.11 -4.13
N THR A 48 7.21 -9.56 -2.89
CA THR A 48 6.02 -10.00 -2.20
C THR A 48 5.84 -9.29 -0.86
N SER A 49 6.59 -8.22 -0.66
CA SER A 49 6.49 -7.43 0.57
C SER A 49 7.02 -6.02 0.34
N ALA A 50 6.37 -5.04 0.94
CA ALA A 50 6.73 -3.64 0.76
C ALA A 50 6.49 -2.83 2.00
N THR A 51 7.48 -2.05 2.32
CA THR A 51 7.38 -1.06 3.33
C THR A 51 6.73 0.19 2.78
N LEU A 52 5.57 0.46 3.29
CA LEU A 52 4.76 1.58 2.83
C LEU A 52 4.99 2.84 3.66
N THR A 53 5.90 3.66 3.18
CA THR A 53 6.19 4.96 3.80
C THR A 53 5.25 6.03 3.25
N GLY A 54 4.51 6.65 4.15
CA GLY A 54 3.69 7.78 3.75
C GLY A 54 2.31 7.79 4.39
N LEU A 55 1.85 6.62 4.81
CA LEU A 55 0.58 6.51 5.53
C LEU A 55 0.53 7.43 6.74
N THR A 56 -0.58 8.13 6.85
CA THR A 56 -0.80 9.04 7.95
C THR A 56 -1.46 8.33 9.10
N ARG A 57 -0.65 8.15 10.11
CA ARG A 57 -1.07 7.56 11.36
C ARG A 57 -2.30 8.25 11.91
N GLY A 58 -3.26 7.42 12.26
CA GLY A 58 -4.53 7.89 12.74
C GLY A 58 -5.57 7.90 11.64
N ALA A 59 -5.18 7.38 10.49
CA ALA A 59 -6.06 7.27 9.35
C ALA A 59 -6.21 5.83 8.94
N THR A 60 -7.43 5.49 8.67
CA THR A 60 -7.81 4.18 8.25
C THR A 60 -7.58 4.01 6.75
N TYR A 61 -6.83 2.99 6.38
CA TYR A 61 -6.60 2.69 4.97
C TYR A 61 -7.05 1.28 4.63
N ASN A 62 -7.90 1.17 3.62
CA ASN A 62 -8.23 -0.12 3.06
C ASN A 62 -7.18 -0.45 2.02
N ILE A 63 -6.25 -1.28 2.43
CA ILE A 63 -5.09 -1.57 1.65
C ILE A 63 -5.35 -2.74 0.71
N ILE A 64 -5.37 -2.43 -0.56
CA ILE A 64 -5.64 -3.42 -1.60
C ILE A 64 -4.44 -3.54 -2.51
N VAL A 65 -3.97 -4.75 -2.72
CA VAL A 65 -2.79 -4.95 -3.55
C VAL A 65 -3.22 -5.51 -4.89
N GLU A 66 -2.84 -4.83 -5.95
CA GLU A 66 -3.23 -5.24 -7.30
C GLU A 66 -2.02 -5.69 -8.09
N ALA A 67 -2.18 -6.83 -8.76
CA ALA A 67 -1.11 -7.36 -9.59
C ALA A 67 -1.26 -6.91 -11.01
N LEU A 68 -0.29 -6.12 -11.44
CA LEU A 68 -0.23 -5.67 -12.81
C LEU A 68 0.45 -6.76 -13.63
N LYS A 69 -0.36 -7.55 -14.31
CA LYS A 69 0.12 -8.74 -14.99
C LYS A 69 -0.64 -8.89 -16.29
N ASP A 70 0.08 -8.74 -17.41
CA ASP A 70 -0.55 -8.91 -18.75
C ASP A 70 -1.46 -7.73 -19.02
N GLN A 71 -0.90 -6.59 -18.73
CA GLN A 71 -1.56 -5.29 -18.85
C GLN A 71 -2.85 -5.20 -18.03
N GLN A 72 -3.10 -6.20 -17.20
CA GLN A 72 -4.32 -6.24 -16.40
C GLN A 72 -4.01 -6.22 -14.92
N ARG A 73 -5.05 -6.02 -14.14
CA ARG A 73 -4.91 -5.91 -12.70
C ARG A 73 -5.89 -6.82 -11.97
N HIS A 74 -5.36 -7.61 -11.06
CA HIS A 74 -6.17 -8.44 -10.19
C HIS A 74 -5.79 -8.16 -8.74
N LYS A 75 -6.71 -8.27 -7.77
CA LYS A 75 -6.33 -7.94 -6.40
C LYS A 75 -5.77 -9.18 -5.73
N VAL A 76 -4.67 -8.99 -5.06
CA VAL A 76 -3.92 -10.06 -4.46
C VAL A 76 -4.25 -10.16 -2.99
N ARG A 77 -4.67 -9.04 -2.45
CA ARG A 77 -4.88 -8.91 -1.03
C ARG A 77 -5.64 -7.63 -0.73
N GLU A 78 -6.59 -7.73 0.17
CA GLU A 78 -7.35 -6.57 0.62
C GLU A 78 -7.51 -6.62 2.12
N GLU A 79 -7.20 -5.51 2.78
CA GLU A 79 -7.29 -5.48 4.23
C GLU A 79 -7.36 -4.06 4.74
N VAL A 80 -8.27 -3.84 5.68
CA VAL A 80 -8.43 -2.53 6.23
C VAL A 80 -7.56 -2.37 7.46
N VAL A 81 -6.75 -1.34 7.47
CA VAL A 81 -5.84 -1.09 8.57
C VAL A 81 -5.81 0.36 8.97
N THR A 82 -6.17 0.55 10.20
CA THR A 82 -5.95 1.79 10.88
C THR A 82 -4.49 1.88 11.26
N VAL A 83 -3.85 2.90 10.76
CA VAL A 83 -2.42 3.06 10.94
C VAL A 83 -2.13 3.80 12.23
N GLY A 84 -1.34 3.16 13.09
CA GLY A 84 -1.05 3.72 14.37
C GLY A 84 -1.69 2.89 15.48
N ASN A 85 -2.54 3.48 16.34
CA ASN A 85 -3.13 2.72 17.44
C ASN A 85 -4.20 3.55 18.13
N SER A 86 -4.71 4.56 17.45
CA SER A 86 -5.51 5.55 18.13
C SER A 86 -6.36 6.35 17.14
N ASN A 1 11.90 14.07 -2.81
CA ASN A 1 10.48 14.48 -2.78
C ASN A 1 9.60 13.31 -2.37
N ALA A 2 8.56 13.64 -1.61
CA ALA A 2 7.71 12.67 -0.90
C ALA A 2 7.06 13.43 0.23
N SER A 3 7.91 13.94 1.11
CA SER A 3 7.52 14.93 2.09
C SER A 3 6.96 16.20 1.38
N THR A 4 5.63 16.43 1.36
CA THR A 4 5.08 17.71 0.80
C THR A 4 3.72 17.99 1.43
N GLY A 5 3.63 17.90 2.75
CA GLY A 5 2.36 17.98 3.43
C GLY A 5 2.16 16.80 4.34
N GLN A 6 2.89 15.73 4.04
CA GLN A 6 2.82 14.51 4.83
C GLN A 6 4.05 14.42 5.72
N GLU A 7 3.92 14.90 6.95
CA GLU A 7 4.94 14.62 7.98
C GLU A 7 4.51 13.68 9.10
N ALA A 8 3.38 13.05 8.98
CA ALA A 8 2.87 12.20 10.05
C ALA A 8 2.99 10.76 9.63
N LEU A 9 4.11 10.51 9.03
CA LEU A 9 4.32 9.37 8.18
C LEU A 9 4.68 8.11 8.93
N SER A 10 3.87 7.10 8.69
CA SER A 10 4.12 5.77 9.19
C SER A 10 4.51 4.90 8.01
N GLN A 11 5.24 3.83 8.28
CA GLN A 11 5.65 2.93 7.24
C GLN A 11 5.08 1.54 7.49
N THR A 12 4.12 1.16 6.67
CA THR A 12 3.49 -0.13 6.79
C THR A 12 4.15 -1.13 5.88
N THR A 13 5.01 -1.92 6.46
CA THR A 13 5.59 -3.03 5.79
C THR A 13 4.57 -4.16 5.69
N ILE A 14 4.21 -4.51 4.47
CA ILE A 14 3.13 -5.46 4.23
C ILE A 14 3.56 -6.49 3.21
N SER A 15 3.23 -7.73 3.51
CA SER A 15 3.61 -8.84 2.67
C SER A 15 2.39 -9.51 2.07
N TRP A 16 2.60 -10.15 0.94
CA TRP A 16 1.55 -10.88 0.26
C TRP A 16 2.14 -12.08 -0.40
N ALA A 17 1.29 -13.02 -0.68
CA ALA A 17 1.72 -14.23 -1.24
C ALA A 17 1.96 -14.09 -2.72
N PRO A 18 3.09 -14.61 -3.15
CA PRO A 18 3.57 -14.49 -4.51
C PRO A 18 2.50 -14.82 -5.53
N PHE A 19 2.14 -13.83 -6.30
CA PHE A 19 1.11 -14.00 -7.29
C PHE A 19 1.67 -14.61 -8.57
N GLN A 20 3.00 -14.57 -8.69
CA GLN A 20 3.73 -15.24 -9.79
C GLN A 20 3.82 -14.39 -11.01
N ASP A 21 5.07 -14.12 -11.29
CA ASP A 21 5.52 -13.38 -12.44
C ASP A 21 4.72 -12.12 -12.71
N THR A 22 4.42 -11.38 -11.66
CA THR A 22 3.73 -10.13 -11.81
C THR A 22 4.70 -9.10 -12.40
N SER A 23 4.20 -8.25 -13.28
CA SER A 23 5.01 -7.18 -13.84
C SER A 23 5.19 -6.06 -12.81
N GLU A 24 4.15 -5.84 -12.00
CA GLU A 24 4.19 -4.83 -10.97
C GLU A 24 3.05 -5.01 -9.98
N TYR A 25 3.32 -4.73 -8.73
CA TYR A 25 2.26 -4.76 -7.72
C TYR A 25 1.93 -3.33 -7.32
N ILE A 26 0.77 -2.85 -7.74
CA ILE A 26 0.30 -1.57 -7.29
C ILE A 26 -0.56 -1.76 -6.06
N ILE A 27 -0.12 -1.19 -4.97
CA ILE A 27 -0.87 -1.27 -3.74
C ILE A 27 -1.68 0.00 -3.61
N SER A 28 -2.95 -0.17 -3.38
CA SER A 28 -3.86 0.94 -3.36
C SER A 28 -4.45 1.12 -1.97
N CYS A 29 -3.87 2.03 -1.22
CA CYS A 29 -4.34 2.37 0.11
C CYS A 29 -5.46 3.40 0.03
N HIS A 30 -6.70 2.92 0.13
CA HIS A 30 -7.87 3.81 0.11
C HIS A 30 -8.22 4.24 1.52
N PRO A 31 -8.08 5.54 1.82
CA PRO A 31 -8.29 6.07 3.15
C PRO A 31 -9.75 6.15 3.54
N VAL A 32 -9.99 5.75 4.76
CA VAL A 32 -11.30 5.76 5.36
C VAL A 32 -11.34 6.83 6.45
N GLY A 33 -12.42 7.59 6.52
CA GLY A 33 -12.54 8.63 7.53
C GLY A 33 -12.25 9.99 6.94
N THR A 34 -11.25 10.02 6.07
CA THR A 34 -10.88 11.24 5.38
C THR A 34 -11.40 11.23 3.96
N ASP A 35 -11.13 12.32 3.25
CA ASP A 35 -11.41 12.39 1.84
C ASP A 35 -10.12 12.32 1.06
N GLU A 36 -9.10 11.76 1.67
CA GLU A 36 -7.82 11.63 1.04
C GLU A 36 -7.88 10.68 -0.12
N GLU A 37 -6.86 10.73 -0.92
CA GLU A 37 -6.82 9.99 -2.12
C GLU A 37 -6.07 8.69 -1.87
N PRO A 38 -6.39 7.66 -2.64
CA PRO A 38 -5.78 6.36 -2.52
C PRO A 38 -4.31 6.39 -2.87
N LEU A 39 -3.48 6.04 -1.91
CA LEU A 39 -2.06 6.05 -2.05
C LEU A 39 -1.66 4.82 -2.80
N GLN A 40 -0.84 5.01 -3.81
CA GLN A 40 -0.53 3.92 -4.68
C GLN A 40 0.95 3.67 -4.75
N PHE A 41 1.28 2.50 -4.26
CA PHE A 41 2.66 2.08 -4.16
C PHE A 41 2.97 1.03 -5.20
N ARG A 42 4.01 1.28 -5.97
CA ARG A 42 4.38 0.41 -7.07
C ARG A 42 5.70 -0.28 -6.79
N VAL A 43 5.65 -1.57 -6.56
CA VAL A 43 6.84 -2.36 -6.30
C VAL A 43 7.03 -3.39 -7.40
N PRO A 44 8.28 -3.85 -7.53
CA PRO A 44 8.67 -4.84 -8.52
C PRO A 44 7.78 -6.08 -8.48
N GLY A 45 7.49 -6.63 -9.66
CA GLY A 45 6.51 -7.68 -9.78
C GLY A 45 6.91 -9.01 -9.16
N THR A 46 8.16 -9.15 -8.77
CA THR A 46 8.59 -10.37 -8.12
C THR A 46 8.57 -10.21 -6.59
N SER A 47 8.55 -8.95 -6.14
CA SER A 47 8.51 -8.63 -4.71
C SER A 47 7.23 -9.12 -4.06
N THR A 48 7.33 -9.56 -2.81
CA THR A 48 6.16 -10.06 -2.09
C THR A 48 5.97 -9.30 -0.78
N SER A 49 6.65 -8.17 -0.65
CA SER A 49 6.55 -7.33 0.53
C SER A 49 6.96 -5.90 0.19
N ALA A 50 6.33 -4.94 0.85
CA ALA A 50 6.62 -3.54 0.63
C ALA A 50 6.42 -2.73 1.87
N THR A 51 7.38 -1.90 2.11
CA THR A 51 7.30 -0.92 3.15
C THR A 51 6.62 0.32 2.63
N LEU A 52 5.45 0.55 3.16
CA LEU A 52 4.60 1.63 2.70
C LEU A 52 4.80 2.90 3.50
N THR A 53 5.66 3.76 2.98
CA THR A 53 5.93 5.06 3.57
C THR A 53 4.92 6.11 3.09
N GLY A 54 4.29 6.78 4.02
CA GLY A 54 3.41 7.89 3.69
C GLY A 54 2.08 7.83 4.41
N LEU A 55 1.69 6.64 4.83
CA LEU A 55 0.43 6.45 5.53
C LEU A 55 0.37 7.28 6.80
N THR A 56 -0.69 8.06 6.90
CA THR A 56 -0.90 8.94 8.05
C THR A 56 -1.52 8.17 9.19
N ARG A 57 -0.69 7.97 10.17
CA ARG A 57 -1.10 7.36 11.42
C ARG A 57 -2.31 8.04 12.01
N GLY A 58 -3.27 7.22 12.33
CA GLY A 58 -4.52 7.68 12.86
C GLY A 58 -5.60 7.70 11.80
N ALA A 59 -5.19 7.35 10.58
CA ALA A 59 -6.11 7.23 9.47
C ALA A 59 -6.18 5.81 9.00
N THR A 60 -7.39 5.39 8.79
CA THR A 60 -7.68 4.08 8.30
C THR A 60 -7.44 3.99 6.79
N TYR A 61 -6.75 2.94 6.37
CA TYR A 61 -6.51 2.72 4.96
C TYR A 61 -6.95 1.32 4.55
N ASN A 62 -7.84 1.25 3.58
CA ASN A 62 -8.21 -0.02 2.98
C ASN A 62 -7.16 -0.36 1.95
N ILE A 63 -6.25 -1.22 2.35
CA ILE A 63 -5.10 -1.56 1.57
C ILE A 63 -5.42 -2.66 0.59
N ILE A 64 -5.47 -2.30 -0.67
CA ILE A 64 -5.81 -3.24 -1.72
C ILE A 64 -4.65 -3.40 -2.68
N VAL A 65 -4.19 -4.62 -2.82
CA VAL A 65 -3.05 -4.90 -3.66
C VAL A 65 -3.52 -5.44 -5.01
N GLU A 66 -3.12 -4.77 -6.07
CA GLU A 66 -3.54 -5.12 -7.41
C GLU A 66 -2.32 -5.47 -8.26
N ALA A 67 -2.28 -6.69 -8.74
CA ALA A 67 -1.15 -7.18 -9.50
C ALA A 67 -1.26 -6.83 -10.97
N LEU A 68 -0.26 -6.10 -11.44
CA LEU A 68 -0.17 -5.74 -12.83
C LEU A 68 0.46 -6.91 -13.58
N LYS A 69 -0.38 -7.67 -14.26
CA LYS A 69 0.03 -8.88 -14.91
C LYS A 69 -0.64 -8.95 -16.27
N ASP A 70 0.13 -9.19 -17.33
CA ASP A 70 -0.38 -9.05 -18.71
C ASP A 70 -1.29 -7.84 -18.91
N GLN A 71 -0.70 -6.66 -18.89
CA GLN A 71 -1.39 -5.38 -19.05
C GLN A 71 -2.55 -5.11 -18.04
N GLN A 72 -2.96 -6.11 -17.28
CA GLN A 72 -4.12 -5.98 -16.41
C GLN A 72 -3.74 -6.00 -14.95
N ARG A 73 -4.70 -5.70 -14.10
CA ARG A 73 -4.50 -5.69 -12.67
C ARG A 73 -5.41 -6.69 -12.00
N HIS A 74 -4.87 -7.39 -11.01
CA HIS A 74 -5.61 -8.46 -10.34
C HIS A 74 -5.47 -8.36 -8.81
N LYS A 75 -6.60 -8.14 -8.10
CA LYS A 75 -6.66 -8.30 -6.61
C LYS A 75 -5.82 -9.50 -6.17
N VAL A 76 -4.88 -9.25 -5.27
CA VAL A 76 -4.09 -10.33 -4.68
C VAL A 76 -4.27 -10.36 -3.16
N ARG A 77 -4.39 -9.18 -2.56
CA ARG A 77 -4.63 -9.07 -1.13
C ARG A 77 -5.35 -7.76 -0.83
N GLU A 78 -6.25 -7.80 0.13
CA GLU A 78 -7.00 -6.62 0.54
C GLU A 78 -7.29 -6.65 2.03
N GLU A 79 -7.09 -5.53 2.70
CA GLU A 79 -7.32 -5.46 4.14
C GLU A 79 -7.46 -4.04 4.60
N VAL A 80 -8.32 -3.83 5.57
CA VAL A 80 -8.53 -2.52 6.12
C VAL A 80 -7.70 -2.36 7.37
N VAL A 81 -6.80 -1.38 7.35
CA VAL A 81 -5.91 -1.15 8.47
C VAL A 81 -5.91 0.28 8.90
N THR A 82 -6.22 0.43 10.15
CA THR A 82 -6.01 1.66 10.85
C THR A 82 -4.56 1.74 11.29
N VAL A 83 -3.89 2.74 10.81
CA VAL A 83 -2.49 2.92 11.07
C VAL A 83 -2.31 3.64 12.39
N GLY A 84 -1.49 3.08 13.27
CA GLY A 84 -1.30 3.68 14.56
C GLY A 84 0.10 3.42 15.10
N ASN A 85 0.47 4.07 16.19
CA ASN A 85 1.79 3.85 16.82
C ASN A 85 1.80 4.50 18.18
N SER A 86 0.63 4.75 18.73
CA SER A 86 0.54 5.67 19.85
C SER A 86 -0.89 5.74 20.37
N ASN A 1 14.33 13.02 18.45
CA ASN A 1 14.50 12.38 17.12
C ASN A 1 13.31 11.49 16.79
N ALA A 2 13.08 11.35 15.49
CA ALA A 2 11.85 10.75 14.92
C ALA A 2 11.72 11.30 13.52
N SER A 3 11.68 12.63 13.46
CA SER A 3 11.83 13.36 12.20
C SER A 3 13.19 12.97 11.55
N THR A 4 13.22 12.13 10.47
CA THR A 4 14.52 11.75 9.85
C THR A 4 14.33 11.45 8.36
N GLY A 5 13.57 12.30 7.68
CA GLY A 5 13.15 12.00 6.32
C GLY A 5 11.72 11.54 6.33
N GLN A 6 11.40 10.79 7.36
CA GLN A 6 10.03 10.42 7.64
C GLN A 6 9.57 11.23 8.83
N GLU A 7 8.83 12.29 8.57
CA GLU A 7 8.43 13.20 9.66
C GLU A 7 7.31 12.69 10.56
N ALA A 8 6.12 12.58 10.03
CA ALA A 8 4.98 12.18 10.84
C ALA A 8 4.36 10.90 10.33
N LEU A 9 5.18 10.17 9.66
CA LEU A 9 4.76 9.13 8.77
C LEU A 9 4.85 7.75 9.41
N SER A 10 3.94 6.88 9.01
CA SER A 10 3.93 5.52 9.48
C SER A 10 4.30 4.58 8.35
N GLN A 11 5.05 3.54 8.65
CA GLN A 11 5.49 2.60 7.64
C GLN A 11 4.85 1.25 7.86
N THR A 12 3.95 0.88 6.96
CA THR A 12 3.31 -0.42 7.03
C THR A 12 3.98 -1.37 6.07
N THR A 13 4.86 -2.16 6.62
CA THR A 13 5.44 -3.26 5.91
C THR A 13 4.41 -4.37 5.79
N ILE A 14 4.04 -4.69 4.58
CA ILE A 14 2.99 -5.66 4.33
C ILE A 14 3.43 -6.62 3.26
N SER A 15 3.18 -7.88 3.51
CA SER A 15 3.58 -8.93 2.60
C SER A 15 2.37 -9.59 1.99
N TRP A 16 2.57 -10.14 0.82
CA TRP A 16 1.54 -10.88 0.13
C TRP A 16 2.16 -12.09 -0.50
N ALA A 17 1.32 -13.02 -0.86
CA ALA A 17 1.78 -14.24 -1.39
C ALA A 17 2.02 -14.11 -2.87
N PRO A 18 3.14 -14.67 -3.29
CA PRO A 18 3.61 -14.60 -4.66
C PRO A 18 2.52 -14.99 -5.64
N PHE A 19 2.22 -14.10 -6.54
CA PHE A 19 1.14 -14.30 -7.47
C PHE A 19 1.66 -14.84 -8.81
N GLN A 20 2.98 -14.78 -9.00
CA GLN A 20 3.66 -15.44 -10.15
C GLN A 20 3.78 -14.55 -11.34
N ASP A 21 5.03 -14.27 -11.56
CA ASP A 21 5.55 -13.53 -12.68
C ASP A 21 4.83 -12.24 -12.94
N THR A 22 4.45 -11.57 -11.89
CA THR A 22 3.78 -10.31 -12.00
C THR A 22 4.74 -9.25 -12.53
N SER A 23 4.22 -8.36 -13.36
CA SER A 23 5.01 -7.26 -13.90
C SER A 23 5.22 -6.22 -12.80
N GLU A 24 4.17 -6.02 -12.01
CA GLU A 24 4.18 -5.04 -10.93
C GLU A 24 3.09 -5.32 -9.91
N TYR A 25 3.22 -4.72 -8.75
CA TYR A 25 2.16 -4.79 -7.76
C TYR A 25 1.83 -3.39 -7.32
N ILE A 26 0.59 -3.00 -7.54
CA ILE A 26 0.14 -1.69 -7.12
C ILE A 26 -0.61 -1.80 -5.83
N ILE A 27 -0.15 -1.07 -4.85
CA ILE A 27 -0.79 -1.02 -3.56
C ILE A 27 -1.63 0.23 -3.49
N SER A 28 -2.91 0.02 -3.46
CA SER A 28 -3.88 1.11 -3.46
C SER A 28 -4.51 1.23 -2.08
N CYS A 29 -3.89 2.02 -1.27
CA CYS A 29 -4.38 2.30 0.08
C CYS A 29 -5.50 3.32 0.06
N HIS A 30 -6.73 2.84 0.14
CA HIS A 30 -7.90 3.72 0.12
C HIS A 30 -8.23 4.19 1.53
N PRO A 31 -8.09 5.48 1.77
CA PRO A 31 -8.36 6.08 3.08
C PRO A 31 -9.83 6.11 3.42
N VAL A 32 -10.09 5.73 4.64
CA VAL A 32 -11.41 5.74 5.21
C VAL A 32 -11.50 6.87 6.23
N GLY A 33 -12.61 7.59 6.24
CA GLY A 33 -12.79 8.68 7.19
C GLY A 33 -12.46 10.02 6.57
N THR A 34 -11.42 10.05 5.77
CA THR A 34 -11.01 11.26 5.08
C THR A 34 -11.51 11.28 3.65
N ASP A 35 -11.23 12.39 2.98
CA ASP A 35 -11.49 12.48 1.55
C ASP A 35 -10.20 12.33 0.77
N GLU A 36 -9.20 11.75 1.41
CA GLU A 36 -7.91 11.58 0.78
C GLU A 36 -7.96 10.57 -0.33
N GLU A 37 -6.92 10.58 -1.12
CA GLU A 37 -6.84 9.76 -2.27
C GLU A 37 -6.17 8.44 -1.90
N PRO A 38 -6.45 7.40 -2.68
CA PRO A 38 -5.82 6.12 -2.50
C PRO A 38 -4.35 6.22 -2.79
N LEU A 39 -3.55 5.97 -1.77
CA LEU A 39 -2.12 6.04 -1.87
C LEU A 39 -1.63 4.87 -2.67
N GLN A 40 -1.26 5.15 -3.89
CA GLN A 40 -0.85 4.13 -4.81
C GLN A 40 0.65 4.03 -4.89
N PHE A 41 1.09 2.81 -4.78
CA PHE A 41 2.50 2.48 -4.86
C PHE A 41 2.74 1.36 -5.86
N ARG A 42 3.85 1.43 -6.57
CA ARG A 42 4.20 0.42 -7.56
C ARG A 42 5.51 -0.27 -7.19
N VAL A 43 5.43 -1.52 -6.79
CA VAL A 43 6.62 -2.31 -6.52
C VAL A 43 6.82 -3.35 -7.59
N PRO A 44 8.06 -3.78 -7.74
CA PRO A 44 8.49 -4.77 -8.74
C PRO A 44 7.62 -6.04 -8.68
N GLY A 45 7.31 -6.59 -9.86
CA GLY A 45 6.37 -7.69 -9.95
C GLY A 45 6.86 -9.00 -9.37
N THR A 46 8.12 -9.06 -8.98
CA THR A 46 8.62 -10.27 -8.37
C THR A 46 8.61 -10.14 -6.84
N SER A 47 8.53 -8.90 -6.34
CA SER A 47 8.48 -8.61 -4.92
C SER A 47 7.18 -9.10 -4.29
N THR A 48 7.25 -9.56 -3.04
CA THR A 48 6.07 -10.04 -2.35
C THR A 48 5.86 -9.30 -1.03
N SER A 49 6.55 -8.18 -0.84
CA SER A 49 6.42 -7.39 0.38
C SER A 49 6.90 -5.96 0.13
N ALA A 50 6.28 -5.01 0.81
CA ALA A 50 6.66 -3.61 0.70
C ALA A 50 6.48 -2.89 2.02
N THR A 51 7.40 -2.00 2.27
CA THR A 51 7.35 -1.15 3.42
C THR A 51 6.69 0.17 3.04
N LEU A 52 5.43 0.27 3.40
CA LEU A 52 4.61 1.41 3.01
C LEU A 52 4.90 2.64 3.84
N THR A 53 5.85 3.43 3.35
CA THR A 53 6.15 4.73 3.93
C THR A 53 5.19 5.79 3.40
N GLY A 54 4.42 6.38 4.28
CA GLY A 54 3.59 7.50 3.88
C GLY A 54 2.24 7.53 4.58
N LEU A 55 1.71 6.35 4.92
CA LEU A 55 0.42 6.26 5.56
C LEU A 55 0.34 7.11 6.82
N THR A 56 -0.64 8.01 6.82
CA THR A 56 -0.91 8.89 7.94
C THR A 56 -1.53 8.10 9.08
N ARG A 57 -1.18 8.53 10.27
CA ARG A 57 -1.50 7.77 11.47
C ARG A 57 -2.64 8.39 12.22
N GLY A 58 -3.57 7.52 12.55
CA GLY A 58 -4.83 7.94 13.07
C GLY A 58 -5.88 7.82 12.00
N ALA A 59 -5.41 7.49 10.80
CA ALA A 59 -6.26 7.33 9.63
C ALA A 59 -6.34 5.89 9.24
N THR A 60 -7.40 5.59 8.56
CA THR A 60 -7.71 4.25 8.17
C THR A 60 -7.48 4.07 6.68
N TYR A 61 -6.74 3.05 6.30
CA TYR A 61 -6.49 2.77 4.91
C TYR A 61 -6.89 1.35 4.57
N ASN A 62 -7.73 1.22 3.57
CA ASN A 62 -8.04 -0.09 3.01
C ASN A 62 -6.99 -0.41 1.98
N ILE A 63 -6.07 -1.25 2.40
CA ILE A 63 -4.87 -1.55 1.64
C ILE A 63 -5.15 -2.63 0.61
N ILE A 64 -5.23 -2.23 -0.64
CA ILE A 64 -5.57 -3.11 -1.73
C ILE A 64 -4.38 -3.29 -2.66
N VAL A 65 -3.89 -4.51 -2.76
CA VAL A 65 -2.72 -4.80 -3.56
C VAL A 65 -3.13 -5.55 -4.80
N GLU A 66 -2.91 -4.93 -5.95
CA GLU A 66 -3.26 -5.57 -7.20
C GLU A 66 -2.03 -5.91 -8.02
N ALA A 67 -2.11 -7.05 -8.68
CA ALA A 67 -1.03 -7.55 -9.49
C ALA A 67 -1.14 -7.03 -10.90
N LEU A 68 -0.15 -6.27 -11.27
CA LEU A 68 -0.03 -5.76 -12.61
C LEU A 68 0.60 -6.84 -13.48
N LYS A 69 -0.23 -7.56 -14.21
CA LYS A 69 0.23 -8.68 -15.00
C LYS A 69 -0.36 -8.55 -16.39
N ASP A 70 0.49 -8.51 -17.41
CA ASP A 70 0.02 -8.20 -18.78
C ASP A 70 -1.00 -7.05 -18.81
N GLN A 71 -0.50 -5.84 -18.58
CA GLN A 71 -1.30 -4.61 -18.51
C GLN A 71 -2.42 -4.62 -17.45
N GLN A 72 -2.82 -5.78 -16.96
CA GLN A 72 -4.03 -5.87 -16.13
C GLN A 72 -3.72 -5.95 -14.64
N ARG A 73 -4.75 -5.73 -13.83
CA ARG A 73 -4.60 -5.76 -12.38
C ARG A 73 -5.54 -6.79 -11.77
N HIS A 74 -4.99 -7.60 -10.87
CA HIS A 74 -5.77 -8.58 -10.12
C HIS A 74 -5.66 -8.32 -8.61
N LYS A 75 -6.76 -8.44 -7.86
CA LYS A 75 -6.69 -8.24 -6.39
C LYS A 75 -5.96 -9.40 -5.75
N VAL A 76 -4.89 -9.09 -5.06
CA VAL A 76 -4.09 -10.08 -4.37
C VAL A 76 -4.41 -10.07 -2.91
N ARG A 77 -4.35 -8.88 -2.34
CA ARG A 77 -4.56 -8.72 -0.93
C ARG A 77 -5.29 -7.42 -0.66
N GLU A 78 -6.28 -7.48 0.22
CA GLU A 78 -7.05 -6.31 0.61
C GLU A 78 -7.31 -6.36 2.10
N GLU A 79 -7.08 -5.26 2.79
CA GLU A 79 -7.27 -5.23 4.22
C GLU A 79 -7.39 -3.83 4.75
N VAL A 80 -8.32 -3.66 5.66
CA VAL A 80 -8.57 -2.36 6.22
C VAL A 80 -7.75 -2.17 7.48
N VAL A 81 -6.88 -1.19 7.46
CA VAL A 81 -5.99 -0.92 8.58
C VAL A 81 -5.98 0.52 8.98
N THR A 82 -6.42 0.72 10.19
CA THR A 82 -6.25 1.95 10.89
C THR A 82 -4.81 2.04 11.37
N VAL A 83 -4.15 3.10 10.97
CA VAL A 83 -2.74 3.24 11.21
C VAL A 83 -2.47 3.97 12.52
N GLY A 84 -1.49 3.47 13.27
CA GLY A 84 -1.10 4.11 14.51
C GLY A 84 -1.07 3.14 15.69
N ASN A 85 -2.24 2.89 16.32
CA ASN A 85 -2.31 2.03 17.51
C ASN A 85 -3.67 2.19 18.18
N SER A 86 -4.65 2.66 17.42
CA SER A 86 -5.89 3.12 18.04
C SER A 86 -7.09 2.83 17.15
N ASN A 1 15.65 10.02 4.24
CA ASN A 1 14.62 10.33 3.22
C ASN A 1 13.31 9.60 3.55
N ALA A 2 12.22 10.37 3.66
CA ALA A 2 10.93 9.91 4.23
C ALA A 2 10.22 11.15 4.74
N SER A 3 10.93 11.84 5.62
CA SER A 3 10.56 13.18 6.07
C SER A 3 10.40 14.12 4.83
N THR A 4 9.16 14.50 4.40
CA THR A 4 9.02 15.40 3.24
C THR A 4 7.78 16.28 3.40
N GLY A 5 7.62 16.88 4.57
CA GLY A 5 6.42 17.64 4.86
C GLY A 5 5.59 16.88 5.86
N GLN A 6 5.29 15.63 5.52
CA GLN A 6 4.71 14.71 6.48
C GLN A 6 5.78 14.23 7.40
N GLU A 7 5.78 14.75 8.59
CA GLU A 7 6.43 14.07 9.69
C GLU A 7 5.44 13.38 10.60
N ALA A 8 4.21 13.29 10.14
CA ALA A 8 3.18 12.61 10.86
C ALA A 8 2.93 11.27 10.20
N LEU A 9 4.02 10.82 9.66
CA LEU A 9 4.04 9.67 8.81
C LEU A 9 4.29 8.37 9.55
N SER A 10 3.73 7.31 9.00
CA SER A 10 3.97 5.97 9.48
C SER A 10 4.42 5.07 8.32
N GLN A 11 5.04 3.95 8.64
CA GLN A 11 5.48 3.00 7.63
C GLN A 11 4.74 1.68 7.83
N THR A 12 3.89 1.32 6.89
CA THR A 12 3.23 0.05 6.94
C THR A 12 3.88 -0.91 5.98
N THR A 13 4.75 -1.73 6.51
CA THR A 13 5.34 -2.79 5.78
C THR A 13 4.34 -3.94 5.68
N ILE A 14 3.87 -4.18 4.48
CA ILE A 14 2.81 -5.16 4.26
C ILE A 14 3.28 -6.19 3.27
N SER A 15 3.03 -7.43 3.62
CA SER A 15 3.44 -8.54 2.80
C SER A 15 2.23 -9.24 2.19
N TRP A 16 2.45 -9.82 1.04
CA TRP A 16 1.44 -10.60 0.36
C TRP A 16 2.07 -11.82 -0.21
N ALA A 17 1.24 -12.74 -0.58
CA ALA A 17 1.72 -13.97 -1.08
C ALA A 17 1.94 -13.87 -2.56
N PRO A 18 3.05 -14.46 -2.99
CA PRO A 18 3.46 -14.45 -4.38
C PRO A 18 2.34 -14.88 -5.29
N PHE A 19 2.05 -14.05 -6.25
CA PHE A 19 0.95 -14.29 -7.13
C PHE A 19 1.37 -15.19 -8.30
N GLN A 20 2.06 -14.61 -9.29
CA GLN A 20 2.63 -15.41 -10.41
C GLN A 20 3.17 -14.53 -11.50
N ASP A 21 4.46 -14.47 -11.44
CA ASP A 21 5.30 -13.74 -12.35
C ASP A 21 4.71 -12.41 -12.73
N THR A 22 4.33 -11.67 -11.72
CA THR A 22 3.71 -10.38 -11.92
C THR A 22 4.72 -9.40 -12.51
N SER A 23 4.25 -8.56 -13.42
CA SER A 23 5.10 -7.54 -14.02
C SER A 23 5.32 -6.42 -13.03
N GLU A 24 4.29 -6.14 -12.23
CA GLU A 24 4.34 -5.08 -11.25
C GLU A 24 3.19 -5.19 -10.26
N TYR A 25 3.45 -4.86 -9.02
CA TYR A 25 2.38 -4.85 -8.02
C TYR A 25 2.09 -3.43 -7.62
N ILE A 26 0.87 -3.00 -7.85
CA ILE A 26 0.44 -1.69 -7.43
C ILE A 26 -0.50 -1.82 -6.26
N ILE A 27 -0.20 -1.11 -5.20
CA ILE A 27 -1.00 -1.17 -4.00
C ILE A 27 -1.79 0.10 -3.86
N SER A 28 -3.04 -0.06 -3.50
CA SER A 28 -3.96 1.06 -3.41
C SER A 28 -4.45 1.20 -1.98
N CYS A 29 -3.85 2.13 -1.26
CA CYS A 29 -4.23 2.38 0.12
C CYS A 29 -5.37 3.40 0.17
N HIS A 30 -6.60 2.90 0.32
CA HIS A 30 -7.78 3.76 0.34
C HIS A 30 -8.14 4.18 1.75
N PRO A 31 -7.92 5.44 2.06
CA PRO A 31 -8.21 6.01 3.38
C PRO A 31 -9.69 6.05 3.70
N VAL A 32 -9.97 5.64 4.90
CA VAL A 32 -11.30 5.64 5.44
C VAL A 32 -11.40 6.73 6.51
N GLY A 33 -12.48 7.49 6.51
CA GLY A 33 -12.66 8.53 7.51
C GLY A 33 -12.26 9.90 6.99
N THR A 34 -11.16 9.93 6.25
CA THR A 34 -10.65 11.15 5.67
C THR A 34 -11.06 11.30 4.22
N ASP A 35 -10.70 12.43 3.64
CA ASP A 35 -10.87 12.65 2.23
C ASP A 35 -9.57 12.42 1.47
N GLU A 36 -8.66 11.68 2.08
CA GLU A 36 -7.38 11.41 1.47
C GLU A 36 -7.52 10.49 0.29
N GLU A 37 -6.58 10.61 -0.63
CA GLU A 37 -6.59 9.82 -1.82
C GLU A 37 -5.84 8.53 -1.57
N PRO A 38 -6.15 7.51 -2.37
CA PRO A 38 -5.47 6.22 -2.28
C PRO A 38 -4.01 6.35 -2.65
N LEU A 39 -3.17 6.06 -1.68
CA LEU A 39 -1.75 6.05 -1.92
C LEU A 39 -1.42 4.84 -2.74
N GLN A 40 -1.09 5.08 -3.97
CA GLN A 40 -0.77 4.01 -4.86
C GLN A 40 0.72 3.80 -4.91
N PHE A 41 1.09 2.64 -4.45
CA PHE A 41 2.49 2.26 -4.33
C PHE A 41 2.84 1.24 -5.40
N ARG A 42 4.01 1.39 -5.96
CA ARG A 42 4.43 0.58 -7.09
C ARG A 42 5.72 -0.17 -6.76
N VAL A 43 5.67 -1.49 -6.83
CA VAL A 43 6.82 -2.33 -6.51
C VAL A 43 7.05 -3.36 -7.61
N PRO A 44 8.29 -3.84 -7.68
CA PRO A 44 8.75 -4.85 -8.63
C PRO A 44 7.85 -6.09 -8.66
N GLY A 45 7.68 -6.68 -9.84
CA GLY A 45 6.71 -7.74 -10.05
C GLY A 45 7.04 -9.05 -9.34
N THR A 46 8.23 -9.18 -8.79
CA THR A 46 8.57 -10.38 -8.06
C THR A 46 8.50 -10.16 -6.54
N SER A 47 8.55 -8.90 -6.12
CA SER A 47 8.46 -8.53 -4.71
C SER A 47 7.13 -8.97 -4.11
N THR A 48 7.17 -9.41 -2.85
CA THR A 48 5.98 -9.87 -2.19
C THR A 48 5.75 -9.12 -0.88
N SER A 49 6.46 -8.01 -0.72
CA SER A 49 6.32 -7.17 0.46
C SER A 49 6.74 -5.73 0.12
N ALA A 50 6.14 -4.77 0.81
CA ALA A 50 6.46 -3.37 0.59
C ALA A 50 6.20 -2.54 1.80
N THR A 51 7.13 -1.66 2.06
CA THR A 51 6.98 -0.67 3.07
C THR A 51 6.20 0.50 2.56
N LEU A 52 5.01 0.63 3.08
CA LEU A 52 4.12 1.69 2.69
C LEU A 52 4.29 2.87 3.61
N THR A 53 5.12 3.80 3.17
CA THR A 53 5.52 4.93 3.98
C THR A 53 4.77 6.17 3.57
N GLY A 54 4.37 6.93 4.56
CA GLY A 54 3.68 8.19 4.35
C GLY A 54 2.23 8.14 4.79
N LEU A 55 1.76 6.96 5.19
CA LEU A 55 0.42 6.81 5.73
C LEU A 55 0.23 7.62 7.00
N THR A 56 -0.93 8.21 7.15
CA THR A 56 -1.23 9.07 8.28
C THR A 56 -1.75 8.26 9.45
N ARG A 57 -0.90 8.20 10.44
CA ARG A 57 -1.19 7.55 11.70
C ARG A 57 -2.43 8.12 12.34
N GLY A 58 -3.31 7.20 12.71
CA GLY A 58 -4.55 7.55 13.31
C GLY A 58 -5.69 7.53 12.30
N ALA A 59 -5.35 7.16 11.08
CA ALA A 59 -6.32 7.05 10.01
C ALA A 59 -6.36 5.63 9.50
N THR A 60 -7.53 5.30 9.01
CA THR A 60 -7.83 3.99 8.52
C THR A 60 -7.56 3.91 7.03
N TYR A 61 -6.94 2.83 6.59
CA TYR A 61 -6.61 2.66 5.18
C TYR A 61 -6.95 1.26 4.69
N ASN A 62 -7.78 1.18 3.66
CA ASN A 62 -8.08 -0.10 3.03
C ASN A 62 -7.04 -0.38 1.97
N ILE A 63 -6.14 -1.28 2.30
CA ILE A 63 -5.01 -1.59 1.46
C ILE A 63 -5.36 -2.69 0.48
N ILE A 64 -5.39 -2.33 -0.80
CA ILE A 64 -5.70 -3.27 -1.86
C ILE A 64 -4.51 -3.43 -2.77
N VAL A 65 -4.11 -4.66 -3.04
CA VAL A 65 -2.96 -4.91 -3.87
C VAL A 65 -3.41 -5.55 -5.17
N GLU A 66 -3.04 -4.94 -6.29
CA GLU A 66 -3.42 -5.46 -7.60
C GLU A 66 -2.18 -5.76 -8.42
N ALA A 67 -2.12 -6.97 -8.93
CA ALA A 67 -0.97 -7.42 -9.70
C ALA A 67 -1.09 -7.08 -11.16
N LEU A 68 -0.14 -6.29 -11.63
CA LEU A 68 -0.05 -5.95 -13.03
C LEU A 68 0.58 -7.13 -13.77
N LYS A 69 -0.23 -7.86 -14.50
CA LYS A 69 0.19 -9.08 -15.13
C LYS A 69 -0.49 -9.18 -16.49
N ASP A 70 0.24 -8.80 -17.54
CA ASP A 70 -0.35 -8.71 -18.91
C ASP A 70 -1.46 -7.66 -19.02
N GLN A 71 -1.07 -6.41 -19.11
CA GLN A 71 -1.96 -5.24 -19.09
C GLN A 71 -2.93 -5.14 -17.89
N GLN A 72 -3.22 -6.25 -17.22
CA GLN A 72 -4.27 -6.25 -16.22
C GLN A 72 -3.73 -6.20 -14.82
N ARG A 73 -4.63 -5.88 -13.90
CA ARG A 73 -4.31 -5.75 -12.50
C ARG A 73 -5.23 -6.65 -11.67
N HIS A 74 -4.64 -7.65 -11.03
CA HIS A 74 -5.41 -8.70 -10.36
C HIS A 74 -5.45 -8.46 -8.83
N LYS A 75 -6.64 -8.49 -8.21
CA LYS A 75 -6.73 -8.48 -6.72
C LYS A 75 -5.87 -9.60 -6.13
N VAL A 76 -4.88 -9.22 -5.34
CA VAL A 76 -4.05 -10.17 -4.65
C VAL A 76 -4.41 -10.22 -3.18
N ARG A 77 -4.51 -9.03 -2.60
CA ARG A 77 -4.80 -8.90 -1.20
C ARG A 77 -5.56 -7.61 -0.95
N GLU A 78 -6.54 -7.67 -0.07
CA GLU A 78 -7.28 -6.49 0.34
C GLU A 78 -7.52 -6.55 1.83
N GLU A 79 -7.18 -5.49 2.52
CA GLU A 79 -7.32 -5.46 3.97
C GLU A 79 -7.29 -4.07 4.51
N VAL A 80 -8.18 -3.82 5.46
CA VAL A 80 -8.26 -2.52 6.04
C VAL A 80 -7.36 -2.45 7.27
N VAL A 81 -6.48 -1.47 7.27
CA VAL A 81 -5.58 -1.27 8.38
C VAL A 81 -5.63 0.14 8.87
N THR A 82 -5.76 0.24 10.16
CA THR A 82 -5.58 1.46 10.86
C THR A 82 -4.09 1.64 11.15
N VAL A 83 -3.62 2.84 10.94
CA VAL A 83 -2.19 3.10 10.96
C VAL A 83 -1.78 3.80 12.26
N GLY A 84 -0.67 3.34 12.84
CA GLY A 84 -0.15 3.99 14.03
C GLY A 84 0.13 3.01 15.16
N ASN A 85 -0.91 2.63 15.93
CA ASN A 85 -0.73 1.78 17.12
C ASN A 85 -2.04 1.69 17.86
N SER A 86 -3.14 1.84 17.14
CA SER A 86 -4.39 2.16 17.80
C SER A 86 -5.59 1.62 17.02
N ASN A 1 11.07 13.82 8.70
CA ASN A 1 11.54 15.07 8.07
C ASN A 1 12.11 14.76 6.70
N ALA A 2 12.61 15.79 6.00
CA ALA A 2 13.17 15.65 4.63
C ALA A 2 12.04 15.52 3.60
N SER A 3 10.89 15.08 4.08
CA SER A 3 9.66 15.12 3.28
C SER A 3 9.06 16.53 3.41
N THR A 4 8.19 16.96 2.49
CA THR A 4 7.67 18.34 2.57
C THR A 4 6.15 18.34 2.39
N GLY A 5 5.50 17.36 3.02
CA GLY A 5 4.05 17.27 2.95
C GLY A 5 3.51 16.35 4.03
N GLN A 6 4.08 15.16 4.11
CA GLN A 6 3.68 14.18 5.12
C GLN A 6 4.71 14.17 6.24
N GLU A 7 4.42 14.87 7.31
CA GLU A 7 5.17 14.63 8.54
C GLU A 7 4.40 13.93 9.63
N ALA A 8 3.23 13.44 9.32
CA ALA A 8 2.48 12.64 10.27
C ALA A 8 2.42 11.24 9.76
N LEU A 9 3.52 10.90 9.16
CA LEU A 9 3.70 9.69 8.41
C LEU A 9 4.08 8.49 9.27
N SER A 10 3.61 7.34 8.82
CA SER A 10 3.97 6.06 9.39
C SER A 10 4.48 5.15 8.26
N GLN A 11 5.07 4.01 8.63
CA GLN A 11 5.53 3.04 7.63
C GLN A 11 4.89 1.68 7.89
N THR A 12 4.04 1.24 6.98
CA THR A 12 3.43 -0.07 7.10
C THR A 12 4.03 -1.02 6.10
N THR A 13 4.93 -1.83 6.59
CA THR A 13 5.50 -2.88 5.81
C THR A 13 4.53 -4.05 5.75
N ILE A 14 4.12 -4.39 4.54
CA ILE A 14 3.06 -5.38 4.33
C ILE A 14 3.49 -6.38 3.29
N SER A 15 3.18 -7.64 3.57
CA SER A 15 3.55 -8.71 2.67
C SER A 15 2.32 -9.41 2.12
N TRP A 16 2.46 -9.91 0.92
CA TRP A 16 1.40 -10.64 0.25
C TRP A 16 1.98 -11.89 -0.32
N ALA A 17 1.13 -12.77 -0.73
CA ALA A 17 1.58 -14.02 -1.20
C ALA A 17 1.83 -13.96 -2.68
N PRO A 18 2.97 -14.53 -3.07
CA PRO A 18 3.45 -14.50 -4.43
C PRO A 18 2.38 -14.87 -5.42
N PHE A 19 2.07 -13.94 -6.29
CA PHE A 19 1.03 -14.14 -7.25
C PHE A 19 1.58 -14.68 -8.57
N GLN A 20 2.91 -14.65 -8.68
CA GLN A 20 3.64 -15.22 -9.82
C GLN A 20 3.79 -14.29 -10.96
N ASP A 21 5.06 -14.05 -11.17
CA ASP A 21 5.58 -13.42 -12.33
C ASP A 21 4.87 -12.15 -12.72
N THR A 22 4.45 -11.40 -11.72
CA THR A 22 3.75 -10.16 -11.94
C THR A 22 4.71 -9.12 -12.52
N SER A 23 4.21 -8.33 -13.44
CA SER A 23 5.00 -7.27 -14.05
C SER A 23 5.15 -6.09 -13.08
N GLU A 24 4.14 -5.92 -12.23
CA GLU A 24 4.18 -4.88 -11.20
C GLU A 24 3.06 -5.08 -10.19
N TYR A 25 3.36 -4.82 -8.94
CA TYR A 25 2.34 -4.86 -7.89
C TYR A 25 2.00 -3.45 -7.45
N ILE A 26 0.79 -3.01 -7.77
CA ILE A 26 0.33 -1.72 -7.31
C ILE A 26 -0.51 -1.90 -6.06
N ILE A 27 -0.09 -1.23 -5.02
CA ILE A 27 -0.80 -1.25 -3.78
C ILE A 27 -1.60 0.03 -3.65
N SER A 28 -2.86 -0.10 -3.32
CA SER A 28 -3.75 1.04 -3.28
C SER A 28 -4.35 1.22 -1.90
N CYS A 29 -3.74 2.12 -1.14
CA CYS A 29 -4.22 2.45 0.20
C CYS A 29 -5.41 3.39 0.12
N HIS A 30 -6.61 2.86 0.26
CA HIS A 30 -7.83 3.69 0.24
C HIS A 30 -8.16 4.17 1.65
N PRO A 31 -7.96 5.46 1.91
CA PRO A 31 -8.21 6.07 3.21
C PRO A 31 -9.67 6.13 3.56
N VAL A 32 -9.94 5.68 4.75
CA VAL A 32 -11.26 5.68 5.33
C VAL A 32 -11.32 6.76 6.41
N GLY A 33 -12.43 7.48 6.48
CA GLY A 33 -12.61 8.48 7.54
C GLY A 33 -12.15 9.86 7.09
N THR A 34 -11.11 9.89 6.30
CA THR A 34 -10.60 11.13 5.74
C THR A 34 -11.06 11.31 4.32
N ASP A 35 -10.75 12.48 3.78
CA ASP A 35 -10.93 12.72 2.36
C ASP A 35 -9.59 12.64 1.66
N GLU A 36 -8.81 11.63 2.00
CA GLU A 36 -7.53 11.44 1.36
C GLU A 36 -7.69 10.55 0.16
N GLU A 37 -6.81 10.75 -0.80
CA GLU A 37 -6.80 9.97 -1.97
C GLU A 37 -5.90 8.75 -1.76
N PRO A 38 -6.21 7.67 -2.46
CA PRO A 38 -5.51 6.40 -2.32
C PRO A 38 -4.04 6.50 -2.65
N LEU A 39 -3.22 6.22 -1.66
CA LEU A 39 -1.80 6.13 -1.85
C LEU A 39 -1.47 4.90 -2.63
N GLN A 40 -0.94 5.11 -3.81
CA GLN A 40 -0.59 4.03 -4.68
C GLN A 40 0.90 3.82 -4.71
N PHE A 41 1.26 2.60 -4.45
CA PHE A 41 2.66 2.21 -4.40
C PHE A 41 2.93 1.10 -5.41
N ARG A 42 3.96 1.30 -6.20
CA ARG A 42 4.32 0.37 -7.25
C ARG A 42 5.65 -0.31 -6.93
N VAL A 43 5.61 -1.62 -6.73
CA VAL A 43 6.80 -2.39 -6.42
C VAL A 43 7.04 -3.45 -7.48
N PRO A 44 8.30 -3.87 -7.58
CA PRO A 44 8.78 -4.86 -8.55
C PRO A 44 7.88 -6.11 -8.59
N GLY A 45 7.70 -6.66 -9.78
CA GLY A 45 6.71 -7.69 -10.00
C GLY A 45 7.02 -9.03 -9.33
N THR A 46 8.21 -9.19 -8.79
CA THR A 46 8.51 -10.41 -8.07
C THR A 46 8.54 -10.19 -6.56
N SER A 47 8.59 -8.92 -6.12
CA SER A 47 8.53 -8.57 -4.72
C SER A 47 7.20 -9.00 -4.09
N THR A 48 7.25 -9.47 -2.87
CA THR A 48 6.06 -9.93 -2.17
C THR A 48 5.88 -9.19 -0.85
N SER A 49 6.60 -8.10 -0.69
CA SER A 49 6.52 -7.27 0.52
C SER A 49 6.97 -5.84 0.22
N ALA A 50 6.29 -4.89 0.83
CA ALA A 50 6.57 -3.47 0.60
C ALA A 50 6.29 -2.65 1.83
N THR A 51 7.12 -1.66 1.98
CA THR A 51 6.96 -0.69 3.02
C THR A 51 6.12 0.46 2.54
N LEU A 52 4.96 0.53 3.12
CA LEU A 52 4.03 1.60 2.81
C LEU A 52 4.32 2.80 3.68
N THR A 53 5.04 3.74 3.11
CA THR A 53 5.47 4.90 3.85
C THR A 53 4.67 6.11 3.43
N GLY A 54 4.24 6.86 4.42
CA GLY A 54 3.49 8.06 4.19
C GLY A 54 2.11 8.03 4.81
N LEU A 55 1.64 6.82 5.15
CA LEU A 55 0.32 6.67 5.75
C LEU A 55 0.18 7.50 7.00
N THR A 56 -0.88 8.28 7.05
CA THR A 56 -1.16 9.14 8.19
C THR A 56 -1.67 8.34 9.36
N ARG A 57 -0.83 8.29 10.35
CA ARG A 57 -1.14 7.66 11.62
C ARG A 57 -2.39 8.26 12.23
N GLY A 58 -3.29 7.37 12.55
CA GLY A 58 -4.57 7.74 13.09
C GLY A 58 -5.65 7.70 12.03
N ALA A 59 -5.26 7.30 10.83
CA ALA A 59 -6.18 7.15 9.73
C ALA A 59 -6.23 5.72 9.27
N THR A 60 -7.38 5.37 8.79
CA THR A 60 -7.69 4.05 8.35
C THR A 60 -7.44 3.92 6.85
N TYR A 61 -6.75 2.87 6.44
CA TYR A 61 -6.45 2.66 5.03
C TYR A 61 -6.82 1.26 4.57
N ASN A 62 -7.75 1.16 3.63
CA ASN A 62 -8.09 -0.11 3.03
C ASN A 62 -7.08 -0.42 1.94
N ILE A 63 -6.13 -1.26 2.31
CA ILE A 63 -5.01 -1.58 1.47
C ILE A 63 -5.37 -2.68 0.48
N ILE A 64 -5.37 -2.33 -0.79
CA ILE A 64 -5.71 -3.25 -1.85
C ILE A 64 -4.55 -3.41 -2.80
N VAL A 65 -4.15 -4.65 -3.04
CA VAL A 65 -2.99 -4.93 -3.85
C VAL A 65 -3.44 -5.55 -5.17
N GLU A 66 -3.05 -4.93 -6.26
CA GLU A 66 -3.41 -5.43 -7.57
C GLU A 66 -2.17 -5.79 -8.38
N ALA A 67 -2.21 -6.94 -9.00
CA ALA A 67 -1.09 -7.45 -9.75
C ALA A 67 -1.19 -7.08 -11.21
N LEU A 68 -0.25 -6.26 -11.65
CA LEU A 68 -0.15 -5.94 -13.05
C LEU A 68 0.51 -7.11 -13.75
N LYS A 69 -0.31 -7.93 -14.38
CA LYS A 69 0.10 -9.22 -14.88
C LYS A 69 -0.56 -9.42 -16.24
N ASP A 70 0.17 -9.07 -17.30
CA ASP A 70 -0.38 -9.08 -18.67
C ASP A 70 -1.39 -7.95 -18.87
N GLN A 71 -0.86 -6.74 -18.95
CA GLN A 71 -1.62 -5.49 -19.06
C GLN A 71 -2.68 -5.24 -17.96
N GLN A 72 -3.13 -6.27 -17.26
CA GLN A 72 -4.22 -6.11 -16.32
C GLN A 72 -3.77 -6.23 -14.88
N ARG A 73 -4.64 -5.79 -13.99
CA ARG A 73 -4.34 -5.75 -12.57
C ARG A 73 -5.33 -6.62 -11.80
N HIS A 74 -4.82 -7.66 -11.18
CA HIS A 74 -5.67 -8.63 -10.49
C HIS A 74 -5.59 -8.44 -8.97
N LYS A 75 -6.75 -8.39 -8.29
CA LYS A 75 -6.79 -8.40 -6.80
C LYS A 75 -5.89 -9.49 -6.24
N VAL A 76 -4.92 -9.10 -5.44
CA VAL A 76 -4.04 -10.03 -4.76
C VAL A 76 -4.43 -10.14 -3.31
N ARG A 77 -4.51 -8.99 -2.68
CA ARG A 77 -4.81 -8.90 -1.28
C ARG A 77 -5.58 -7.62 -1.00
N GLU A 78 -6.54 -7.72 -0.11
CA GLU A 78 -7.30 -6.56 0.33
C GLU A 78 -7.47 -6.59 1.83
N GLU A 79 -7.05 -5.52 2.48
CA GLU A 79 -7.18 -5.45 3.92
C GLU A 79 -7.06 -4.04 4.41
N VAL A 80 -8.03 -3.63 5.19
CA VAL A 80 -8.02 -2.30 5.72
C VAL A 80 -7.46 -2.23 7.13
N VAL A 81 -6.50 -1.35 7.27
CA VAL A 81 -5.74 -1.20 8.50
C VAL A 81 -5.76 0.22 8.97
N THR A 82 -6.01 0.34 10.25
CA THR A 82 -5.84 1.57 10.96
C THR A 82 -4.39 1.73 11.33
N VAL A 83 -3.82 2.83 10.90
CA VAL A 83 -2.42 3.09 11.13
C VAL A 83 -2.22 3.80 12.46
N GLY A 84 -1.34 3.26 13.28
CA GLY A 84 -1.06 3.86 14.58
C GLY A 84 -1.24 2.87 15.71
N ASN A 85 -2.49 2.59 16.13
CA ASN A 85 -2.72 1.67 17.24
C ASN A 85 -4.18 1.29 17.39
N SER A 86 -5.10 2.15 16.99
CA SER A 86 -6.48 1.97 17.42
C SER A 86 -7.45 2.59 16.42
N ASN A 1 9.53 19.75 13.24
CA ASN A 1 10.00 19.50 11.86
C ASN A 1 11.52 19.41 11.81
N ALA A 2 12.07 18.40 12.46
CA ALA A 2 13.51 18.11 12.35
C ALA A 2 13.74 16.64 12.01
N SER A 3 12.84 16.06 11.21
CA SER A 3 12.91 14.65 10.87
C SER A 3 13.70 14.53 9.56
N THR A 4 14.55 13.51 9.34
CA THR A 4 15.33 13.50 8.08
C THR A 4 14.72 12.52 7.09
N GLY A 5 13.39 12.54 7.00
CA GLY A 5 12.72 11.69 6.05
C GLY A 5 11.21 11.73 6.19
N GLN A 6 10.65 11.00 7.16
CA GLN A 6 9.22 10.99 7.34
C GLN A 6 8.83 11.90 8.49
N GLU A 7 8.29 13.06 8.17
CA GLU A 7 7.77 13.92 9.22
C GLU A 7 6.67 13.27 10.04
N ALA A 8 5.54 13.03 9.45
CA ALA A 8 4.45 12.38 10.19
C ALA A 8 3.98 11.10 9.54
N LEU A 9 4.84 10.56 8.73
CA LEU A 9 4.48 9.54 7.81
C LEU A 9 4.78 8.17 8.38
N SER A 10 3.76 7.36 8.52
CA SER A 10 3.91 6.04 9.11
C SER A 10 4.19 5.03 8.01
N GLN A 11 4.92 3.99 8.36
CA GLN A 11 5.30 2.98 7.36
C GLN A 11 4.67 1.64 7.70
N THR A 12 3.80 1.18 6.82
CA THR A 12 3.21 -0.14 6.94
C THR A 12 3.88 -1.09 5.98
N THR A 13 4.79 -1.86 6.51
CA THR A 13 5.38 -2.93 5.77
C THR A 13 4.40 -4.09 5.69
N ILE A 14 3.98 -4.38 4.48
CA ILE A 14 2.93 -5.38 4.25
C ILE A 14 3.40 -6.38 3.22
N SER A 15 3.14 -7.63 3.51
CA SER A 15 3.52 -8.70 2.62
C SER A 15 2.30 -9.38 2.03
N TRP A 16 2.49 -9.92 0.86
CA TRP A 16 1.45 -10.68 0.19
C TRP A 16 2.06 -11.91 -0.38
N ALA A 17 1.23 -12.84 -0.70
CA ALA A 17 1.68 -14.09 -1.18
C ALA A 17 1.95 -14.01 -2.66
N PRO A 18 3.08 -14.58 -3.05
CA PRO A 18 3.58 -14.54 -4.41
C PRO A 18 2.51 -14.91 -5.41
N PHE A 19 2.25 -14.00 -6.30
CA PHE A 19 1.20 -14.16 -7.28
C PHE A 19 1.76 -14.70 -8.60
N GLN A 20 3.09 -14.71 -8.71
CA GLN A 20 3.80 -15.38 -9.83
C GLN A 20 3.89 -14.52 -11.06
N ASP A 21 5.13 -14.23 -11.35
CA ASP A 21 5.57 -13.49 -12.52
C ASP A 21 4.73 -12.26 -12.82
N THR A 22 4.48 -11.49 -11.80
CA THR A 22 3.81 -10.22 -11.97
C THR A 22 4.75 -9.23 -12.63
N SER A 23 4.24 -8.40 -13.54
CA SER A 23 5.04 -7.35 -14.12
C SER A 23 5.21 -6.22 -13.11
N GLU A 24 4.14 -5.94 -12.37
CA GLU A 24 4.12 -4.85 -11.40
C GLU A 24 3.10 -5.11 -10.30
N TYR A 25 3.47 -4.87 -9.05
CA TYR A 25 2.48 -4.92 -7.97
C TYR A 25 2.18 -3.50 -7.54
N ILE A 26 0.93 -3.13 -7.64
CA ILE A 26 0.51 -1.81 -7.23
C ILE A 26 -0.44 -1.90 -6.07
N ILE A 27 -0.03 -1.28 -4.99
CA ILE A 27 -0.79 -1.30 -3.77
C ILE A 27 -1.60 -0.03 -3.69
N SER A 28 -2.85 -0.19 -3.34
CA SER A 28 -3.77 0.92 -3.32
C SER A 28 -4.36 1.08 -1.92
N CYS A 29 -3.83 2.05 -1.20
CA CYS A 29 -4.28 2.31 0.16
C CYS A 29 -5.39 3.34 0.17
N HIS A 30 -6.63 2.87 0.29
CA HIS A 30 -7.79 3.76 0.29
C HIS A 30 -8.11 4.21 1.70
N PRO A 31 -7.96 5.50 1.96
CA PRO A 31 -8.22 6.08 3.27
C PRO A 31 -9.69 6.22 3.57
N VAL A 32 -10.03 5.81 4.76
CA VAL A 32 -11.37 5.89 5.28
C VAL A 32 -11.41 6.97 6.36
N GLY A 33 -12.43 7.81 6.33
CA GLY A 33 -12.57 8.85 7.34
C GLY A 33 -12.06 10.19 6.86
N THR A 34 -10.95 10.16 6.14
CA THR A 34 -10.40 11.34 5.53
C THR A 34 -10.86 11.49 4.09
N ASP A 35 -10.54 12.63 3.51
CA ASP A 35 -10.76 12.83 2.10
C ASP A 35 -9.46 12.65 1.33
N GLU A 36 -8.60 11.78 1.84
CA GLU A 36 -7.35 11.49 1.18
C GLU A 36 -7.56 10.54 0.04
N GLU A 37 -6.57 10.50 -0.81
CA GLU A 37 -6.61 9.70 -1.97
C GLU A 37 -5.84 8.42 -1.71
N PRO A 38 -6.16 7.37 -2.46
CA PRO A 38 -5.50 6.08 -2.34
C PRO A 38 -4.03 6.21 -2.68
N LEU A 39 -3.20 5.96 -1.69
CA LEU A 39 -1.78 5.99 -1.87
C LEU A 39 -1.37 4.77 -2.63
N GLN A 40 -0.94 4.99 -3.84
CA GLN A 40 -0.58 3.91 -4.70
C GLN A 40 0.90 3.72 -4.74
N PHE A 41 1.29 2.53 -4.41
CA PHE A 41 2.69 2.14 -4.33
C PHE A 41 2.97 1.02 -5.30
N ARG A 42 4.02 1.17 -6.08
CA ARG A 42 4.35 0.20 -7.11
C ARG A 42 5.71 -0.44 -6.85
N VAL A 43 5.70 -1.75 -6.79
CA VAL A 43 6.92 -2.51 -6.54
C VAL A 43 7.11 -3.56 -7.62
N PRO A 44 8.37 -3.98 -7.78
CA PRO A 44 8.79 -4.98 -8.77
C PRO A 44 7.91 -6.24 -8.74
N GLY A 45 7.66 -6.80 -9.92
CA GLY A 45 6.70 -7.87 -10.06
C GLY A 45 7.09 -9.19 -9.41
N THR A 46 8.30 -9.28 -8.91
CA THR A 46 8.72 -10.48 -8.21
C THR A 46 8.69 -10.28 -6.68
N SER A 47 8.70 -9.01 -6.25
CA SER A 47 8.61 -8.66 -4.83
C SER A 47 7.30 -9.15 -4.22
N THR A 48 7.33 -9.54 -2.95
CA THR A 48 6.13 -10.00 -2.28
C THR A 48 5.88 -9.23 -0.99
N SER A 49 6.58 -8.11 -0.83
CA SER A 49 6.38 -7.25 0.34
C SER A 49 6.79 -5.82 0.02
N ALA A 50 6.15 -4.86 0.69
CA ALA A 50 6.44 -3.45 0.50
C ALA A 50 6.17 -2.66 1.74
N THR A 51 6.98 -1.65 1.89
CA THR A 51 6.86 -0.74 2.98
C THR A 51 6.10 0.49 2.55
N LEU A 52 4.94 0.62 3.11
CA LEU A 52 4.04 1.71 2.79
C LEU A 52 4.33 2.94 3.63
N THR A 53 5.15 3.83 3.08
CA THR A 53 5.49 5.07 3.74
C THR A 53 4.48 6.17 3.45
N GLY A 54 3.87 6.68 4.49
CA GLY A 54 3.04 7.86 4.34
C GLY A 54 1.57 7.64 4.64
N LEU A 55 1.21 6.50 5.21
CA LEU A 55 -0.13 6.33 5.73
C LEU A 55 -0.28 7.20 6.97
N THR A 56 -1.17 8.17 6.89
CA THR A 56 -1.39 9.10 7.99
C THR A 56 -1.95 8.37 9.20
N ARG A 57 -1.10 8.31 10.19
CA ARG A 57 -1.42 7.73 11.47
C ARG A 57 -2.66 8.33 12.08
N GLY A 58 -3.54 7.44 12.48
CA GLY A 58 -4.80 7.80 13.06
C GLY A 58 -5.92 7.74 12.05
N ALA A 59 -5.55 7.40 10.82
CA ALA A 59 -6.52 7.23 9.75
C ALA A 59 -6.57 5.80 9.32
N THR A 60 -7.77 5.43 8.95
CA THR A 60 -8.06 4.11 8.47
C THR A 60 -7.69 4.00 7.00
N TYR A 61 -7.06 2.90 6.63
CA TYR A 61 -6.62 2.69 5.28
C TYR A 61 -7.00 1.28 4.80
N ASN A 62 -7.83 1.21 3.77
CA ASN A 62 -8.17 -0.05 3.15
C ASN A 62 -7.12 -0.38 2.11
N ILE A 63 -6.25 -1.28 2.48
CA ILE A 63 -5.09 -1.62 1.68
C ILE A 63 -5.42 -2.73 0.70
N ILE A 64 -5.46 -2.38 -0.57
CA ILE A 64 -5.75 -3.34 -1.62
C ILE A 64 -4.54 -3.47 -2.53
N VAL A 65 -4.09 -4.69 -2.76
CA VAL A 65 -2.91 -4.94 -3.56
C VAL A 65 -3.33 -5.47 -4.91
N GLU A 66 -2.82 -4.88 -5.96
CA GLU A 66 -3.13 -5.32 -7.31
C GLU A 66 -1.89 -5.79 -8.04
N ALA A 67 -2.06 -6.81 -8.85
CA ALA A 67 -0.99 -7.36 -9.65
C ALA A 67 -1.17 -7.01 -11.10
N LEU A 68 -0.22 -6.27 -11.62
CA LEU A 68 -0.19 -5.95 -13.01
C LEU A 68 0.35 -7.15 -13.77
N LYS A 69 -0.54 -7.84 -14.43
CA LYS A 69 -0.21 -9.06 -15.13
C LYS A 69 -0.90 -9.02 -16.48
N ASP A 70 -0.15 -9.26 -17.56
CA ASP A 70 -0.72 -9.07 -18.93
C ASP A 70 -1.59 -7.81 -19.05
N GLN A 71 -0.93 -6.67 -19.05
CA GLN A 71 -1.55 -5.34 -19.15
C GLN A 71 -2.53 -4.96 -18.02
N GLN A 72 -3.09 -5.92 -17.30
CA GLN A 72 -4.19 -5.61 -16.38
C GLN A 72 -3.83 -5.88 -14.93
N ARG A 73 -4.67 -5.34 -14.05
CA ARG A 73 -4.41 -5.38 -12.62
C ARG A 73 -5.50 -6.15 -11.89
N HIS A 74 -5.09 -7.22 -11.23
CA HIS A 74 -6.01 -8.04 -10.43
C HIS A 74 -5.67 -7.88 -8.95
N LYS A 75 -6.63 -8.00 -8.01
CA LYS A 75 -6.26 -7.76 -6.61
C LYS A 75 -5.72 -9.06 -6.00
N VAL A 76 -4.65 -8.92 -5.27
CA VAL A 76 -3.95 -10.02 -4.66
C VAL A 76 -4.35 -10.17 -3.22
N ARG A 77 -4.69 -9.04 -2.64
CA ARG A 77 -4.91 -8.94 -1.22
C ARG A 77 -5.67 -7.67 -0.89
N GLU A 78 -6.59 -7.76 0.05
CA GLU A 78 -7.32 -6.59 0.53
C GLU A 78 -7.47 -6.68 2.04
N GLU A 79 -7.17 -5.58 2.72
CA GLU A 79 -7.25 -5.57 4.17
C GLU A 79 -7.30 -4.17 4.70
N VAL A 80 -8.19 -3.96 5.67
CA VAL A 80 -8.37 -2.65 6.22
C VAL A 80 -7.53 -2.48 7.47
N VAL A 81 -6.72 -1.44 7.50
CA VAL A 81 -5.90 -1.16 8.67
C VAL A 81 -6.10 0.24 9.15
N THR A 82 -5.87 0.37 10.41
CA THR A 82 -5.86 1.64 11.07
C THR A 82 -4.48 1.87 11.64
N VAL A 83 -3.88 2.95 11.20
CA VAL A 83 -2.48 3.22 11.45
C VAL A 83 -2.31 4.00 12.74
N GLY A 84 -1.32 3.60 13.54
CA GLY A 84 -1.05 4.31 14.78
C GLY A 84 0.40 4.13 15.20
N ASN A 85 0.93 5.03 16.04
CA ASN A 85 2.34 4.93 16.46
C ASN A 85 2.67 5.99 17.50
N SER A 86 1.81 7.01 17.63
CA SER A 86 2.19 8.20 18.37
C SER A 86 0.98 9.11 18.58
N ASN A 1 9.08 18.77 5.14
CA ASN A 1 10.14 18.89 4.10
C ASN A 1 11.46 19.29 4.74
N ALA A 2 12.55 19.28 3.95
CA ALA A 2 13.91 19.60 4.45
C ALA A 2 14.46 18.49 5.36
N SER A 3 13.57 17.60 5.77
CA SER A 3 13.95 16.46 6.58
C SER A 3 14.29 15.28 5.63
N THR A 4 15.30 14.42 5.92
CA THR A 4 15.55 13.27 5.00
C THR A 4 15.14 11.96 5.66
N GLY A 5 14.03 12.02 6.39
CA GLY A 5 13.50 10.84 7.04
C GLY A 5 11.98 10.84 6.97
N GLN A 6 11.29 10.13 7.85
CA GLN A 6 9.83 10.13 7.84
C GLN A 6 9.28 11.00 8.95
N GLU A 7 8.91 12.23 8.59
CA GLU A 7 8.37 13.17 9.58
C GLU A 7 7.11 12.68 10.29
N ALA A 8 6.02 12.56 9.58
CA ALA A 8 4.80 12.08 10.21
C ALA A 8 4.27 10.81 9.57
N LEU A 9 5.16 10.23 8.84
CA LEU A 9 4.87 9.24 7.87
C LEU A 9 5.11 7.85 8.44
N SER A 10 4.04 7.06 8.53
CA SER A 10 4.15 5.74 9.08
C SER A 10 4.48 4.75 7.98
N GLN A 11 5.25 3.74 8.32
CA GLN A 11 5.64 2.75 7.34
C GLN A 11 4.95 1.42 7.64
N THR A 12 4.01 1.06 6.79
CA THR A 12 3.34 -0.21 6.91
C THR A 12 3.98 -1.23 6.01
N THR A 13 4.81 -2.03 6.61
CA THR A 13 5.39 -3.17 5.95
C THR A 13 4.30 -4.23 5.79
N ILE A 14 3.93 -4.48 4.55
CA ILE A 14 2.86 -5.41 4.25
C ILE A 14 3.33 -6.45 3.27
N SER A 15 3.00 -7.69 3.59
CA SER A 15 3.43 -8.82 2.80
C SER A 15 2.24 -9.50 2.17
N TRP A 16 2.48 -10.15 1.05
CA TRP A 16 1.45 -10.89 0.35
C TRP A 16 2.04 -12.11 -0.26
N ALA A 17 1.16 -12.99 -0.66
CA ALA A 17 1.59 -14.24 -1.17
C ALA A 17 1.90 -14.14 -2.64
N PRO A 18 3.06 -14.68 -2.99
CA PRO A 18 3.63 -14.60 -4.31
C PRO A 18 2.66 -14.95 -5.42
N PHE A 19 2.47 -13.99 -6.29
CA PHE A 19 1.81 -14.22 -7.55
C PHE A 19 2.90 -14.51 -8.60
N GLN A 20 2.55 -14.65 -9.87
CA GLN A 20 3.55 -15.12 -10.84
C GLN A 20 3.81 -14.15 -11.94
N ASP A 21 5.09 -13.87 -12.02
CA ASP A 21 5.70 -12.95 -12.93
C ASP A 21 4.88 -11.70 -13.15
N THR A 22 4.56 -11.03 -12.09
CA THR A 22 3.85 -9.79 -12.14
C THR A 22 4.75 -8.69 -12.69
N SER A 23 4.19 -7.81 -13.50
CA SER A 23 4.93 -6.65 -13.97
C SER A 23 5.07 -5.64 -12.83
N GLU A 24 3.99 -5.47 -12.07
CA GLU A 24 3.97 -4.56 -10.92
C GLU A 24 2.92 -4.94 -9.91
N TYR A 25 3.21 -4.77 -8.65
CA TYR A 25 2.17 -4.91 -7.63
C TYR A 25 1.80 -3.53 -7.16
N ILE A 26 0.72 -2.98 -7.70
CA ILE A 26 0.26 -1.69 -7.27
C ILE A 26 -0.61 -1.85 -6.04
N ILE A 27 -0.17 -1.25 -4.96
CA ILE A 27 -0.91 -1.31 -3.73
C ILE A 27 -1.71 -0.04 -3.60
N SER A 28 -2.96 -0.19 -3.27
CA SER A 28 -3.88 0.92 -3.29
C SER A 28 -4.48 1.13 -1.91
N CYS A 29 -3.89 2.04 -1.17
CA CYS A 29 -4.36 2.39 0.15
C CYS A 29 -5.49 3.40 0.08
N HIS A 30 -6.72 2.92 0.21
CA HIS A 30 -7.90 3.80 0.16
C HIS A 30 -8.24 4.29 1.57
N PRO A 31 -8.07 5.59 1.81
CA PRO A 31 -8.30 6.18 3.12
C PRO A 31 -9.77 6.24 3.50
N VAL A 32 -10.01 5.79 4.71
CA VAL A 32 -11.32 5.79 5.32
C VAL A 32 -11.37 6.90 6.36
N GLY A 33 -12.50 7.58 6.47
CA GLY A 33 -12.63 8.65 7.45
C GLY A 33 -12.32 10.00 6.83
N THR A 34 -11.29 10.02 6.01
CA THR A 34 -10.92 11.20 5.25
C THR A 34 -11.44 11.11 3.83
N ASP A 35 -11.28 12.19 3.11
CA ASP A 35 -11.57 12.20 1.70
C ASP A 35 -10.28 12.22 0.89
N GLU A 36 -9.22 11.69 1.50
CA GLU A 36 -7.94 11.65 0.84
C GLU A 36 -7.92 10.62 -0.25
N GLU A 37 -6.89 10.72 -1.06
CA GLU A 37 -6.76 9.90 -2.23
C GLU A 37 -6.04 8.61 -1.86
N PRO A 38 -6.30 7.57 -2.63
CA PRO A 38 -5.67 6.28 -2.44
C PRO A 38 -4.18 6.36 -2.75
N LEU A 39 -3.37 6.10 -1.74
CA LEU A 39 -1.95 6.04 -1.92
C LEU A 39 -1.60 4.78 -2.69
N GLN A 40 -0.99 4.98 -3.82
CA GLN A 40 -0.67 3.86 -4.68
C GLN A 40 0.82 3.63 -4.74
N PHE A 41 1.18 2.48 -4.28
CA PHE A 41 2.58 2.08 -4.21
C PHE A 41 2.86 1.02 -5.26
N ARG A 42 3.91 1.23 -6.03
CA ARG A 42 4.24 0.34 -7.13
C ARG A 42 5.58 -0.35 -6.87
N VAL A 43 5.53 -1.64 -6.61
CA VAL A 43 6.72 -2.42 -6.34
C VAL A 43 6.93 -3.45 -7.43
N PRO A 44 8.19 -3.86 -7.57
CA PRO A 44 8.62 -4.83 -8.58
C PRO A 44 7.75 -6.10 -8.57
N GLY A 45 7.50 -6.64 -9.75
CA GLY A 45 6.54 -7.72 -9.92
C GLY A 45 6.95 -9.03 -9.30
N THR A 46 8.16 -9.14 -8.81
CA THR A 46 8.57 -10.35 -8.13
C THR A 46 8.55 -10.17 -6.60
N SER A 47 8.55 -8.91 -6.14
CA SER A 47 8.47 -8.59 -4.72
C SER A 47 7.18 -9.12 -4.09
N THR A 48 7.26 -9.56 -2.84
CA THR A 48 6.09 -10.08 -2.15
C THR A 48 5.85 -9.36 -0.83
N SER A 49 6.52 -8.24 -0.64
CA SER A 49 6.37 -7.44 0.56
C SER A 49 6.85 -6.02 0.31
N ALA A 50 6.19 -5.05 0.93
CA ALA A 50 6.56 -3.65 0.76
C ALA A 50 6.31 -2.87 2.01
N THR A 51 7.31 -2.10 2.34
CA THR A 51 7.22 -1.14 3.38
C THR A 51 6.59 0.13 2.86
N LEU A 52 5.39 0.38 3.32
CA LEU A 52 4.61 1.49 2.83
C LEU A 52 4.82 2.74 3.67
N THR A 53 5.67 3.61 3.15
CA THR A 53 6.01 4.86 3.82
C THR A 53 5.02 5.97 3.51
N GLY A 54 4.41 6.50 4.55
CA GLY A 54 3.65 7.72 4.41
C GLY A 54 2.15 7.58 4.58
N LEU A 55 1.70 6.47 5.15
CA LEU A 55 0.34 6.38 5.59
C LEU A 55 0.16 7.23 6.85
N THR A 56 -0.78 8.14 6.81
CA THR A 56 -1.03 9.05 7.91
C THR A 56 -1.59 8.31 9.10
N ARG A 57 -0.74 8.17 10.07
CA ARG A 57 -1.10 7.59 11.34
C ARG A 57 -2.29 8.27 11.97
N GLY A 58 -3.22 7.45 12.40
CA GLY A 58 -4.45 7.92 12.96
C GLY A 58 -5.56 7.94 11.93
N ALA A 59 -5.21 7.50 10.73
CA ALA A 59 -6.16 7.38 9.64
C ALA A 59 -6.19 5.96 9.15
N THR A 60 -7.33 5.61 8.64
CA THR A 60 -7.61 4.28 8.22
C THR A 60 -7.41 4.14 6.71
N TYR A 61 -6.79 3.05 6.30
CA TYR A 61 -6.53 2.80 4.89
C TYR A 61 -6.96 1.40 4.51
N ASN A 62 -7.89 1.30 3.56
CA ASN A 62 -8.24 0.01 3.00
C ASN A 62 -7.21 -0.35 1.95
N ILE A 63 -6.27 -1.17 2.36
CA ILE A 63 -5.11 -1.50 1.55
C ILE A 63 -5.43 -2.66 0.63
N ILE A 64 -5.45 -2.36 -0.65
CA ILE A 64 -5.75 -3.34 -1.67
C ILE A 64 -4.57 -3.51 -2.60
N VAL A 65 -4.13 -4.73 -2.80
CA VAL A 65 -2.99 -5.00 -3.64
C VAL A 65 -3.45 -5.60 -4.95
N GLU A 66 -3.13 -4.93 -6.04
CA GLU A 66 -3.54 -5.36 -7.36
C GLU A 66 -2.32 -5.67 -8.21
N ALA A 67 -2.28 -6.88 -8.74
CA ALA A 67 -1.15 -7.33 -9.53
C ALA A 67 -1.29 -6.91 -10.96
N LEU A 68 -0.36 -6.07 -11.39
CA LEU A 68 -0.31 -5.63 -12.76
C LEU A 68 0.39 -6.72 -13.57
N LYS A 69 -0.41 -7.52 -14.23
CA LYS A 69 0.07 -8.67 -14.95
C LYS A 69 -0.73 -8.82 -16.22
N ASP A 70 -0.04 -8.95 -17.35
CA ASP A 70 -0.74 -9.13 -18.63
C ASP A 70 -1.64 -7.96 -18.91
N GLN A 71 -1.08 -6.82 -18.62
CA GLN A 71 -1.70 -5.52 -18.80
C GLN A 71 -2.91 -5.30 -17.88
N GLN A 72 -3.17 -6.24 -16.99
CA GLN A 72 -4.32 -6.13 -16.09
C GLN A 72 -3.89 -6.05 -14.64
N ARG A 73 -4.85 -5.71 -13.80
CA ARG A 73 -4.60 -5.57 -12.38
C ARG A 73 -5.51 -6.51 -11.59
N HIS A 74 -4.92 -7.45 -10.88
CA HIS A 74 -5.68 -8.51 -10.23
C HIS A 74 -5.58 -8.40 -8.70
N LYS A 75 -6.73 -8.31 -8.00
CA LYS A 75 -6.77 -8.40 -6.50
C LYS A 75 -5.91 -9.57 -6.02
N VAL A 76 -4.92 -9.26 -5.19
CA VAL A 76 -4.10 -10.28 -4.56
C VAL A 76 -4.41 -10.36 -3.08
N ARG A 77 -4.45 -9.21 -2.45
CA ARG A 77 -4.72 -9.12 -1.03
C ARG A 77 -5.43 -7.83 -0.73
N GLU A 78 -6.30 -7.85 0.26
CA GLU A 78 -7.06 -6.67 0.64
C GLU A 78 -7.29 -6.65 2.14
N GLU A 79 -6.99 -5.52 2.76
CA GLU A 79 -7.18 -5.35 4.18
C GLU A 79 -7.16 -3.90 4.57
N VAL A 80 -8.16 -3.50 5.30
CA VAL A 80 -8.21 -2.15 5.77
C VAL A 80 -7.70 -2.00 7.18
N VAL A 81 -6.73 -1.11 7.32
CA VAL A 81 -5.98 -0.93 8.55
C VAL A 81 -6.02 0.50 9.00
N THR A 82 -6.20 0.64 10.27
CA THR A 82 -5.99 1.87 10.95
C THR A 82 -4.53 1.97 11.33
N VAL A 83 -3.90 3.03 10.90
CA VAL A 83 -2.47 3.17 11.04
C VAL A 83 -2.09 3.90 12.33
N GLY A 84 -1.12 3.35 13.04
CA GLY A 84 -0.61 3.99 14.23
C GLY A 84 -0.67 3.08 15.45
N ASN A 85 -1.83 3.03 16.14
CA ASN A 85 -1.93 2.31 17.42
C ASN A 85 -3.26 2.62 18.07
N SER A 86 -4.29 2.79 17.27
CA SER A 86 -5.53 3.32 17.78
C SER A 86 -6.71 2.93 16.89
#